data_1G2P
# 
_entry.id   1G2P 
# 
_audit_conform.dict_name       mmcif_pdbx.dic 
_audit_conform.dict_version    5.376 
_audit_conform.dict_location   http://mmcif.pdb.org/dictionaries/ascii/mmcif_pdbx.dic 
# 
loop_
_database_2.database_id 
_database_2.database_code 
_database_2.pdbx_database_accession 
_database_2.pdbx_DOI 
PDB   1G2P         pdb_00001g2p 10.2210/pdb1g2p/pdb 
RCSB  RCSB012159   ?            ?                   
WWPDB D_1000012159 ?            ?                   
# 
_pdbx_database_status.status_code                     REL 
_pdbx_database_status.entry_id                        1G2P 
_pdbx_database_status.recvd_initial_deposition_date   2000-10-20 
_pdbx_database_status.deposit_site                    RCSB 
_pdbx_database_status.process_site                    RCSB 
_pdbx_database_status.SG_entry                        . 
_pdbx_database_status.pdb_format_compatible           Y 
_pdbx_database_status.status_code_mr                  ? 
_pdbx_database_status.status_code_sf                  ? 
_pdbx_database_status.status_code_cs                  ? 
_pdbx_database_status.status_code_nmr_data            ? 
_pdbx_database_status.methods_development_category    ? 
# 
loop_
_audit_author.name 
_audit_author.pdbx_ordinal 
'Shi, W.'        1 
'Tanaka, K.S.E.' 2 
'Almo, S.C.'     3 
'Schramm, V.L.'  4 
# 
_citation.id                        primary 
_citation.title                     'Structural analysis of adenine phosphoribosyltransferase from Saccharomyces cerevisiae.' 
_citation.journal_abbrev            Biochemistry 
_citation.journal_volume            40 
_citation.page_first                10800 
_citation.page_last                 10809 
_citation.year                      2001 
_citation.journal_id_ASTM           BICHAW 
_citation.country                   US 
_citation.journal_id_ISSN           0006-2960 
_citation.journal_id_CSD            0033 
_citation.book_publisher            ? 
_citation.pdbx_database_id_PubMed   11535055 
_citation.pdbx_database_id_DOI      10.1021/bi010465h 
# 
loop_
_citation_author.citation_id 
_citation_author.name 
_citation_author.ordinal 
_citation_author.identifier_ORCID 
primary 'Shi, W.'       1 ? 
primary 'Tanaka, K.S.'  2 ? 
primary 'Crother, T.R.' 3 ? 
primary 'Taylor, M.W.'  4 ? 
primary 'Almo, S.C.'    5 ? 
primary 'Schramm, V.L.' 6 ? 
# 
_cell.entry_id           1G2P 
_cell.length_a           49.426 
_cell.length_b           96.670 
_cell.length_c           112.075 
_cell.angle_alpha        90 
_cell.angle_beta         90 
_cell.angle_gamma        90 
_cell.Z_PDB              8 
_cell.pdbx_unique_axis   ? 
# 
_symmetry.entry_id                         1G2P 
_symmetry.space_group_name_H-M             'I 21 21 21' 
_symmetry.pdbx_full_space_group_name_H-M   ? 
_symmetry.cell_setting                     ? 
_symmetry.Int_Tables_number                24 
# 
loop_
_entity.id 
_entity.type 
_entity.src_method 
_entity.pdbx_description 
_entity.formula_weight 
_entity.pdbx_number_of_molecules 
_entity.pdbx_ec 
_entity.pdbx_mutation 
_entity.pdbx_fragment 
_entity.details 
1 polymer     man 'ADENINE PHOSPHORIBOSYLTRANSFERASE 1' 20616.814 1   2.4.2.7 ? ? ? 
2 non-polymer syn 'SULFATE ION'                         96.063    2   ?       ? ? ? 
3 water       nat water                                 18.015    108 ?       ? ? ? 
# 
_entity_poly.entity_id                      1 
_entity_poly.type                           'polypeptide(L)' 
_entity_poly.nstd_linkage                   no 
_entity_poly.nstd_monomer                   no 
_entity_poly.pdbx_seq_one_letter_code       
;MPIASYAQELKLALHQYPNFPSEGILFEDFLPIFRNPGLFQKLIDAFKLHLEEAFPEVKIDYIVGLESRGFLFGPTLALA
LGVGFVPVRKAGKLPGECFKATYEKEYGSDLFEIQKNAIPAGSNVIIVDDIIATGGSAAAAGELVEQLEANLLEYNFVME
LDFLKGRSKLNAPVFTLLNAQKEALKK
;
_entity_poly.pdbx_seq_one_letter_code_can   
;MPIASYAQELKLALHQYPNFPSEGILFEDFLPIFRNPGLFQKLIDAFKLHLEEAFPEVKIDYIVGLESRGFLFGPTLALA
LGVGFVPVRKAGKLPGECFKATYEKEYGSDLFEIQKNAIPAGSNVIIVDDIIATGGSAAAAGELVEQLEANLLEYNFVME
LDFLKGRSKLNAPVFTLLNAQKEALKK
;
_entity_poly.pdbx_strand_id                 A 
_entity_poly.pdbx_target_identifier         ? 
# 
loop_
_entity_poly_seq.entity_id 
_entity_poly_seq.num 
_entity_poly_seq.mon_id 
_entity_poly_seq.hetero 
1 1   MET n 
1 2   PRO n 
1 3   ILE n 
1 4   ALA n 
1 5   SER n 
1 6   TYR n 
1 7   ALA n 
1 8   GLN n 
1 9   GLU n 
1 10  LEU n 
1 11  LYS n 
1 12  LEU n 
1 13  ALA n 
1 14  LEU n 
1 15  HIS n 
1 16  GLN n 
1 17  TYR n 
1 18  PRO n 
1 19  ASN n 
1 20  PHE n 
1 21  PRO n 
1 22  SER n 
1 23  GLU n 
1 24  GLY n 
1 25  ILE n 
1 26  LEU n 
1 27  PHE n 
1 28  GLU n 
1 29  ASP n 
1 30  PHE n 
1 31  LEU n 
1 32  PRO n 
1 33  ILE n 
1 34  PHE n 
1 35  ARG n 
1 36  ASN n 
1 37  PRO n 
1 38  GLY n 
1 39  LEU n 
1 40  PHE n 
1 41  GLN n 
1 42  LYS n 
1 43  LEU n 
1 44  ILE n 
1 45  ASP n 
1 46  ALA n 
1 47  PHE n 
1 48  LYS n 
1 49  LEU n 
1 50  HIS n 
1 51  LEU n 
1 52  GLU n 
1 53  GLU n 
1 54  ALA n 
1 55  PHE n 
1 56  PRO n 
1 57  GLU n 
1 58  VAL n 
1 59  LYS n 
1 60  ILE n 
1 61  ASP n 
1 62  TYR n 
1 63  ILE n 
1 64  VAL n 
1 65  GLY n 
1 66  LEU n 
1 67  GLU n 
1 68  SER n 
1 69  ARG n 
1 70  GLY n 
1 71  PHE n 
1 72  LEU n 
1 73  PHE n 
1 74  GLY n 
1 75  PRO n 
1 76  THR n 
1 77  LEU n 
1 78  ALA n 
1 79  LEU n 
1 80  ALA n 
1 81  LEU n 
1 82  GLY n 
1 83  VAL n 
1 84  GLY n 
1 85  PHE n 
1 86  VAL n 
1 87  PRO n 
1 88  VAL n 
1 89  ARG n 
1 90  LYS n 
1 91  ALA n 
1 92  GLY n 
1 93  LYS n 
1 94  LEU n 
1 95  PRO n 
1 96  GLY n 
1 97  GLU n 
1 98  CYS n 
1 99  PHE n 
1 100 LYS n 
1 101 ALA n 
1 102 THR n 
1 103 TYR n 
1 104 GLU n 
1 105 LYS n 
1 106 GLU n 
1 107 TYR n 
1 108 GLY n 
1 109 SER n 
1 110 ASP n 
1 111 LEU n 
1 112 PHE n 
1 113 GLU n 
1 114 ILE n 
1 115 GLN n 
1 116 LYS n 
1 117 ASN n 
1 118 ALA n 
1 119 ILE n 
1 120 PRO n 
1 121 ALA n 
1 122 GLY n 
1 123 SER n 
1 124 ASN n 
1 125 VAL n 
1 126 ILE n 
1 127 ILE n 
1 128 VAL n 
1 129 ASP n 
1 130 ASP n 
1 131 ILE n 
1 132 ILE n 
1 133 ALA n 
1 134 THR n 
1 135 GLY n 
1 136 GLY n 
1 137 SER n 
1 138 ALA n 
1 139 ALA n 
1 140 ALA n 
1 141 ALA n 
1 142 GLY n 
1 143 GLU n 
1 144 LEU n 
1 145 VAL n 
1 146 GLU n 
1 147 GLN n 
1 148 LEU n 
1 149 GLU n 
1 150 ALA n 
1 151 ASN n 
1 152 LEU n 
1 153 LEU n 
1 154 GLU n 
1 155 TYR n 
1 156 ASN n 
1 157 PHE n 
1 158 VAL n 
1 159 MET n 
1 160 GLU n 
1 161 LEU n 
1 162 ASP n 
1 163 PHE n 
1 164 LEU n 
1 165 LYS n 
1 166 GLY n 
1 167 ARG n 
1 168 SER n 
1 169 LYS n 
1 170 LEU n 
1 171 ASN n 
1 172 ALA n 
1 173 PRO n 
1 174 VAL n 
1 175 PHE n 
1 176 THR n 
1 177 LEU n 
1 178 LEU n 
1 179 ASN n 
1 180 ALA n 
1 181 GLN n 
1 182 LYS n 
1 183 GLU n 
1 184 ALA n 
1 185 LEU n 
1 186 LYS n 
1 187 LYS n 
# 
_entity_src_gen.entity_id                          1 
_entity_src_gen.pdbx_src_id                        1 
_entity_src_gen.pdbx_alt_source_flag               sample 
_entity_src_gen.pdbx_seq_type                      ? 
_entity_src_gen.pdbx_beg_seq_num                   ? 
_entity_src_gen.pdbx_end_seq_num                   ? 
_entity_src_gen.gene_src_common_name               
;baker's yeast
;
_entity_src_gen.gene_src_genus                     Saccharomyces 
_entity_src_gen.pdbx_gene_src_gene                 ? 
_entity_src_gen.gene_src_species                   ? 
_entity_src_gen.gene_src_strain                    ? 
_entity_src_gen.gene_src_tissue                    ? 
_entity_src_gen.gene_src_tissue_fraction           ? 
_entity_src_gen.gene_src_details                   ? 
_entity_src_gen.pdbx_gene_src_fragment             ? 
_entity_src_gen.pdbx_gene_src_scientific_name      'Saccharomyces cerevisiae' 
_entity_src_gen.pdbx_gene_src_ncbi_taxonomy_id     4932 
_entity_src_gen.pdbx_gene_src_variant              ? 
_entity_src_gen.pdbx_gene_src_cell_line            ? 
_entity_src_gen.pdbx_gene_src_atcc                 ? 
_entity_src_gen.pdbx_gene_src_organ                ? 
_entity_src_gen.pdbx_gene_src_organelle            ? 
_entity_src_gen.pdbx_gene_src_cell                 ? 
_entity_src_gen.pdbx_gene_src_cellular_location    ? 
_entity_src_gen.host_org_common_name               ? 
_entity_src_gen.pdbx_host_org_scientific_name      'Escherichia coli' 
_entity_src_gen.pdbx_host_org_ncbi_taxonomy_id     562 
_entity_src_gen.host_org_genus                     Escherichia 
_entity_src_gen.pdbx_host_org_gene                 ? 
_entity_src_gen.pdbx_host_org_organ                ? 
_entity_src_gen.host_org_species                   ? 
_entity_src_gen.pdbx_host_org_tissue               ? 
_entity_src_gen.pdbx_host_org_tissue_fraction      ? 
_entity_src_gen.pdbx_host_org_strain               ? 
_entity_src_gen.pdbx_host_org_variant              ? 
_entity_src_gen.pdbx_host_org_cell_line            ? 
_entity_src_gen.pdbx_host_org_atcc                 ? 
_entity_src_gen.pdbx_host_org_culture_collection   ? 
_entity_src_gen.pdbx_host_org_cell                 ? 
_entity_src_gen.pdbx_host_org_organelle            ? 
_entity_src_gen.pdbx_host_org_cellular_location    ? 
_entity_src_gen.pdbx_host_org_vector_type          PLASMID 
_entity_src_gen.pdbx_host_org_vector               ? 
_entity_src_gen.host_org_details                   ? 
_entity_src_gen.expression_system_id               ? 
_entity_src_gen.plasmid_name                       PQE 
_entity_src_gen.plasmid_details                    ? 
_entity_src_gen.pdbx_description                   ? 
# 
_struct_ref.id                         1 
_struct_ref.db_name                    UNP 
_struct_ref.db_code                    APT1_YEAST 
_struct_ref.entity_id                  1 
_struct_ref.pdbx_db_accession          P49435 
_struct_ref.pdbx_align_begin           1 
_struct_ref.pdbx_seq_one_letter_code   
;MSIASYAQELKLALHQYPNFPSEGILFEDFLPIFRNFGLFQKLIDAFKLHLEEAFPEVKIDYIVGLESRGFLFGPTLALA
LGVGFVPVRKAGKLPGECFKATYEKEYGSDLFEIQKNAIPAGSNVIIVDDIIATGGSAAAAGELVEQLEANLLEYNFVME
LDFLKGRSKLNAPVFTLLNAQKEALKK
;
_struct_ref.pdbx_db_isoform            ? 
# 
_struct_ref_seq.align_id                      1 
_struct_ref_seq.ref_id                        1 
_struct_ref_seq.pdbx_PDB_id_code              1G2P 
_struct_ref_seq.pdbx_strand_id                A 
_struct_ref_seq.seq_align_beg                 1 
_struct_ref_seq.pdbx_seq_align_beg_ins_code   ? 
_struct_ref_seq.seq_align_end                 187 
_struct_ref_seq.pdbx_seq_align_end_ins_code   ? 
_struct_ref_seq.pdbx_db_accession             P49435 
_struct_ref_seq.db_align_beg                  1 
_struct_ref_seq.pdbx_db_align_beg_ins_code    ? 
_struct_ref_seq.db_align_end                  187 
_struct_ref_seq.pdbx_db_align_end_ins_code    ? 
_struct_ref_seq.pdbx_auth_seq_align_beg       1 
_struct_ref_seq.pdbx_auth_seq_align_end       187 
# 
_struct_ref_seq_dif.align_id                     1 
_struct_ref_seq_dif.pdbx_pdb_id_code             1G2P 
_struct_ref_seq_dif.mon_id                       PRO 
_struct_ref_seq_dif.pdbx_pdb_strand_id           A 
_struct_ref_seq_dif.seq_num                      37 
_struct_ref_seq_dif.pdbx_pdb_ins_code            ? 
_struct_ref_seq_dif.pdbx_seq_db_name             UNP 
_struct_ref_seq_dif.pdbx_seq_db_accession_code   P49435 
_struct_ref_seq_dif.db_mon_id                    PHE 
_struct_ref_seq_dif.pdbx_seq_db_seq_num          37 
_struct_ref_seq_dif.details                      'SEE REMARK 999' 
_struct_ref_seq_dif.pdbx_auth_seq_num            37 
_struct_ref_seq_dif.pdbx_ordinal                 1 
# 
loop_
_chem_comp.id 
_chem_comp.type 
_chem_comp.mon_nstd_flag 
_chem_comp.name 
_chem_comp.pdbx_synonyms 
_chem_comp.formula 
_chem_comp.formula_weight 
ALA 'L-peptide linking' y ALANINE         ? 'C3 H7 N O2'     89.093  
ARG 'L-peptide linking' y ARGININE        ? 'C6 H15 N4 O2 1' 175.209 
ASN 'L-peptide linking' y ASPARAGINE      ? 'C4 H8 N2 O3'    132.118 
ASP 'L-peptide linking' y 'ASPARTIC ACID' ? 'C4 H7 N O4'     133.103 
CYS 'L-peptide linking' y CYSTEINE        ? 'C3 H7 N O2 S'   121.158 
GLN 'L-peptide linking' y GLUTAMINE       ? 'C5 H10 N2 O3'   146.144 
GLU 'L-peptide linking' y 'GLUTAMIC ACID' ? 'C5 H9 N O4'     147.129 
GLY 'peptide linking'   y GLYCINE         ? 'C2 H5 N O2'     75.067  
HIS 'L-peptide linking' y HISTIDINE       ? 'C6 H10 N3 O2 1' 156.162 
HOH non-polymer         . WATER           ? 'H2 O'           18.015  
ILE 'L-peptide linking' y ISOLEUCINE      ? 'C6 H13 N O2'    131.173 
LEU 'L-peptide linking' y LEUCINE         ? 'C6 H13 N O2'    131.173 
LYS 'L-peptide linking' y LYSINE          ? 'C6 H15 N2 O2 1' 147.195 
MET 'L-peptide linking' y METHIONINE      ? 'C5 H11 N O2 S'  149.211 
PHE 'L-peptide linking' y PHENYLALANINE   ? 'C9 H11 N O2'    165.189 
PRO 'L-peptide linking' y PROLINE         ? 'C5 H9 N O2'     115.130 
SER 'L-peptide linking' y SERINE          ? 'C3 H7 N O3'     105.093 
SO4 non-polymer         . 'SULFATE ION'   ? 'O4 S -2'        96.063  
THR 'L-peptide linking' y THREONINE       ? 'C4 H9 N O3'     119.119 
TYR 'L-peptide linking' y TYROSINE        ? 'C9 H11 N O3'    181.189 
VAL 'L-peptide linking' y VALINE          ? 'C5 H11 N O2'    117.146 
# 
_exptl.entry_id          1G2P 
_exptl.method            'X-RAY DIFFRACTION' 
_exptl.crystals_number   1 
# 
_exptl_crystal.id                    1 
_exptl_crystal.density_meas          ? 
_exptl_crystal.density_Matthews      3.19 
_exptl_crystal.density_percent_sol   61.0 
_exptl_crystal.description           ? 
# 
_exptl_crystal_grow.crystal_id      1 
_exptl_crystal_grow.method          'VAPOR DIFFUSION, HANGING DROP' 
_exptl_crystal_grow.temp            298 
_exptl_crystal_grow.temp_details    ? 
_exptl_crystal_grow.pH              7.5 
_exptl_crystal_grow.pdbx_details    'lithium sulfate, Hepes, pH 7.5, VAPOR DIFFUSION, HANGING DROP, temperature 298K' 
_exptl_crystal_grow.pdbx_pH_range   . 
# 
_diffrn.id                     1 
_diffrn.ambient_temp           100 
_diffrn.ambient_temp_details   ? 
_diffrn.crystal_id             1 
# 
_diffrn_detector.diffrn_id              1 
_diffrn_detector.detector               CCD 
_diffrn_detector.type                   'ADSC QUANTUM 4' 
_diffrn_detector.pdbx_collection_date   1999-07-11 
_diffrn_detector.details                ? 
# 
_diffrn_radiation.diffrn_id                        1 
_diffrn_radiation.wavelength_id                    1 
_diffrn_radiation.pdbx_monochromatic_or_laue_m_l   M 
_diffrn_radiation.monochromator                    ? 
_diffrn_radiation.pdbx_diffrn_protocol             'SINGLE WAVELENGTH' 
_diffrn_radiation.pdbx_scattering_type             x-ray 
# 
_diffrn_radiation_wavelength.id           1 
_diffrn_radiation_wavelength.wavelength   0.98 
_diffrn_radiation_wavelength.wt           1.0 
# 
_diffrn_source.diffrn_id                   1 
_diffrn_source.source                      SYNCHROTRON 
_diffrn_source.type                        'NSLS BEAMLINE X9B' 
_diffrn_source.pdbx_synchrotron_site       NSLS 
_diffrn_source.pdbx_synchrotron_beamline   X9B 
_diffrn_source.pdbx_wavelength             ? 
_diffrn_source.pdbx_wavelength_list        0.98 
# 
_reflns.entry_id                     1G2P 
_reflns.observed_criterion_sigma_I   0.0 
_reflns.observed_criterion_sigma_F   0.0 
_reflns.d_resolution_low             20.0 
_reflns.d_resolution_high            1.75 
_reflns.number_obs                   26348 
_reflns.number_all                   26348 
_reflns.percent_possible_obs         95.5 
_reflns.pdbx_Rmerge_I_obs            ? 
_reflns.pdbx_Rsym_value              0.0410000 
_reflns.pdbx_netI_over_sigmaI        29.6 
_reflns.B_iso_Wilson_estimate        15.9 
_reflns.pdbx_redundancy              3.9 
_reflns.R_free_details               ? 
_reflns.limit_h_max                  ? 
_reflns.limit_h_min                  ? 
_reflns.limit_k_max                  ? 
_reflns.limit_k_min                  ? 
_reflns.limit_l_max                  ? 
_reflns.limit_l_min                  ? 
_reflns.observed_criterion_F_max     ? 
_reflns.observed_criterion_F_min     ? 
_reflns.pdbx_ordinal                 1 
_reflns.pdbx_diffrn_id               1 
# 
_reflns_shell.d_res_high             1.75 
_reflns_shell.d_res_low              1.78 
_reflns_shell.percent_possible_all   82.8 
_reflns_shell.Rmerge_I_obs           ? 
_reflns_shell.pdbx_Rsym_value        0.2400000 
_reflns_shell.meanI_over_sigI_obs    3.8 
_reflns_shell.pdbx_redundancy        1.9 
_reflns_shell.percent_possible_obs   ? 
_reflns_shell.number_unique_all      1134 
_reflns_shell.pdbx_ordinal           1 
_reflns_shell.pdbx_diffrn_id         1 
# 
_refine.entry_id                                 1G2P 
_refine.ls_number_reflns_obs                     25435 
_refine.ls_number_reflns_all                     26354 
_refine.pdbx_ls_sigma_I                          1.4 
_refine.pdbx_ls_sigma_F                          2.0 
_refine.pdbx_data_cutoff_high_absF               ? 
_refine.pdbx_data_cutoff_low_absF                ? 
_refine.ls_d_res_low                             20.0 
_refine.ls_d_res_high                            1.75 
_refine.ls_percent_reflns_obs                    92.4 
_refine.ls_R_factor_obs                          0.2100000 
_refine.ls_R_factor_all                          ? 
_refine.ls_R_factor_R_work                       0.2080000 
_refine.ls_R_factor_R_free                       0.2300000 
_refine.ls_R_factor_R_free_error                 0.005 
_refine.ls_R_factor_R_free_error_details         ? 
_refine.ls_percent_reflns_R_free                 9.8 
_refine.ls_number_reflns_R_free                  2498 
_refine.ls_number_parameters                     ? 
_refine.ls_number_restraints                     ? 
_refine.occupancy_min                            ? 
_refine.occupancy_max                            ? 
_refine.B_iso_mean                               28.6 
_refine.aniso_B[1][1]                            -1.27 
_refine.aniso_B[2][2]                            -4.41 
_refine.aniso_B[3][3]                            5.68 
_refine.aniso_B[1][2]                            0.00 
_refine.aniso_B[1][3]                            0.00 
_refine.aniso_B[2][3]                            0.00 
_refine.solvent_model_details                    'Flat model' 
_refine.solvent_model_param_ksol                 0.370397 
_refine.solvent_model_param_bsol                 49.4464 
_refine.pdbx_ls_cross_valid_method               THROUGHOUT 
_refine.details                                  ? 
_refine.pdbx_starting_model                      'pdb entry 1QB8' 
_refine.pdbx_method_to_determine_struct          'MOLECULAR REPLACEMENT' 
_refine.pdbx_isotropic_thermal_model             restrained 
_refine.pdbx_stereochemistry_target_values       'Engh & Huber' 
_refine.pdbx_stereochem_target_val_spec_case     ? 
_refine.pdbx_R_Free_selection_details            random 
_refine.pdbx_overall_ESU_R_Free                  ? 
_refine.overall_SU_B                             ? 
_refine.ls_redundancy_reflns_obs                 ? 
_refine.B_iso_min                                ? 
_refine.B_iso_max                                ? 
_refine.overall_SU_ML                            ? 
_refine.pdbx_overall_ESU_R                       ? 
_refine.pdbx_data_cutoff_high_rms_absF           ? 
_refine.correlation_coeff_Fo_to_Fc               ? 
_refine.correlation_coeff_Fo_to_Fc_free          ? 
_refine.overall_SU_R_Cruickshank_DPI             ? 
_refine.overall_SU_R_free                        ? 
_refine.pdbx_refine_id                           'X-RAY DIFFRACTION' 
_refine.pdbx_diffrn_id                           1 
_refine.pdbx_TLS_residual_ADP_flag               ? 
_refine.pdbx_solvent_vdw_probe_radii             ? 
_refine.pdbx_solvent_ion_probe_radii             ? 
_refine.pdbx_solvent_shrinkage_radii             ? 
_refine.pdbx_overall_phase_error                 ? 
_refine.pdbx_overall_SU_R_free_Cruickshank_DPI   ? 
_refine.pdbx_overall_SU_R_Blow_DPI               ? 
_refine.pdbx_overall_SU_R_free_Blow_DPI          ? 
# 
_refine_analyze.entry_id                        1G2P 
_refine_analyze.Luzzati_coordinate_error_obs    0.21 
_refine_analyze.Luzzati_sigma_a_obs             0.26 
_refine_analyze.Luzzati_d_res_low_obs           5.00 
_refine_analyze.Luzzati_coordinate_error_free   0.23 
_refine_analyze.Luzzati_sigma_a_free            0.32 
_refine_analyze.Luzzati_d_res_low_free          ? 
_refine_analyze.number_disordered_residues      ? 
_refine_analyze.occupancy_sum_hydrogen          ? 
_refine_analyze.occupancy_sum_non_hydrogen      ? 
_refine_analyze.pdbx_Luzzati_d_res_high_obs     ? 
_refine_analyze.pdbx_refine_id                  'X-RAY DIFFRACTION' 
# 
_refine_hist.pdbx_refine_id                   'X-RAY DIFFRACTION' 
_refine_hist.cycle_id                         LAST 
_refine_hist.pdbx_number_atoms_protein        1317 
_refine_hist.pdbx_number_atoms_nucleic_acid   0 
_refine_hist.pdbx_number_atoms_ligand         10 
_refine_hist.number_atoms_solvent             108 
_refine_hist.number_atoms_total               1435 
_refine_hist.d_res_high                       1.75 
_refine_hist.d_res_low                        20.0 
# 
loop_
_refine_ls_restr.type 
_refine_ls_restr.dev_ideal 
_refine_ls_restr.dev_ideal_target 
_refine_ls_restr.weight 
_refine_ls_restr.number 
_refine_ls_restr.pdbx_refine_id 
_refine_ls_restr.pdbx_restraint_function 
c_bond_d           0.008 ?    ? ? 'X-RAY DIFFRACTION' ? 
c_angle_deg        1.4   ?    ? ? 'X-RAY DIFFRACTION' ? 
c_dihedral_angle_d 24.6  ?    ? ? 'X-RAY DIFFRACTION' ? 
c_improper_angle_d 0.96  ?    ? ? 'X-RAY DIFFRACTION' ? 
c_mcbond_it        1.77  1.50 ? ? 'X-RAY DIFFRACTION' ? 
c_mcangle_it       2.61  2.00 ? ? 'X-RAY DIFFRACTION' ? 
c_scbond_it        2.94  2.00 ? ? 'X-RAY DIFFRACTION' ? 
c_scangle_it       4.17  2.50 ? ? 'X-RAY DIFFRACTION' ? 
# 
_refine_ls_shell.pdbx_total_number_of_bins_used   6 
_refine_ls_shell.d_res_high                       1.75 
_refine_ls_shell.d_res_low                        1.86 
_refine_ls_shell.number_reflns_R_work             3211 
_refine_ls_shell.R_factor_R_work                  0.3000000 
_refine_ls_shell.percent_reflns_obs               79 
_refine_ls_shell.R_factor_R_free                  0.3290000 
_refine_ls_shell.R_factor_R_free_error            0.018 
_refine_ls_shell.percent_reflns_R_free            9.8 
_refine_ls_shell.number_reflns_R_free             349 
_refine_ls_shell.number_reflns_obs                3211 
_refine_ls_shell.redundancy_reflns_obs            ? 
_refine_ls_shell.number_reflns_all                ? 
_refine_ls_shell.pdbx_refine_id                   'X-RAY DIFFRACTION' 
_refine_ls_shell.R_factor_all                     ? 
# 
_struct.entry_id                  1G2P 
_struct.title                     'CRYSTAL STRUCTURE OF ADENINE PHOSPHORIBOSYLTRANSFERASE' 
_struct.pdbx_model_details        ? 
_struct.pdbx_CASP_flag            ? 
_struct.pdbx_model_type_details   ? 
# 
_struct_keywords.entry_id        1G2P 
_struct_keywords.pdbx_keywords   TRANSFERASE 
_struct_keywords.text            'dimer, catalytic loop, TRANSFERASE' 
# 
loop_
_struct_asym.id 
_struct_asym.pdbx_blank_PDB_chainid_flag 
_struct_asym.pdbx_modified 
_struct_asym.entity_id 
_struct_asym.details 
A N N 1 ? 
B N N 2 ? 
C N N 2 ? 
D N N 3 ? 
# 
_struct_biol.id                    1 
_struct_biol.details               
'The second part of the biological assemble is generated by the two fold screw axis, -x, -y+1/2, z' 
_struct_biol.pdbx_parent_biol_id   ? 
# 
loop_
_struct_conf.conf_type_id 
_struct_conf.id 
_struct_conf.pdbx_PDB_helix_id 
_struct_conf.beg_label_comp_id 
_struct_conf.beg_label_asym_id 
_struct_conf.beg_label_seq_id 
_struct_conf.pdbx_beg_PDB_ins_code 
_struct_conf.end_label_comp_id 
_struct_conf.end_label_asym_id 
_struct_conf.end_label_seq_id 
_struct_conf.pdbx_end_PDB_ins_code 
_struct_conf.beg_auth_comp_id 
_struct_conf.beg_auth_asym_id 
_struct_conf.beg_auth_seq_id 
_struct_conf.end_auth_comp_id 
_struct_conf.end_auth_asym_id 
_struct_conf.end_auth_seq_id 
_struct_conf.pdbx_PDB_helix_class 
_struct_conf.details 
_struct_conf.pdbx_PDB_helix_length 
HELX_P HELX_P1 1 SER A 5   ? LEU A 14  ? SER A 5   LEU A 14  1 ? 10 
HELX_P HELX_P2 2 PHE A 30  ? ASN A 36  ? PHE A 30  ASN A 36  1 ? 7  
HELX_P HELX_P3 3 ASN A 36  ? PHE A 55  ? ASN A 36  PHE A 55  1 ? 20 
HELX_P HELX_P4 4 ARG A 69  ? GLY A 82  ? ARG A 69  GLY A 82  1 ? 14 
HELX_P HELX_P5 5 GLY A 135 ? LEU A 148 ? GLY A 135 LEU A 148 1 ? 14 
HELX_P HELX_P6 6 ASP A 162 ? LEU A 170 ? ASP A 162 LEU A 170 5 ? 9  
# 
_struct_conf_type.id          HELX_P 
_struct_conf_type.criteria    ? 
_struct_conf_type.reference   ? 
# 
_struct_mon_prot_cis.pdbx_id                1 
_struct_mon_prot_cis.label_comp_id          GLU 
_struct_mon_prot_cis.label_seq_id           67 
_struct_mon_prot_cis.label_asym_id          A 
_struct_mon_prot_cis.label_alt_id           . 
_struct_mon_prot_cis.pdbx_PDB_ins_code      ? 
_struct_mon_prot_cis.auth_comp_id           GLU 
_struct_mon_prot_cis.auth_seq_id            67 
_struct_mon_prot_cis.auth_asym_id           A 
_struct_mon_prot_cis.pdbx_label_comp_id_2   SER 
_struct_mon_prot_cis.pdbx_label_seq_id_2    68 
_struct_mon_prot_cis.pdbx_label_asym_id_2   A 
_struct_mon_prot_cis.pdbx_PDB_ins_code_2    ? 
_struct_mon_prot_cis.pdbx_auth_comp_id_2    SER 
_struct_mon_prot_cis.pdbx_auth_seq_id_2     68 
_struct_mon_prot_cis.pdbx_auth_asym_id_2    A 
_struct_mon_prot_cis.pdbx_PDB_model_num     1 
_struct_mon_prot_cis.pdbx_omega_angle       -0.09 
# 
loop_
_struct_sheet.id 
_struct_sheet.type 
_struct_sheet.number_strands 
_struct_sheet.details 
A ? 2 ? 
B ? 7 ? 
# 
loop_
_struct_sheet_order.sheet_id 
_struct_sheet_order.range_id_1 
_struct_sheet_order.range_id_2 
_struct_sheet_order.offset 
_struct_sheet_order.sense 
A 1 2 ? anti-parallel 
B 1 2 ? anti-parallel 
B 2 3 ? anti-parallel 
B 3 4 ? parallel      
B 4 5 ? parallel      
B 5 6 ? parallel      
B 6 7 ? parallel      
# 
loop_
_struct_sheet_range.sheet_id 
_struct_sheet_range.id 
_struct_sheet_range.beg_label_comp_id 
_struct_sheet_range.beg_label_asym_id 
_struct_sheet_range.beg_label_seq_id 
_struct_sheet_range.pdbx_beg_PDB_ins_code 
_struct_sheet_range.end_label_comp_id 
_struct_sheet_range.end_label_asym_id 
_struct_sheet_range.end_label_seq_id 
_struct_sheet_range.pdbx_end_PDB_ins_code 
_struct_sheet_range.beg_auth_comp_id 
_struct_sheet_range.beg_auth_asym_id 
_struct_sheet_range.beg_auth_seq_id 
_struct_sheet_range.end_auth_comp_id 
_struct_sheet_range.end_auth_asym_id 
_struct_sheet_range.end_auth_seq_id 
A 1 HIS A 15  ? TYR A 17  ? HIS A 15  TYR A 17  
A 2 PHE A 27  ? ASP A 29  ? PHE A 27  ASP A 29  
B 1 CYS A 98  ? TYR A 103 ? CYS A 98  TYR A 103 
B 2 ASP A 110 ? GLN A 115 ? ASP A 110 GLN A 115 
B 3 GLY A 84  ? LYS A 90  ? GLY A 84  LYS A 90  
B 4 TYR A 62  ? LEU A 66  ? TYR A 62  LEU A 66  
B 5 ASN A 124 ? ILE A 132 ? ASN A 124 ILE A 132 
B 6 ASN A 151 ? GLU A 160 ? ASN A 151 GLU A 160 
B 7 VAL A 174 ? THR A 176 ? VAL A 174 THR A 176 
# 
loop_
_pdbx_struct_sheet_hbond.sheet_id 
_pdbx_struct_sheet_hbond.range_id_1 
_pdbx_struct_sheet_hbond.range_id_2 
_pdbx_struct_sheet_hbond.range_1_label_atom_id 
_pdbx_struct_sheet_hbond.range_1_label_comp_id 
_pdbx_struct_sheet_hbond.range_1_label_asym_id 
_pdbx_struct_sheet_hbond.range_1_label_seq_id 
_pdbx_struct_sheet_hbond.range_1_PDB_ins_code 
_pdbx_struct_sheet_hbond.range_1_auth_atom_id 
_pdbx_struct_sheet_hbond.range_1_auth_comp_id 
_pdbx_struct_sheet_hbond.range_1_auth_asym_id 
_pdbx_struct_sheet_hbond.range_1_auth_seq_id 
_pdbx_struct_sheet_hbond.range_2_label_atom_id 
_pdbx_struct_sheet_hbond.range_2_label_comp_id 
_pdbx_struct_sheet_hbond.range_2_label_asym_id 
_pdbx_struct_sheet_hbond.range_2_label_seq_id 
_pdbx_struct_sheet_hbond.range_2_PDB_ins_code 
_pdbx_struct_sheet_hbond.range_2_auth_atom_id 
_pdbx_struct_sheet_hbond.range_2_auth_comp_id 
_pdbx_struct_sheet_hbond.range_2_auth_asym_id 
_pdbx_struct_sheet_hbond.range_2_auth_seq_id 
A 1 2 O TYR A 17  ? O TYR A 17  N PHE A 27  ? N PHE A 27  
B 1 2 N TYR A 103 ? N TYR A 103 O ASP A 110 ? O ASP A 110 
B 2 3 N GLU A 113 ? N GLU A 113 O ARG A 89  ? O ARG A 89  
B 3 4 O GLY A 84  ? O GLY A 84  N ILE A 63  ? N ILE A 63  
B 4 5 N TYR A 62  ? N TYR A 62  O ASN A 124 ? O ASN A 124 
B 5 6 N VAL A 125 ? N VAL A 125 O ASN A 151 ? O ASN A 151 
B 6 7 N PHE A 157 ? N PHE A 157 O PHE A 175 ? O PHE A 175 
# 
loop_
_struct_site.id 
_struct_site.pdbx_evidence_code 
_struct_site.pdbx_auth_asym_id 
_struct_site.pdbx_auth_comp_id 
_struct_site.pdbx_auth_seq_id 
_struct_site.pdbx_auth_ins_code 
_struct_site.pdbx_num_residues 
_struct_site.details 
AC1 Software A SO4 301 ? 7 'BINDING SITE FOR RESIDUE SO4 A 301' 
AC2 Software A SO4 302 ? 7 'BINDING SITE FOR RESIDUE SO4 A 302' 
# 
loop_
_struct_site_gen.id 
_struct_site_gen.site_id 
_struct_site_gen.pdbx_num_res 
_struct_site_gen.label_comp_id 
_struct_site_gen.label_asym_id 
_struct_site_gen.label_seq_id 
_struct_site_gen.pdbx_auth_ins_code 
_struct_site_gen.auth_comp_id 
_struct_site_gen.auth_asym_id 
_struct_site_gen.auth_seq_id 
_struct_site_gen.label_atom_id 
_struct_site_gen.label_alt_id 
_struct_site_gen.symmetry 
_struct_site_gen.details 
1  AC1 7 ALA A 133 ? ALA A 133 . ? 1_555 ? 
2  AC1 7 THR A 134 ? THR A 134 . ? 1_555 ? 
3  AC1 7 GLY A 135 ? GLY A 135 . ? 1_555 ? 
4  AC1 7 GLY A 136 ? GLY A 136 . ? 1_555 ? 
5  AC1 7 SER A 137 ? SER A 137 . ? 1_555 ? 
6  AC1 7 HOH D .   ? HOH A 516 . ? 1_555 ? 
7  AC1 7 HOH D .   ? HOH A 540 . ? 1_555 ? 
8  AC2 7 GLU A 67  ? GLU A 67  . ? 1_555 ? 
9  AC2 7 SER A 68  ? SER A 68  . ? 1_555 ? 
10 AC2 7 ARG A 69  ? ARG A 69  . ? 1_555 ? 
11 AC2 7 ARG A 89  ? ARG A 89  . ? 6_755 ? 
12 AC2 7 LYS A 90  ? LYS A 90  . ? 1_555 ? 
13 AC2 7 LYS A 93  ? LYS A 93  . ? 6_755 ? 
14 AC2 7 HOH D .   ? HOH A 533 . ? 1_555 ? 
# 
_atom_sites.entry_id                    1G2P 
_atom_sites.fract_transf_matrix[1][1]   -0.01010153 
_atom_sites.fract_transf_matrix[1][2]   -0.00382848 
_atom_sites.fract_transf_matrix[1][3]   0.01710660 
_atom_sites.fract_transf_matrix[2][1]   -0.00844711 
_atom_sites.fract_transf_matrix[2][2]   0.00443661 
_atom_sites.fract_transf_matrix[2][3]   -0.00399514 
_atom_sites.fract_transf_matrix[3][1]   -0.00258378 
_atom_sites.fract_transf_matrix[3][2]   -0.00788175 
_atom_sites.fract_transf_matrix[3][3]   -0.00328969 
_atom_sites.fract_transf_vector[1]      0.893057 
_atom_sites.fract_transf_vector[2]      0.351502 
_atom_sites.fract_transf_vector[3]      0.326011 
# 
loop_
_atom_type.symbol 
C 
N 
O 
S 
# 
loop_
_atom_site.group_PDB 
_atom_site.id 
_atom_site.type_symbol 
_atom_site.label_atom_id 
_atom_site.label_alt_id 
_atom_site.label_comp_id 
_atom_site.label_asym_id 
_atom_site.label_entity_id 
_atom_site.label_seq_id 
_atom_site.pdbx_PDB_ins_code 
_atom_site.Cartn_x 
_atom_site.Cartn_y 
_atom_site.Cartn_z 
_atom_site.occupancy 
_atom_site.B_iso_or_equiv 
_atom_site.pdbx_formal_charge 
_atom_site.auth_seq_id 
_atom_site.auth_comp_id 
_atom_site.auth_asym_id 
_atom_site.auth_atom_id 
_atom_site.pdbx_PDB_model_num 
ATOM   1    N N   . SER A 1 5   ? 14.285  13.843  -6.294  1.00 48.10 ? 5   SER A N   1 
ATOM   2    C CA  . SER A 1 5   ? 15.502  13.878  -5.436  1.00 48.08 ? 5   SER A CA  1 
ATOM   3    C C   . SER A 1 5   ? 15.589  12.604  -4.596  1.00 47.04 ? 5   SER A C   1 
ATOM   4    O O   . SER A 1 5   ? 16.433  11.740  -4.847  1.00 47.61 ? 5   SER A O   1 
ATOM   5    C CB  . SER A 1 5   ? 15.465  15.111  -4.530  1.00 50.74 ? 5   SER A CB  1 
ATOM   6    O OG  . SER A 1 5   ? 14.238  15.198  -3.818  1.00 57.00 ? 5   SER A OG  1 
ATOM   7    N N   . TYR A 1 6   ? 14.722  12.483  -3.598  1.00 44.32 ? 6   TYR A N   1 
ATOM   8    C CA  . TYR A 1 6   ? 14.730  11.286  -2.772  1.00 41.14 ? 6   TYR A CA  1 
ATOM   9    C C   . TYR A 1 6   ? 14.400  10.091  -3.652  1.00 38.54 ? 6   TYR A C   1 
ATOM   10   O O   . TYR A 1 6   ? 15.035  9.042   -3.565  1.00 37.06 ? 6   TYR A O   1 
ATOM   11   C CB  . TYR A 1 6   ? 13.698  11.396  -1.645  1.00 41.33 ? 6   TYR A CB  1 
ATOM   12   C CG  . TYR A 1 6   ? 14.122  12.281  -0.493  1.00 41.25 ? 6   TYR A CG  1 
ATOM   13   C CD1 . TYR A 1 6   ? 13.274  12.480  0.599   1.00 40.06 ? 6   TYR A CD1 1 
ATOM   14   C CD2 . TYR A 1 6   ? 15.363  12.928  -0.496  1.00 39.59 ? 6   TYR A CD2 1 
ATOM   15   C CE1 . TYR A 1 6   ? 13.648  13.302  1.660   1.00 41.34 ? 6   TYR A CE1 1 
ATOM   16   C CE2 . TYR A 1 6   ? 15.747  13.750  0.558   1.00 40.36 ? 6   TYR A CE2 1 
ATOM   17   C CZ  . TYR A 1 6   ? 14.884  13.935  1.634   1.00 42.42 ? 6   TYR A CZ  1 
ATOM   18   O OH  . TYR A 1 6   ? 15.250  14.756  2.680   1.00 40.06 ? 6   TYR A OH  1 
ATOM   19   N N   . ALA A 1 7   ? 13.402  10.265  -4.510  1.00 35.95 ? 7   ALA A N   1 
ATOM   20   C CA  . ALA A 1 7   ? 12.976  9.198   -5.402  1.00 36.57 ? 7   ALA A CA  1 
ATOM   21   C C   . ALA A 1 7   ? 14.153  8.627   -6.182  1.00 34.99 ? 7   ALA A C   1 
ATOM   22   O O   . ALA A 1 7   ? 14.263  7.418   -6.337  1.00 32.82 ? 7   ALA A O   1 
ATOM   23   C CB  . ALA A 1 7   ? 11.914  9.714   -6.366  1.00 36.70 ? 7   ALA A CB  1 
ATOM   24   N N   . GLN A 1 8   ? 15.031  9.498   -6.670  1.00 34.71 ? 8   GLN A N   1 
ATOM   25   C CA  . GLN A 1 8   ? 16.186  9.047   -7.436  1.00 34.60 ? 8   GLN A CA  1 
ATOM   26   C C   . GLN A 1 8   ? 17.122  8.173   -6.610  1.00 32.09 ? 8   GLN A C   1 
ATOM   27   O O   . GLN A 1 8   ? 17.563  7.118   -7.063  1.00 31.95 ? 8   GLN A O   1 
ATOM   28   C CB  . GLN A 1 8   ? 16.960  10.248  -7.980  1.00 39.01 ? 8   GLN A CB  1 
ATOM   29   C CG  . GLN A 1 8   ? 16.135  11.141  -8.878  1.00 46.58 ? 8   GLN A CG  1 
ATOM   30   C CD  . GLN A 1 8   ? 16.990  12.059  -9.733  1.00 52.04 ? 8   GLN A CD  1 
ATOM   31   O OE1 . GLN A 1 8   ? 17.890  12.738  -9.232  1.00 55.01 ? 8   GLN A OE1 1 
ATOM   32   N NE2 . GLN A 1 8   ? 16.708  12.088  -11.031 1.00 53.32 ? 8   GLN A NE2 1 
ATOM   33   N N   . GLU A 1 9   ? 17.432  8.616   -5.397  1.00 30.35 ? 9   GLU A N   1 
ATOM   34   C CA  . GLU A 1 9   ? 18.317  7.860   -4.523  1.00 29.95 ? 9   GLU A CA  1 
ATOM   35   C C   . GLU A 1 9   ? 17.650  6.529   -4.155  1.00 27.40 ? 9   GLU A C   1 
ATOM   36   O O   . GLU A 1 9   ? 18.316  5.497   -4.039  1.00 23.73 ? 9   GLU A O   1 
ATOM   37   C CB  . GLU A 1 9   ? 18.630  8.689   -3.278  1.00 34.05 ? 9   GLU A CB  1 
ATOM   38   C CG  . GLU A 1 9   ? 19.870  8.269   -2.524  1.00 39.58 ? 9   GLU A CG  1 
ATOM   39   C CD  . GLU A 1 9   ? 20.253  9.273   -1.449  1.00 41.61 ? 9   GLU A CD  1 
ATOM   40   O OE1 . GLU A 1 9   ? 21.238  9.027   -0.721  1.00 45.45 ? 9   GLU A OE1 1 
ATOM   41   O OE2 . GLU A 1 9   ? 19.564  10.308  -1.331  1.00 43.29 ? 9   GLU A OE2 1 
ATOM   42   N N   . LEU A 1 10  ? 16.328  6.547   -3.999  1.00 22.46 ? 10  LEU A N   1 
ATOM   43   C CA  . LEU A 1 10  ? 15.595  5.326   -3.673  1.00 24.83 ? 10  LEU A CA  1 
ATOM   44   C C   . LEU A 1 10  ? 15.599  4.368   -4.868  1.00 22.99 ? 10  LEU A C   1 
ATOM   45   O O   . LEU A 1 10  ? 15.755  3.160   -4.705  1.00 23.92 ? 10  LEU A O   1 
ATOM   46   C CB  . LEU A 1 10  ? 14.153  5.669   -3.265  1.00 22.16 ? 10  LEU A CB  1 
ATOM   47   C CG  . LEU A 1 10  ? 14.060  6.490   -1.971  1.00 24.99 ? 10  LEU A CG  1 
ATOM   48   C CD1 . LEU A 1 10  ? 12.621  6.954   -1.757  1.00 25.82 ? 10  LEU A CD1 1 
ATOM   49   C CD2 . LEU A 1 10  ? 14.536  5.648   -0.781  1.00 20.86 ? 10  LEU A CD2 1 
ATOM   50   N N   . LYS A 1 11  ? 15.440  4.911   -6.072  1.00 24.06 ? 11  LYS A N   1 
ATOM   51   C CA  . LYS A 1 11  ? 15.437  4.090   -7.282  1.00 24.81 ? 11  LYS A CA  1 
ATOM   52   C C   . LYS A 1 11  ? 16.750  3.329   -7.434  1.00 25.71 ? 11  LYS A C   1 
ATOM   53   O O   . LYS A 1 11  ? 16.768  2.161   -7.827  1.00 25.97 ? 11  LYS A O   1 
ATOM   54   C CB  . LYS A 1 11  ? 15.238  4.968   -8.519  1.00 27.94 ? 11  LYS A CB  1 
ATOM   55   C CG  . LYS A 1 11  ? 13.908  5.665   -8.585  1.00 34.47 ? 11  LYS A CG  1 
ATOM   56   C CD  . LYS A 1 11  ? 13.856  6.586   -9.797  1.00 40.36 ? 11  LYS A CD  1 
ATOM   57   C CE  . LYS A 1 11  ? 12.475  7.185   -9.978  1.00 42.59 ? 11  LYS A CE  1 
ATOM   58   N NZ  . LYS A 1 11  ? 12.425  8.078   -11.167 1.00 48.05 ? 11  LYS A NZ  1 
ATOM   59   N N   . LEU A 1 12  ? 17.843  4.009   -7.124  1.00 24.05 ? 12  LEU A N   1 
ATOM   60   C CA  . LEU A 1 12  ? 19.174  3.432   -7.216  1.00 29.26 ? 12  LEU A CA  1 
ATOM   61   C C   . LEU A 1 12  ? 19.418  2.291   -6.236  1.00 31.24 ? 12  LEU A C   1 
ATOM   62   O O   . LEU A 1 12  ? 20.217  1.394   -6.516  1.00 29.72 ? 12  LEU A O   1 
ATOM   63   C CB  . LEU A 1 12  ? 20.224  4.525   -6.990  1.00 31.61 ? 12  LEU A CB  1 
ATOM   64   C CG  . LEU A 1 12  ? 20.372  5.515   -8.152  1.00 33.30 ? 12  LEU A CG  1 
ATOM   65   C CD1 . LEU A 1 12  ? 21.254  6.680   -7.750  1.00 33.69 ? 12  LEU A CD1 1 
ATOM   66   C CD2 . LEU A 1 12  ? 20.956  4.790   -9.346  1.00 37.71 ? 12  LEU A CD2 1 
ATOM   67   N N   . ALA A 1 13  ? 18.732  2.325   -5.092  1.00 28.76 ? 13  ALA A N   1 
ATOM   68   C CA  . ALA A 1 13  ? 18.897  1.297   -4.066  1.00 27.24 ? 13  ALA A CA  1 
ATOM   69   C C   . ALA A 1 13  ? 18.148  0.012   -4.391  1.00 27.91 ? 13  ALA A C   1 
ATOM   70   O O   . ALA A 1 13  ? 18.393  -1.030  -3.772  1.00 27.69 ? 13  ALA A O   1 
ATOM   71   C CB  . ALA A 1 13  ? 18.443  1.840   -2.711  1.00 29.54 ? 13  ALA A CB  1 
ATOM   72   N N   . LEU A 1 14  ? 17.223  0.076   -5.346  1.00 25.60 ? 14  LEU A N   1 
ATOM   73   C CA  . LEU A 1 14  ? 16.469  -1.110  -5.719  1.00 27.60 ? 14  LEU A CA  1 
ATOM   74   C C   . LEU A 1 14  ? 17.379  -2.111  -6.429  1.00 31.50 ? 14  LEU A C   1 
ATOM   75   O O   . LEU A 1 14  ? 18.383  -1.730  -7.035  1.00 30.72 ? 14  LEU A O   1 
ATOM   76   C CB  . LEU A 1 14  ? 15.318  -0.756  -6.662  1.00 28.21 ? 14  LEU A CB  1 
ATOM   77   C CG  . LEU A 1 14  ? 14.294  0.307   -6.265  1.00 27.80 ? 14  LEU A CG  1 
ATOM   78   C CD1 . LEU A 1 14  ? 13.322  0.463   -7.409  1.00 29.74 ? 14  LEU A CD1 1 
ATOM   79   C CD2 . LEU A 1 14  ? 13.561  -0.081  -4.976  1.00 25.01 ? 14  LEU A CD2 1 
ATOM   80   N N   . HIS A 1 15  ? 17.020  -3.387  -6.343  1.00 32.67 ? 15  HIS A N   1 
ATOM   81   C CA  . HIS A 1 15  ? 17.761  -4.457  -7.002  1.00 35.03 ? 15  HIS A CA  1 
ATOM   82   C C   . HIS A 1 15  ? 16.759  -5.156  -7.914  1.00 36.11 ? 15  HIS A C   1 
ATOM   83   O O   . HIS A 1 15  ? 15.645  -5.453  -7.490  1.00 35.44 ? 15  HIS A O   1 
ATOM   84   C CB  . HIS A 1 15  ? 18.299  -5.465  -5.976  1.00 37.99 ? 15  HIS A CB  1 
ATOM   85   C CG  . HIS A 1 15  ? 19.471  -4.969  -5.187  1.00 43.38 ? 15  HIS A CG  1 
ATOM   86   N ND1 . HIS A 1 15  ? 19.979  -5.652  -4.101  1.00 47.48 ? 15  HIS A ND1 1 
ATOM   87   C CD2 . HIS A 1 15  ? 20.246  -3.867  -5.330  1.00 47.58 ? 15  HIS A CD2 1 
ATOM   88   C CE1 . HIS A 1 15  ? 21.014  -4.994  -3.610  1.00 46.03 ? 15  HIS A CE1 1 
ATOM   89   N NE2 . HIS A 1 15  ? 21.198  -3.908  -4.339  1.00 47.44 ? 15  HIS A NE2 1 
ATOM   90   N N   . GLN A 1 16  ? 17.133  -5.405  -9.168  1.00 35.70 ? 16  GLN A N   1 
ATOM   91   C CA  . GLN A 1 16  ? 16.223  -6.085  -10.091 1.00 38.86 ? 16  GLN A CA  1 
ATOM   92   C C   . GLN A 1 16  ? 16.560  -7.567  -10.221 1.00 36.46 ? 16  GLN A C   1 
ATOM   93   O O   . GLN A 1 16  ? 17.728  -7.948  -10.209 1.00 37.05 ? 16  GLN A O   1 
ATOM   94   C CB  . GLN A 1 16  ? 16.262  -5.433  -11.481 1.00 41.75 ? 16  GLN A CB  1 
ATOM   95   C CG  . GLN A 1 16  ? 15.505  -4.111  -11.580 1.00 49.29 ? 16  GLN A CG  1 
ATOM   96   C CD  . GLN A 1 16  ? 15.504  -3.520  -12.989 1.00 52.49 ? 16  GLN A CD  1 
ATOM   97   O OE1 . GLN A 1 16  ? 14.945  -4.100  -13.925 1.00 54.81 ? 16  GLN A OE1 1 
ATOM   98   N NE2 . GLN A 1 16  ? 16.138  -2.362  -13.143 1.00 52.49 ? 16  GLN A NE2 1 
ATOM   99   N N   . TYR A 1 17  ? 15.528  -8.396  -10.329 1.00 35.68 ? 17  TYR A N   1 
ATOM   100  C CA  . TYR A 1 17  ? 15.712  -9.829  -10.478 1.00 37.00 ? 17  TYR A CA  1 
ATOM   101  C C   . TYR A 1 17  ? 14.837  -10.345 -11.605 1.00 40.35 ? 17  TYR A C   1 
ATOM   102  O O   . TYR A 1 17  ? 13.608  -10.400 -11.486 1.00 40.92 ? 17  TYR A O   1 
ATOM   103  C CB  . TYR A 1 17  ? 15.365  -10.572 -9.185  1.00 33.57 ? 17  TYR A CB  1 
ATOM   104  C CG  . TYR A 1 17  ? 16.294  -10.268 -8.039  1.00 33.23 ? 17  TYR A CG  1 
ATOM   105  C CD1 . TYR A 1 17  ? 16.041  -9.206  -7.173  1.00 28.79 ? 17  TYR A CD1 1 
ATOM   106  C CD2 . TYR A 1 17  ? 17.434  -11.042 -7.821  1.00 29.80 ? 17  TYR A CD2 1 
ATOM   107  C CE1 . TYR A 1 17  ? 16.896  -8.924  -6.119  1.00 29.73 ? 17  TYR A CE1 1 
ATOM   108  C CE2 . TYR A 1 17  ? 18.292  -10.767 -6.776  1.00 31.43 ? 17  TYR A CE2 1 
ATOM   109  C CZ  . TYR A 1 17  ? 18.019  -9.708  -5.927  1.00 28.89 ? 17  TYR A CZ  1 
ATOM   110  O OH  . TYR A 1 17  ? 18.863  -9.440  -4.882  1.00 30.85 ? 17  TYR A OH  1 
ATOM   111  N N   . PRO A 1 18  ? 15.463  -10.725 -12.729 1.00 43.01 ? 18  PRO A N   1 
ATOM   112  C CA  . PRO A 1 18  ? 14.702  -11.237 -13.869 1.00 44.65 ? 18  PRO A CA  1 
ATOM   113  C C   . PRO A 1 18  ? 14.075  -12.595 -13.579 1.00 46.06 ? 18  PRO A C   1 
ATOM   114  O O   . PRO A 1 18  ? 14.682  -13.448 -12.931 1.00 44.99 ? 18  PRO A O   1 
ATOM   115  C CB  . PRO A 1 18  ? 15.750  -11.299 -14.979 1.00 44.66 ? 18  PRO A CB  1 
ATOM   116  C CG  . PRO A 1 18  ? 17.011  -11.612 -14.224 1.00 44.68 ? 18  PRO A CG  1 
ATOM   117  C CD  . PRO A 1 18  ? 16.908  -10.691 -13.026 1.00 44.17 ? 18  PRO A CD  1 
ATOM   118  N N   . ASN A 1 19  ? 12.846  -12.770 -14.050 1.00 48.18 ? 19  ASN A N   1 
ATOM   119  C CA  . ASN A 1 19  ? 12.109  -14.014 -13.878 1.00 51.11 ? 19  ASN A CA  1 
ATOM   120  C C   . ASN A 1 19  ? 12.089  -14.527 -12.439 1.00 51.59 ? 19  ASN A C   1 
ATOM   121  O O   . ASN A 1 19  ? 12.095  -15.738 -12.220 1.00 52.90 ? 19  ASN A O   1 
ATOM   122  C CB  . ASN A 1 19  ? 12.711  -15.094 -14.784 1.00 52.46 ? 19  ASN A CB  1 
ATOM   123  C CG  . ASN A 1 19  ? 13.011  -14.583 -16.182 1.00 50.93 ? 19  ASN A CG  1 
ATOM   124  O OD1 . ASN A 1 19  ? 12.110  -14.177 -16.917 1.00 50.44 ? 19  ASN A OD1 1 
ATOM   125  N ND2 . ASN A 1 19  ? 14.286  -14.599 -16.552 1.00 50.82 ? 19  ASN A ND2 1 
ATOM   126  N N   . PHE A 1 20  ? 12.060  -13.633 -11.451 1.00 51.89 ? 20  PHE A N   1 
ATOM   127  C CA  . PHE A 1 20  ? 12.046  -14.129 -10.081 1.00 52.11 ? 20  PHE A CA  1 
ATOM   128  C C   . PHE A 1 20  ? 10.728  -14.777 -9.697  1.00 53.86 ? 20  PHE A C   1 
ATOM   129  O O   . PHE A 1 20  ? 10.665  -15.998 -9.527  1.00 56.96 ? 20  PHE A O   1 
ATOM   130  C CB  . PHE A 1 20  ? 12.359  -13.051 -9.045  1.00 48.29 ? 20  PHE A CB  1 
ATOM   131  C CG  . PHE A 1 20  ? 12.033  -13.487 -7.640  1.00 48.21 ? 20  PHE A CG  1 
ATOM   132  C CD1 . PHE A 1 20  ? 12.614  -14.638 -7.107  1.00 46.74 ? 20  PHE A CD1 1 
ATOM   133  C CD2 . PHE A 1 20  ? 11.088  -12.803 -6.881  1.00 47.85 ? 20  PHE A CD2 1 
ATOM   134  C CE1 . PHE A 1 20  ? 12.256  -15.102 -5.840  1.00 46.30 ? 20  PHE A CE1 1 
ATOM   135  C CE2 . PHE A 1 20  ? 10.723  -13.258 -5.612  1.00 45.59 ? 20  PHE A CE2 1 
ATOM   136  C CZ  . PHE A 1 20  ? 11.309  -14.411 -5.092  1.00 46.17 ? 20  PHE A CZ  1 
ATOM   137  N N   . PRO A 1 21  ? 9.658   -13.974 -9.534  1.00 53.14 ? 21  PRO A N   1 
ATOM   138  C CA  . PRO A 1 21  ? 8.400   -14.626 -9.161  1.00 53.87 ? 21  PRO A CA  1 
ATOM   139  C C   . PRO A 1 21  ? 8.264   -15.900 -9.988  1.00 56.05 ? 21  PRO A C   1 
ATOM   140  O O   . PRO A 1 21  ? 8.154   -17.005 -9.452  1.00 57.74 ? 21  PRO A O   1 
ATOM   141  C CB  . PRO A 1 21  ? 7.353   -13.575 -9.520  1.00 54.49 ? 21  PRO A CB  1 
ATOM   142  C CG  . PRO A 1 21  ? 8.094   -12.280 -9.297  1.00 52.51 ? 21  PRO A CG  1 
ATOM   143  C CD  . PRO A 1 21  ? 9.433   -12.571 -9.924  1.00 50.03 ? 21  PRO A CD  1 
ATOM   144  N N   . SER A 1 22  ? 8.316   -15.728 -11.304 1.00 57.47 ? 22  SER A N   1 
ATOM   145  C CA  . SER A 1 22  ? 8.224   -16.834 -12.246 1.00 59.78 ? 22  SER A CA  1 
ATOM   146  C C   . SER A 1 22  ? 8.717   -16.333 -13.600 1.00 61.04 ? 22  SER A C   1 
ATOM   147  O O   . SER A 1 22  ? 9.009   -15.146 -13.759 1.00 61.99 ? 22  SER A O   1 
ATOM   148  C CB  . SER A 1 22  ? 6.778   -17.329 -12.348 1.00 58.88 ? 22  SER A CB  1 
ATOM   149  O OG  . SER A 1 22  ? 5.891   -16.261 -12.624 1.00 61.21 ? 22  SER A OG  1 
ATOM   150  N N   . GLU A 1 23  ? 8.815   -17.238 -14.569 1.00 61.95 ? 23  GLU A N   1 
ATOM   151  C CA  . GLU A 1 23  ? 9.285   -16.881 -15.904 1.00 62.08 ? 23  GLU A CA  1 
ATOM   152  C C   . GLU A 1 23  ? 8.689   -15.563 -16.387 1.00 62.21 ? 23  GLU A C   1 
ATOM   153  O O   . GLU A 1 23  ? 7.499   -15.301 -16.202 1.00 62.72 ? 23  GLU A O   1 
ATOM   154  C CB  . GLU A 1 23  ? 8.948   -17.996 -16.888 1.00 62.65 ? 23  GLU A CB  1 
ATOM   155  N N   . GLY A 1 24  ? 9.530   -14.734 -16.996 1.00 62.65 ? 24  GLY A N   1 
ATOM   156  C CA  . GLY A 1 24  ? 9.080   -13.454 -17.517 1.00 63.00 ? 24  GLY A CA  1 
ATOM   157  C C   . GLY A 1 24  ? 8.904   -12.346 -16.494 1.00 63.64 ? 24  GLY A C   1 
ATOM   158  O O   . GLY A 1 24  ? 9.249   -11.189 -16.758 1.00 64.12 ? 24  GLY A O   1 
ATOM   159  N N   . ILE A 1 25  ? 8.370   -12.694 -15.327 1.00 62.46 ? 25  ILE A N   1 
ATOM   160  C CA  . ILE A 1 25  ? 8.132   -11.721 -14.269 1.00 60.16 ? 25  ILE A CA  1 
ATOM   161  C C   . ILE A 1 25  ? 9.411   -11.077 -13.738 1.00 59.04 ? 25  ILE A C   1 
ATOM   162  O O   . ILE A 1 25  ? 10.208  -11.728 -13.063 1.00 59.15 ? 25  ILE A O   1 
ATOM   163  C CB  . ILE A 1 25  ? 7.371   -12.384 -13.123 1.00 59.26 ? 25  ILE A CB  1 
ATOM   164  N N   . LEU A 1 26  ? 9.612   -9.800  -14.054 1.00 57.03 ? 26  LEU A N   1 
ATOM   165  C CA  . LEU A 1 26  ? 10.785  -9.077  -13.568 1.00 54.75 ? 26  LEU A CA  1 
ATOM   166  C C   . LEU A 1 26  ? 10.426  -8.552  -12.178 1.00 53.99 ? 26  LEU A C   1 
ATOM   167  O O   . LEU A 1 26  ? 9.391   -7.904  -12.003 1.00 54.86 ? 26  LEU A O   1 
ATOM   168  C CB  . LEU A 1 26  ? 11.130  -7.899  -14.489 1.00 52.42 ? 26  LEU A CB  1 
ATOM   169  C CG  . LEU A 1 26  ? 12.277  -7.003  -13.994 1.00 49.96 ? 26  LEU A CG  1 
ATOM   170  C CD1 . LEU A 1 26  ? 13.542  -7.831  -13.831 1.00 51.20 ? 26  LEU A CD1 1 
ATOM   171  C CD2 . LEU A 1 26  ? 12.515  -5.862  -14.970 1.00 49.44 ? 26  LEU A CD2 1 
ATOM   172  N N   . PHE A 1 27  ? 11.272  -8.834  -11.192 1.00 51.29 ? 27  PHE A N   1 
ATOM   173  C CA  . PHE A 1 27  ? 10.998  -8.394  -9.828  1.00 47.88 ? 27  PHE A CA  1 
ATOM   174  C C   . PHE A 1 27  ? 11.806  -7.183  -9.378  1.00 45.65 ? 27  PHE A C   1 
ATOM   175  O O   . PHE A 1 27  ? 13.006  -7.092  -9.637  1.00 43.61 ? 27  PHE A O   1 
ATOM   176  C CB  . PHE A 1 27  ? 11.243  -9.538  -8.848  1.00 46.85 ? 27  PHE A CB  1 
ATOM   177  C CG  . PHE A 1 27  ? 10.740  -9.258  -7.466  1.00 47.44 ? 27  PHE A CG  1 
ATOM   178  C CD1 . PHE A 1 27  ? 9.374   -9.186  -7.215  1.00 47.20 ? 27  PHE A CD1 1 
ATOM   179  C CD2 . PHE A 1 27  ? 11.627  -9.043  -6.417  1.00 45.10 ? 27  PHE A CD2 1 
ATOM   180  C CE1 . PHE A 1 27  ? 8.895   -8.904  -5.934  1.00 49.35 ? 27  PHE A CE1 1 
ATOM   181  C CE2 . PHE A 1 27  ? 11.160  -8.760  -5.136  1.00 45.88 ? 27  PHE A CE2 1 
ATOM   182  C CZ  . PHE A 1 27  ? 9.792   -8.691  -4.893  1.00 46.04 ? 27  PHE A CZ  1 
ATOM   183  N N   . GLU A 1 28  ? 11.138  -6.259  -8.692  1.00 43.47 ? 28  GLU A N   1 
ATOM   184  C CA  . GLU A 1 28  ? 11.799  -5.064  -8.182  1.00 41.31 ? 28  GLU A CA  1 
ATOM   185  C C   . GLU A 1 28  ? 11.845  -5.206  -6.661  1.00 37.15 ? 28  GLU A C   1 
ATOM   186  O O   . GLU A 1 28  ? 10.813  -5.123  -5.993  1.00 35.12 ? 28  GLU A O   1 
ATOM   187  C CB  . GLU A 1 28  ? 11.005  -3.814  -8.557  1.00 46.05 ? 28  GLU A CB  1 
ATOM   188  C CG  . GLU A 1 28  ? 11.864  -2.578  -8.768  1.00 51.15 ? 28  GLU A CG  1 
ATOM   189  C CD  . GLU A 1 28  ? 12.622  -2.628  -10.075 1.00 52.77 ? 28  GLU A CD  1 
ATOM   190  O OE1 . GLU A 1 28  ? 11.977  -2.906  -11.108 1.00 56.63 ? 28  GLU A OE1 1 
ATOM   191  O OE2 . GLU A 1 28  ? 13.850  -2.385  -10.078 1.00 55.60 ? 28  GLU A OE2 1 
ATOM   192  N N   . ASP A 1 29  ? 13.043  -5.419  -6.123  1.00 32.68 ? 29  ASP A N   1 
ATOM   193  C CA  . ASP A 1 29  ? 13.230  -5.607  -4.685  1.00 27.44 ? 29  ASP A CA  1 
ATOM   194  C C   . ASP A 1 29  ? 13.581  -4.318  -3.956  1.00 25.32 ? 29  ASP A C   1 
ATOM   195  O O   . ASP A 1 29  ? 14.674  -3.784  -4.132  1.00 22.63 ? 29  ASP A O   1 
ATOM   196  C CB  . ASP A 1 29  ? 14.332  -6.639  -4.439  1.00 27.95 ? 29  ASP A CB  1 
ATOM   197  C CG  . ASP A 1 29  ? 14.624  -6.835  -2.963  1.00 29.94 ? 29  ASP A CG  1 
ATOM   198  O OD1 . ASP A 1 29  ? 13.743  -6.486  -2.146  1.00 24.76 ? 29  ASP A OD1 1 
ATOM   199  O OD2 . ASP A 1 29  ? 15.718  -7.341  -2.626  1.00 26.91 ? 29  ASP A OD2 1 
ATOM   200  N N   . PHE A 1 30  ? 12.673  -3.828  -3.113  1.00 23.28 ? 30  PHE A N   1 
ATOM   201  C CA  . PHE A 1 30  ? 12.962  -2.587  -2.398  1.00 21.44 ? 30  PHE A CA  1 
ATOM   202  C C   . PHE A 1 30  ? 13.574  -2.818  -1.011  1.00 20.37 ? 30  PHE A C   1 
ATOM   203  O O   . PHE A 1 30  ? 13.860  -1.864  -0.287  1.00 20.69 ? 30  PHE A O   1 
ATOM   204  C CB  . PHE A 1 30  ? 11.695  -1.692  -2.303  1.00 19.95 ? 30  PHE A CB  1 
ATOM   205  C CG  . PHE A 1 30  ? 10.662  -2.130  -1.267  1.00 20.78 ? 30  PHE A CG  1 
ATOM   206  C CD1 . PHE A 1 30  ? 9.732   -1.204  -0.788  1.00 19.77 ? 30  PHE A CD1 1 
ATOM   207  C CD2 . PHE A 1 30  ? 10.589  -3.445  -0.803  1.00 20.25 ? 30  PHE A CD2 1 
ATOM   208  C CE1 . PHE A 1 30  ? 8.736   -1.575  0.141   1.00 19.78 ? 30  PHE A CE1 1 
ATOM   209  C CE2 . PHE A 1 30  ? 9.598   -3.830  0.125   1.00 23.38 ? 30  PHE A CE2 1 
ATOM   210  C CZ  . PHE A 1 30  ? 8.673   -2.896  0.595   1.00 19.00 ? 30  PHE A CZ  1 
ATOM   211  N N   . LEU A 1 31  ? 13.807  -4.073  -0.637  1.00 19.85 ? 31  LEU A N   1 
ATOM   212  C CA  . LEU A 1 31  ? 14.380  -4.336  0.686   1.00 17.90 ? 31  LEU A CA  1 
ATOM   213  C C   . LEU A 1 31  ? 15.680  -3.610  1.065   1.00 20.24 ? 31  LEU A C   1 
ATOM   214  O O   . LEU A 1 31  ? 15.886  -3.291  2.243   1.00 18.24 ? 31  LEU A O   1 
ATOM   215  C CB  . LEU A 1 31  ? 14.543  -5.841  0.909   1.00 18.15 ? 31  LEU A CB  1 
ATOM   216  C CG  . LEU A 1 31  ? 13.213  -6.591  0.996   1.00 18.86 ? 31  LEU A CG  1 
ATOM   217  C CD1 . LEU A 1 31  ? 13.494  -8.092  1.093   1.00 17.66 ? 31  LEU A CD1 1 
ATOM   218  C CD2 . LEU A 1 31  ? 12.405  -6.119  2.212   1.00 18.24 ? 31  LEU A CD2 1 
ATOM   219  N N   . PRO A 1 32  ? 16.588  -3.356  0.097   1.00 19.02 ? 32  PRO A N   1 
ATOM   220  C CA  . PRO A 1 32  ? 17.829  -2.655  0.469   1.00 19.12 ? 32  PRO A CA  1 
ATOM   221  C C   . PRO A 1 32  ? 17.555  -1.291  1.095   1.00 17.81 ? 32  PRO A C   1 
ATOM   222  O O   . PRO A 1 32  ? 18.365  -0.761  1.862   1.00 18.46 ? 32  PRO A O   1 
ATOM   223  C CB  . PRO A 1 32  ? 18.580  -2.533  -0.866  1.00 20.76 ? 32  PRO A CB  1 
ATOM   224  C CG  . PRO A 1 32  ? 18.104  -3.735  -1.622  1.00 20.25 ? 32  PRO A CG  1 
ATOM   225  C CD  . PRO A 1 32  ? 16.621  -3.769  -1.316  1.00 19.71 ? 32  PRO A CD  1 
ATOM   226  N N   . ILE A 1 33  ? 16.404  -0.716  0.766   1.00 17.99 ? 33  ILE A N   1 
ATOM   227  C CA  . ILE A 1 33  ? 16.038  0.584   1.307   1.00 19.34 ? 33  ILE A CA  1 
ATOM   228  C C   . ILE A 1 33  ? 15.924  0.530   2.828   1.00 18.01 ? 33  ILE A C   1 
ATOM   229  O O   . ILE A 1 33  ? 16.356  1.452   3.519   1.00 18.77 ? 33  ILE A O   1 
ATOM   230  C CB  . ILE A 1 33  ? 14.700  1.075   0.703   1.00 20.03 ? 33  ILE A CB  1 
ATOM   231  C CG1 . ILE A 1 33  ? 14.920  1.506   -0.756  1.00 19.87 ? 33  ILE A CG1 1 
ATOM   232  C CG2 . ILE A 1 33  ? 14.133  2.225   1.528   1.00 19.87 ? 33  ILE A CG2 1 
ATOM   233  C CD1 . ILE A 1 33  ? 13.613  1.807   -1.502  1.00 21.26 ? 33  ILE A CD1 1 
ATOM   234  N N   . PHE A 1 34  ? 15.361  -0.553  3.347   1.00 17.70 ? 34  PHE A N   1 
ATOM   235  C CA  . PHE A 1 34  ? 15.184  -0.693  4.788   1.00 17.16 ? 34  PHE A CA  1 
ATOM   236  C C   . PHE A 1 34  ? 16.474  -1.010  5.547   1.00 17.60 ? 34  PHE A C   1 
ATOM   237  O O   . PHE A 1 34  ? 16.559  -0.793  6.753   1.00 18.31 ? 34  PHE A O   1 
ATOM   238  C CB  . PHE A 1 34  ? 14.125  -1.756  5.072   1.00 18.62 ? 34  PHE A CB  1 
ATOM   239  C CG  . PHE A 1 34  ? 12.799  -1.453  4.451   1.00 16.60 ? 34  PHE A CG  1 
ATOM   240  C CD1 . PHE A 1 34  ? 12.501  -1.887  3.161   1.00 16.20 ? 34  PHE A CD1 1 
ATOM   241  C CD2 . PHE A 1 34  ? 11.865  -0.688  5.129   1.00 13.51 ? 34  PHE A CD2 1 
ATOM   242  C CE1 . PHE A 1 34  ? 11.291  -1.559  2.555   1.00 16.93 ? 34  PHE A CE1 1 
ATOM   243  C CE2 . PHE A 1 34  ? 10.644  -0.349  4.534   1.00 15.32 ? 34  PHE A CE2 1 
ATOM   244  C CZ  . PHE A 1 34  ? 10.354  -0.782  3.246   1.00 18.28 ? 34  PHE A CZ  1 
ATOM   245  N N   . ARG A 1 35  ? 17.487  -1.500  4.839   1.00 17.64 ? 35  ARG A N   1 
ATOM   246  C CA  . ARG A 1 35  ? 18.761  -1.832  5.468   1.00 19.38 ? 35  ARG A CA  1 
ATOM   247  C C   . ARG A 1 35  ? 19.526  -0.579  5.871   1.00 21.41 ? 35  ARG A C   1 
ATOM   248  O O   . ARG A 1 35  ? 20.431  -0.631  6.704   1.00 20.35 ? 35  ARG A O   1 
ATOM   249  C CB  . ARG A 1 35  ? 19.635  -2.630  4.498   1.00 23.10 ? 35  ARG A CB  1 
ATOM   250  C CG  . ARG A 1 35  ? 19.044  -3.944  4.013   1.00 20.30 ? 35  ARG A CG  1 
ATOM   251  C CD  . ARG A 1 35  ? 19.986  -4.596  2.990   1.00 31.08 ? 35  ARG A CD  1 
ATOM   252  N NE  . ARG A 1 35  ? 19.357  -5.709  2.282   1.00 35.00 ? 35  ARG A NE  1 
ATOM   253  C CZ  . ARG A 1 35  ? 19.848  -6.265  1.177   1.00 38.13 ? 35  ARG A CZ  1 
ATOM   254  N NH1 . ARG A 1 35  ? 20.982  -5.810  0.648   1.00 35.85 ? 35  ARG A NH1 1 
ATOM   255  N NH2 . ARG A 1 35  ? 19.208  -7.274  0.598   1.00 38.05 ? 35  ARG A NH2 1 
ATOM   256  N N   . ASN A 1 36  ? 19.167  0.544   5.263   1.00 20.29 ? 36  ASN A N   1 
ATOM   257  C CA  . ASN A 1 36  ? 19.836  1.818   5.505   1.00 21.06 ? 36  ASN A CA  1 
ATOM   258  C C   . ASN A 1 36  ? 18.819  2.787   6.099   1.00 20.46 ? 36  ASN A C   1 
ATOM   259  O O   . ASN A 1 36  ? 17.914  3.236   5.405   1.00 20.24 ? 36  ASN A O   1 
ATOM   260  C CB  . ASN A 1 36  ? 20.357  2.344   4.166   1.00 22.80 ? 36  ASN A CB  1 
ATOM   261  C CG  . ASN A 1 36  ? 21.191  3.588   4.301   1.00 27.20 ? 36  ASN A CG  1 
ATOM   262  O OD1 . ASN A 1 36  ? 20.781  4.572   4.913   1.00 27.21 ? 36  ASN A OD1 1 
ATOM   263  N ND2 . ASN A 1 36  ? 22.379  3.559   3.702   1.00 32.62 ? 36  ASN A ND2 1 
ATOM   264  N N   . PRO A 1 37  ? 18.977  3.150   7.385   1.00 21.17 ? 37  PRO A N   1 
ATOM   265  C CA  . PRO A 1 37  ? 18.018  4.066   8.007   1.00 20.07 ? 37  PRO A CA  1 
ATOM   266  C C   . PRO A 1 37  ? 17.869  5.414   7.312   1.00 20.83 ? 37  PRO A C   1 
ATOM   267  O O   . PRO A 1 37  ? 16.798  6.025   7.348   1.00 17.84 ? 37  PRO A O   1 
ATOM   268  C CB  . PRO A 1 37  ? 18.510  4.166   9.455   1.00 22.22 ? 37  PRO A CB  1 
ATOM   269  C CG  . PRO A 1 37  ? 19.997  3.864   9.343   1.00 22.19 ? 37  PRO A CG  1 
ATOM   270  C CD  . PRO A 1 37  ? 20.016  2.733   8.345   1.00 20.21 ? 37  PRO A CD  1 
ATOM   271  N N   . GLY A 1 38  ? 18.935  5.877   6.675   1.00 20.37 ? 38  GLY A N   1 
ATOM   272  C CA  . GLY A 1 38  ? 18.853  7.142   5.971   1.00 20.06 ? 38  GLY A CA  1 
ATOM   273  C C   . GLY A 1 38  ? 17.951  7.019   4.758   1.00 21.15 ? 38  GLY A C   1 
ATOM   274  O O   . GLY A 1 38  ? 17.156  7.916   4.473   1.00 23.45 ? 38  GLY A O   1 
ATOM   275  N N   . LEU A 1 39  ? 18.059  5.905   4.044   1.00 18.16 ? 39  LEU A N   1 
ATOM   276  C CA  . LEU A 1 39  ? 17.232  5.672   2.868   1.00 18.44 ? 39  LEU A CA  1 
ATOM   277  C C   . LEU A 1 39  ? 15.780  5.411   3.284   1.00 17.83 ? 39  LEU A C   1 
ATOM   278  O O   . LEU A 1 39  ? 14.833  5.882   2.639   1.00 15.99 ? 39  LEU A O   1 
ATOM   279  C CB  . LEU A 1 39  ? 17.761  4.478   2.075   1.00 19.88 ? 39  LEU A CB  1 
ATOM   280  C CG  . LEU A 1 39  ? 19.050  4.680   1.267   1.00 25.38 ? 39  LEU A CG  1 
ATOM   281  C CD1 . LEU A 1 39  ? 19.431  3.355   0.617   1.00 26.84 ? 39  LEU A CD1 1 
ATOM   282  C CD2 . LEU A 1 39  ? 18.850  5.772   0.185   1.00 24.52 ? 39  LEU A CD2 1 
ATOM   283  N N   . PHE A 1 40  ? 15.619  4.671   4.377   1.00 17.13 ? 40  PHE A N   1 
ATOM   284  C CA  . PHE A 1 40  ? 14.287  4.347   4.894   1.00 16.30 ? 40  PHE A CA  1 
ATOM   285  C C   . PHE A 1 40  ? 13.580  5.642   5.286   1.00 16.02 ? 40  PHE A C   1 
ATOM   286  O O   . PHE A 1 40  ? 12.420  5.860   4.938   1.00 16.84 ? 40  PHE A O   1 
ATOM   287  C CB  . PHE A 1 40  ? 14.434  3.402   6.102   1.00 15.87 ? 40  PHE A CB  1 
ATOM   288  C CG  . PHE A 1 40  ? 13.122  2.846   6.644   1.00 13.66 ? 40  PHE A CG  1 
ATOM   289  C CD1 . PHE A 1 40  ? 13.110  2.150   7.849   1.00 14.50 ? 40  PHE A CD1 1 
ATOM   290  C CD2 . PHE A 1 40  ? 11.920  3.004   5.948   1.00 15.52 ? 40  PHE A CD2 1 
ATOM   291  C CE1 . PHE A 1 40  ? 11.909  1.615   8.367   1.00 15.53 ? 40  PHE A CE1 1 
ATOM   292  C CE2 . PHE A 1 40  ? 10.720  2.477   6.451   1.00 15.71 ? 40  PHE A CE2 1 
ATOM   293  C CZ  . PHE A 1 40  ? 10.723  1.779   7.669   1.00 16.66 ? 40  PHE A CZ  1 
ATOM   294  N N   . GLN A 1 41  ? 14.281  6.519   6.003   1.00 18.18 ? 41  GLN A N   1 
ATOM   295  C CA  . GLN A 1 41  ? 13.674  7.773   6.407   1.00 17.04 ? 41  GLN A CA  1 
ATOM   296  C C   . GLN A 1 41  ? 13.243  8.571   5.188   1.00 18.30 ? 41  GLN A C   1 
ATOM   297  O O   . GLN A 1 41  ? 12.207  9.237   5.220   1.00 17.35 ? 41  GLN A O   1 
ATOM   298  C CB  . GLN A 1 41  ? 14.652  8.614   7.234   1.00 18.61 ? 41  GLN A CB  1 
ATOM   299  C CG  . GLN A 1 41  ? 14.017  9.860   7.854   1.00 18.31 ? 41  GLN A CG  1 
ATOM   300  C CD  . GLN A 1 41  ? 12.905  9.517   8.828   1.00 16.88 ? 41  GLN A CD  1 
ATOM   301  O OE1 . GLN A 1 41  ? 11.722  9.811   8.585   1.00 23.92 ? 41  GLN A OE1 1 
ATOM   302  N NE2 . GLN A 1 41  ? 13.267  8.882   9.924   1.00 16.73 ? 41  GLN A NE2 1 
ATOM   303  N N   . LYS A 1 42  ? 14.042  8.528   4.118   1.00 17.81 ? 42  LYS A N   1 
ATOM   304  C CA  . LYS A 1 42  ? 13.704  9.272   2.909   1.00 18.98 ? 42  LYS A CA  1 
ATOM   305  C C   . LYS A 1 42  ? 12.442  8.738   2.255   1.00 16.81 ? 42  LYS A C   1 
ATOM   306  O O   . LYS A 1 42  ? 11.625  9.507   1.728   1.00 16.83 ? 42  LYS A O   1 
ATOM   307  C CB  . LYS A 1 42  ? 14.884  9.266   1.918   1.00 19.92 ? 42  LYS A CB  1 
ATOM   308  C CG  . LYS A 1 42  ? 15.972  10.240  2.340   1.00 21.03 ? 42  LYS A CG  1 
ATOM   309  C CD  . LYS A 1 42  ? 17.243  10.129  1.520   1.00 27.31 ? 42  LYS A CD  1 
ATOM   310  C CE  . LYS A 1 42  ? 18.305  11.080  2.104   1.00 30.14 ? 42  LYS A CE  1 
ATOM   311  N NZ  . LYS A 1 42  ? 19.652  10.880  1.503   1.00 32.94 ? 42  LYS A NZ  1 
ATOM   312  N N   . LEU A 1 43  ? 12.274  7.423   2.292   1.00 18.35 ? 43  LEU A N   1 
ATOM   313  C CA  . LEU A 1 43  ? 11.084  6.802   1.730   1.00 18.80 ? 43  LEU A CA  1 
ATOM   314  C C   . LEU A 1 43  ? 9.857   7.310   2.492   1.00 16.50 ? 43  LEU A C   1 
ATOM   315  O O   . LEU A 1 43  ? 8.852   7.696   1.894   1.00 16.56 ? 43  LEU A O   1 
ATOM   316  C CB  . LEU A 1 43  ? 11.164  5.279   1.862   1.00 18.00 ? 43  LEU A CB  1 
ATOM   317  C CG  . LEU A 1 43  ? 9.937   4.509   1.360   1.00 23.79 ? 43  LEU A CG  1 
ATOM   318  C CD1 . LEU A 1 43  ? 10.141  4.134   -0.096  1.00 25.73 ? 43  LEU A CD1 1 
ATOM   319  C CD2 . LEU A 1 43  ? 9.732   3.242   2.190   1.00 30.57 ? 43  LEU A CD2 1 
ATOM   320  N N   . ILE A 1 44  ? 9.935   7.284   3.819   1.00 17.39 ? 44  ILE A N   1 
ATOM   321  C CA  . ILE A 1 44  ? 8.836   7.753   4.663   1.00 17.30 ? 44  ILE A CA  1 
ATOM   322  C C   . ILE A 1 44  ? 8.580   9.254   4.432   1.00 19.30 ? 44  ILE A C   1 
ATOM   323  O O   . ILE A 1 44  ? 7.438   9.697   4.307   1.00 17.08 ? 44  ILE A O   1 
ATOM   324  C CB  . ILE A 1 44  ? 9.157   7.514   6.161   1.00 17.09 ? 44  ILE A CB  1 
ATOM   325  C CG1 . ILE A 1 44  ? 9.318   6.005   6.422   1.00 17.32 ? 44  ILE A CG1 1 
ATOM   326  C CG2 . ILE A 1 44  ? 8.091   8.164   7.046   1.00 17.12 ? 44  ILE A CG2 1 
ATOM   327  C CD1 . ILE A 1 44  ? 8.083   5.149   6.116   1.00 20.17 ? 44  ILE A CD1 1 
ATOM   328  N N   . ASP A 1 45  ? 9.648   10.037  4.374   1.00 20.08 ? 45  ASP A N   1 
ATOM   329  C CA  . ASP A 1 45  ? 9.499   11.466  4.161   1.00 18.45 ? 45  ASP A CA  1 
ATOM   330  C C   . ASP A 1 45  ? 8.826   11.759  2.817   1.00 17.95 ? 45  ASP A C   1 
ATOM   331  O O   . ASP A 1 45  ? 8.004   12.672  2.710   1.00 18.68 ? 45  ASP A O   1 
ATOM   332  C CB  . ASP A 1 45  ? 10.862  12.162  4.191   1.00 19.41 ? 45  ASP A CB  1 
ATOM   333  C CG  . ASP A 1 45  ? 11.478  12.234  5.587   1.00 24.43 ? 45  ASP A CG  1 
ATOM   334  O OD1 . ASP A 1 45  ? 10.822  11.884  6.588   1.00 20.65 ? 45  ASP A OD1 1 
ATOM   335  O OD2 . ASP A 1 45  ? 12.647  12.654  5.675   1.00 26.08 ? 45  ASP A OD2 1 
ATOM   336  N N   . ALA A 1 46  ? 9.190   10.996  1.791   1.00 19.01 ? 46  ALA A N   1 
ATOM   337  C CA  . ALA A 1 46  ? 8.637   11.199  0.460   1.00 18.17 ? 46  ALA A CA  1 
ATOM   338  C C   . ALA A 1 46  ? 7.131   10.949  0.462   1.00 17.33 ? 46  ALA A C   1 
ATOM   339  O O   . ALA A 1 46  ? 6.366   11.737  -0.083  1.00 16.01 ? 46  ALA A O   1 
ATOM   340  C CB  . ALA A 1 46  ? 9.332   10.290  -0.535  1.00 19.34 ? 46  ALA A CB  1 
ATOM   341  N N   . PHE A 1 47  ? 6.692   9.860   1.080   1.00 16.97 ? 47  PHE A N   1 
ATOM   342  C CA  . PHE A 1 47  ? 5.256   9.598   1.133   1.00 18.06 ? 47  PHE A CA  1 
ATOM   343  C C   . PHE A 1 47  ? 4.543   10.655  1.961   1.00 17.65 ? 47  PHE A C   1 
ATOM   344  O O   . PHE A 1 47  ? 3.480   11.134  1.577   1.00 18.81 ? 47  PHE A O   1 
ATOM   345  C CB  . PHE A 1 47  ? 4.973   8.211   1.715   1.00 18.04 ? 47  PHE A CB  1 
ATOM   346  C CG  . PHE A 1 47  ? 5.084   7.104   0.711   1.00 19.56 ? 47  PHE A CG  1 
ATOM   347  C CD1 . PHE A 1 47  ? 5.979   6.053   0.913   1.00 17.96 ? 47  PHE A CD1 1 
ATOM   348  C CD2 . PHE A 1 47  ? 4.291   7.102   -0.432  1.00 16.94 ? 47  PHE A CD2 1 
ATOM   349  C CE1 . PHE A 1 47  ? 6.086   5.010   -0.011  1.00 16.73 ? 47  PHE A CE1 1 
ATOM   350  C CE2 . PHE A 1 47  ? 4.387   6.068   -1.364  1.00 18.54 ? 47  PHE A CE2 1 
ATOM   351  C CZ  . PHE A 1 47  ? 5.294   5.015   -1.149  1.00 20.54 ? 47  PHE A CZ  1 
ATOM   352  N N   . LYS A 1 48  ? 5.128   11.032  3.093   1.00 17.33 ? 48  LYS A N   1 
ATOM   353  C CA  . LYS A 1 48  ? 4.510   12.036  3.952   1.00 18.79 ? 48  LYS A CA  1 
ATOM   354  C C   . LYS A 1 48  ? 4.361   13.356  3.214   1.00 19.09 ? 48  LYS A C   1 
ATOM   355  O O   . LYS A 1 48  ? 3.325   14.007  3.289   1.00 19.60 ? 48  LYS A O   1 
ATOM   356  C CB  . LYS A 1 48  ? 5.344   12.224  5.220   1.00 18.73 ? 48  LYS A CB  1 
ATOM   357  C CG  . LYS A 1 48  ? 4.810   13.277  6.188   1.00 21.42 ? 48  LYS A CG  1 
ATOM   358  C CD  . LYS A 1 48  ? 5.443   13.096  7.573   1.00 25.50 ? 48  LYS A CD  1 
ATOM   359  C CE  . LYS A 1 48  ? 5.016   14.202  8.535   1.00 31.06 ? 48  LYS A CE  1 
ATOM   360  N NZ  . LYS A 1 48  ? 5.582   15.518  8.119   1.00 30.61 ? 48  LYS A NZ  1 
ATOM   361  N N   . LEU A 1 49  ? 5.410   13.756  2.504   1.00 21.19 ? 49  LEU A N   1 
ATOM   362  C CA  . LEU A 1 49  ? 5.362   14.993  1.744   1.00 22.50 ? 49  LEU A CA  1 
ATOM   363  C C   . LEU A 1 49  ? 4.265   14.894  0.681   1.00 22.10 ? 49  LEU A C   1 
ATOM   364  O O   . LEU A 1 49  ? 3.502   15.837  0.468   1.00 21.57 ? 49  LEU A O   1 
ATOM   365  C CB  . LEU A 1 49  ? 6.704   15.253  1.063   1.00 24.71 ? 49  LEU A CB  1 
ATOM   366  C CG  . LEU A 1 49  ? 6.717   16.547  0.251   1.00 28.56 ? 49  LEU A CG  1 
ATOM   367  C CD1 . LEU A 1 49  ? 6.362   17.710  1.172   1.00 31.31 ? 49  LEU A CD1 1 
ATOM   368  C CD2 . LEU A 1 49  ? 8.089   16.756  -0.386  1.00 32.03 ? 49  LEU A CD2 1 
ATOM   369  N N   . HIS A 1 50  ? 4.182   13.755  0.005   1.00 19.93 ? 50  HIS A N   1 
ATOM   370  C CA  . HIS A 1 50  ? 3.143   13.618  -1.000  1.00 21.04 ? 50  HIS A CA  1 
ATOM   371  C C   . HIS A 1 50  ? 1.749   13.773  -0.396  1.00 19.75 ? 50  HIS A C   1 
ATOM   372  O O   . HIS A 1 50  ? 0.914   14.521  -0.915  1.00 19.45 ? 50  HIS A O   1 
ATOM   373  C CB  . HIS A 1 50  ? 3.193   12.263  -1.715  1.00 19.44 ? 50  HIS A CB  1 
ATOM   374  C CG  . HIS A 1 50  ? 1.943   11.983  -2.493  1.00 22.07 ? 50  HIS A CG  1 
ATOM   375  N ND1 . HIS A 1 50  ? 0.978   11.098  -2.061  1.00 22.24 ? 50  HIS A ND1 1 
ATOM   376  C CD2 . HIS A 1 50  ? 1.425   12.601  -3.579  1.00 19.78 ? 50  HIS A CD2 1 
ATOM   377  C CE1 . HIS A 1 50  ? -0.085  11.192  -2.841  1.00 20.34 ? 50  HIS A CE1 1 
ATOM   378  N NE2 . HIS A 1 50  ? 0.160   12.099  -3.769  1.00 23.95 ? 50  HIS A NE2 1 
ATOM   379  N N   . LEU A 1 51  ? 1.494   13.067  0.700   1.00 19.85 ? 51  LEU A N   1 
ATOM   380  C CA  . LEU A 1 51  ? 0.177   13.126  1.320   1.00 17.35 ? 51  LEU A CA  1 
ATOM   381  C C   . LEU A 1 51  ? -0.160  14.513  1.880   1.00 22.50 ? 51  LEU A C   1 
ATOM   382  O O   . LEU A 1 51  ? -1.329  14.905  1.910   1.00 20.97 ? 51  LEU A O   1 
ATOM   383  C CB  . LEU A 1 51  ? 0.062   12.038  2.397   1.00 15.97 ? 51  LEU A CB  1 
ATOM   384  C CG  . LEU A 1 51  ? 0.088   10.601  1.834   1.00 15.45 ? 51  LEU A CG  1 
ATOM   385  C CD1 . LEU A 1 51  ? 0.242   9.580   2.974   1.00 15.73 ? 51  LEU A CD1 1 
ATOM   386  C CD2 . LEU A 1 51  ? -1.209  10.314  1.075   1.00 12.54 ? 51  LEU A CD2 1 
ATOM   387  N N   . GLU A 1 52  ? 0.849   15.265  2.315   1.00 21.65 ? 52  GLU A N   1 
ATOM   388  C CA  . GLU A 1 52  ? 0.591   16.608  2.834   1.00 22.53 ? 52  GLU A CA  1 
ATOM   389  C C   . GLU A 1 52  ? 0.252   17.534  1.665   1.00 24.17 ? 52  GLU A C   1 
ATOM   390  O O   . GLU A 1 52  ? -0.572  18.440  1.800   1.00 24.48 ? 52  GLU A O   1 
ATOM   391  C CB  . GLU A 1 52  ? 1.818   17.140  3.599   1.00 22.03 ? 52  GLU A CB  1 
ATOM   392  C CG  . GLU A 1 52  ? 2.078   16.394  4.902   1.00 25.30 ? 52  GLU A CG  1 
ATOM   393  C CD  . GLU A 1 52  ? 3.391   16.778  5.568   1.00 26.06 ? 52  GLU A CD  1 
ATOM   394  O OE1 . GLU A 1 52  ? 4.323   17.212  4.863   1.00 25.69 ? 52  GLU A OE1 1 
ATOM   395  O OE2 . GLU A 1 52  ? 3.491   16.622  6.798   1.00 26.73 ? 52  GLU A OE2 1 
ATOM   396  N N   . GLU A 1 53  ? 0.874   17.299  0.514   1.00 24.92 ? 53  GLU A N   1 
ATOM   397  C CA  . GLU A 1 53  ? 0.609   18.125  -0.663  1.00 28.33 ? 53  GLU A CA  1 
ATOM   398  C C   . GLU A 1 53  ? -0.713  17.761  -1.341  1.00 26.09 ? 53  GLU A C   1 
ATOM   399  O O   . GLU A 1 53  ? -1.435  18.634  -1.832  1.00 24.68 ? 53  GLU A O   1 
ATOM   400  C CB  . GLU A 1 53  ? 1.735   17.982  -1.686  1.00 30.99 ? 53  GLU A CB  1 
ATOM   401  C CG  . GLU A 1 53  ? 3.114   18.266  -1.122  1.00 40.07 ? 53  GLU A CG  1 
ATOM   402  C CD  . GLU A 1 53  ? 4.180   18.347  -2.200  1.00 43.91 ? 53  GLU A CD  1 
ATOM   403  O OE1 . GLU A 1 53  ? 4.170   17.492  -3.116  1.00 47.00 ? 53  GLU A OE1 1 
ATOM   404  O OE2 . GLU A 1 53  ? 5.031   19.261  -2.122  1.00 46.23 ? 53  GLU A OE2 1 
ATOM   405  N N   . ALA A 1 54  ? -1.026  16.473  -1.377  1.00 22.93 ? 54  ALA A N   1 
ATOM   406  C CA  . ALA A 1 54  ? -2.252  16.019  -2.025  1.00 22.74 ? 54  ALA A CA  1 
ATOM   407  C C   . ALA A 1 54  ? -3.518  16.212  -1.194  1.00 22.92 ? 54  ALA A C   1 
ATOM   408  O O   . ALA A 1 54  ? -4.597  16.449  -1.752  1.00 22.77 ? 54  ALA A O   1 
ATOM   409  C CB  . ALA A 1 54  ? -2.114  14.549  -2.422  1.00 20.91 ? 54  ALA A CB  1 
ATOM   410  N N   . PHE A 1 55  ? -3.386  16.112  0.129   1.00 20.08 ? 55  PHE A N   1 
ATOM   411  C CA  . PHE A 1 55  ? -4.516  16.240  1.040   1.00 20.22 ? 55  PHE A CA  1 
ATOM   412  C C   . PHE A 1 55  ? -4.247  17.265  2.136   1.00 20.24 ? 55  PHE A C   1 
ATOM   413  O O   . PHE A 1 55  ? -4.315  16.958  3.330   1.00 21.58 ? 55  PHE A O   1 
ATOM   414  C CB  . PHE A 1 55  ? -4.817  14.870  1.657   1.00 20.26 ? 55  PHE A CB  1 
ATOM   415  C CG  . PHE A 1 55  ? -5.090  13.812  0.622   1.00 21.66 ? 55  PHE A CG  1 
ATOM   416  C CD1 . PHE A 1 55  ? -4.128  12.861  0.305   1.00 23.85 ? 55  PHE A CD1 1 
ATOM   417  C CD2 . PHE A 1 55  ? -6.283  13.831  -0.099  1.00 22.71 ? 55  PHE A CD2 1 
ATOM   418  C CE1 . PHE A 1 55  ? -4.344  11.938  -0.725  1.00 21.36 ? 55  PHE A CE1 1 
ATOM   419  C CE2 . PHE A 1 55  ? -6.514  12.915  -1.133  1.00 19.06 ? 55  PHE A CE2 1 
ATOM   420  C CZ  . PHE A 1 55  ? -5.538  11.967  -1.447  1.00 20.98 ? 55  PHE A CZ  1 
ATOM   421  N N   . PRO A 1 56  ? -3.968  18.511  1.737   1.00 22.59 ? 56  PRO A N   1 
ATOM   422  C CA  . PRO A 1 56  ? -3.680  19.580  2.699   1.00 22.64 ? 56  PRO A CA  1 
ATOM   423  C C   . PRO A 1 56  ? -4.773  19.874  3.709   1.00 25.97 ? 56  PRO A C   1 
ATOM   424  O O   . PRO A 1 56  ? -4.482  20.190  4.863   1.00 23.19 ? 56  PRO A O   1 
ATOM   425  C CB  . PRO A 1 56  ? -3.347  20.778  1.803   1.00 23.96 ? 56  PRO A CB  1 
ATOM   426  C CG  . PRO A 1 56  ? -4.147  20.513  0.553   1.00 23.01 ? 56  PRO A CG  1 
ATOM   427  C CD  . PRO A 1 56  ? -4.015  19.020  0.356   1.00 21.83 ? 56  PRO A CD  1 
ATOM   428  N N   . GLU A 1 57  ? -6.034  19.769  3.294   1.00 23.63 ? 57  GLU A N   1 
ATOM   429  C CA  . GLU A 1 57  ? -7.118  20.040  4.224   1.00 23.72 ? 57  GLU A CA  1 
ATOM   430  C C   . GLU A 1 57  ? -8.069  18.867  4.391   1.00 22.63 ? 57  GLU A C   1 
ATOM   431  O O   . GLU A 1 57  ? -9.276  19.042  4.581   1.00 19.69 ? 57  GLU A O   1 
ATOM   432  C CB  . GLU A 1 57  ? -7.881  21.301  3.790   1.00 24.73 ? 57  GLU A CB  1 
ATOM   433  C CG  . GLU A 1 57  ? -6.941  22.471  3.510   1.00 32.61 ? 57  GLU A CG  1 
ATOM   434  C CD  . GLU A 1 57  ? -7.578  23.829  3.762   1.00 33.52 ? 57  GLU A CD  1 
ATOM   435  O OE1 . GLU A 1 57  ? -8.669  24.085  3.236   1.00 35.67 ? 57  GLU A OE1 1 
ATOM   436  O OE2 . GLU A 1 57  ? -6.977  24.648  4.489   1.00 38.11 ? 57  GLU A OE2 1 
ATOM   437  N N   . VAL A 1 58  ? -7.517  17.663  4.301   1.00 21.30 ? 58  VAL A N   1 
ATOM   438  C CA  . VAL A 1 58  ? -8.304  16.454  4.501   1.00 21.02 ? 58  VAL A CA  1 
ATOM   439  C C   . VAL A 1 58  ? -7.509  15.602  5.481   1.00 22.67 ? 58  VAL A C   1 
ATOM   440  O O   . VAL A 1 58  ? -6.370  15.213  5.201   1.00 22.65 ? 58  VAL A O   1 
ATOM   441  C CB  . VAL A 1 58  ? -8.508  15.645  3.200   1.00 21.72 ? 58  VAL A CB  1 
ATOM   442  C CG1 . VAL A 1 58  ? -9.268  14.362  3.526   1.00 19.64 ? 58  VAL A CG1 1 
ATOM   443  C CG2 . VAL A 1 58  ? -9.290  16.485  2.155   1.00 19.19 ? 58  VAL A CG2 1 
ATOM   444  N N   . LYS A 1 59  ? -8.114  15.325  6.627   1.00 21.20 ? 59  LYS A N   1 
ATOM   445  C CA  . LYS A 1 59  ? -7.483  14.516  7.657   1.00 22.71 ? 59  LYS A CA  1 
ATOM   446  C C   . LYS A 1 59  ? -7.483  13.052  7.243   1.00 22.84 ? 59  LYS A C   1 
ATOM   447  O O   . LYS A 1 59  ? -8.501  12.532  6.795   1.00 23.33 ? 59  LYS A O   1 
ATOM   448  C CB  . LYS A 1 59  ? -8.249  14.683  8.968   1.00 26.17 ? 59  LYS A CB  1 
ATOM   449  C CG  . LYS A 1 59  ? -7.732  13.842  10.145  1.00 30.09 ? 59  LYS A CG  1 
ATOM   450  C CD  . LYS A 1 59  ? -8.456  14.235  11.432  1.00 35.44 ? 59  LYS A CD  1 
ATOM   451  C CE  . LYS A 1 59  ? -8.217  13.230  12.559  1.00 35.94 ? 59  LYS A CE  1 
ATOM   452  N NZ  . LYS A 1 59  ? -6.766  13.037  12.826  1.00 39.55 ? 59  LYS A NZ  1 
ATOM   453  N N   . ILE A 1 60  ? -6.331  12.402  7.369   1.00 21.82 ? 60  ILE A N   1 
ATOM   454  C CA  . ILE A 1 60  ? -6.216  10.983  7.045   1.00 20.47 ? 60  ILE A CA  1 
ATOM   455  C C   . ILE A 1 60  ? -6.375  10.287  8.382   1.00 21.73 ? 60  ILE A C   1 
ATOM   456  O O   . ILE A 1 60  ? -5.680  10.636  9.342   1.00 19.60 ? 60  ILE A O   1 
ATOM   457  C CB  . ILE A 1 60  ? -4.827  10.655  6.447   1.00 18.68 ? 60  ILE A CB  1 
ATOM   458  C CG1 . ILE A 1 60  ? -4.706  11.268  5.041   1.00 17.65 ? 60  ILE A CG1 1 
ATOM   459  C CG2 . ILE A 1 60  ? -4.621  9.141   6.393   1.00 18.08 ? 60  ILE A CG2 1 
ATOM   460  C CD1 . ILE A 1 60  ? -3.300  11.208  4.482   1.00 20.47 ? 60  ILE A CD1 1 
ATOM   461  N N   . ASP A 1 61  ? -7.300  9.334   8.457   1.00 19.88 ? 61  ASP A N   1 
ATOM   462  C CA  . ASP A 1 61  ? -7.542  8.606   9.697   1.00 20.25 ? 61  ASP A CA  1 
ATOM   463  C C   . ASP A 1 61  ? -6.690  7.361   9.840   1.00 18.41 ? 61  ASP A C   1 
ATOM   464  O O   . ASP A 1 61  ? -6.237  7.061   10.932  1.00 16.63 ? 61  ASP A O   1 
ATOM   465  C CB  . ASP A 1 61  ? -9.015  8.215   9.811   1.00 21.64 ? 61  ASP A CB  1 
ATOM   466  C CG  . ASP A 1 61  ? -9.913  9.420   9.970   1.00 22.91 ? 61  ASP A CG  1 
ATOM   467  O OD1 . ASP A 1 61  ? -9.780  10.117  10.996  1.00 22.44 ? 61  ASP A OD1 1 
ATOM   468  O OD2 . ASP A 1 61  ? -10.731 9.668   9.069   1.00 21.63 ? 61  ASP A OD2 1 
ATOM   469  N N   . TYR A 1 62  ? -6.479  6.639   8.738   1.00 16.25 ? 62  TYR A N   1 
ATOM   470  C CA  . TYR A 1 62  ? -5.678  5.420   8.784   1.00 16.99 ? 62  TYR A CA  1 
ATOM   471  C C   . TYR A 1 62  ? -4.910  5.124   7.523   1.00 17.60 ? 62  TYR A C   1 
ATOM   472  O O   . TYR A 1 62  ? -5.336  5.476   6.425   1.00 17.92 ? 62  TYR A O   1 
ATOM   473  C CB  . TYR A 1 62  ? -6.541  4.169   9.008   1.00 18.83 ? 62  TYR A CB  1 
ATOM   474  C CG  . TYR A 1 62  ? -7.357  4.190   10.262  1.00 19.60 ? 62  TYR A CG  1 
ATOM   475  C CD1 . TYR A 1 62  ? -8.638  4.747   10.267  1.00 19.80 ? 62  TYR A CD1 1 
ATOM   476  C CD2 . TYR A 1 62  ? -6.828  3.711   11.463  1.00 19.31 ? 62  TYR A CD2 1 
ATOM   477  C CE1 . TYR A 1 62  ? -9.372  4.833   11.446  1.00 20.78 ? 62  TYR A CE1 1 
ATOM   478  C CE2 . TYR A 1 62  ? -7.555  3.793   12.647  1.00 21.36 ? 62  TYR A CE2 1 
ATOM   479  C CZ  . TYR A 1 62  ? -8.829  4.359   12.625  1.00 22.88 ? 62  TYR A CZ  1 
ATOM   480  O OH  . TYR A 1 62  ? -9.557  4.448   13.789  1.00 21.87 ? 62  TYR A OH  1 
ATOM   481  N N   . ILE A 1 63  ? -3.775  4.455   7.712   1.00 16.11 ? 63  ILE A N   1 
ATOM   482  C CA  . ILE A 1 63  ? -2.994  3.964   6.607   1.00 12.87 ? 63  ILE A CA  1 
ATOM   483  C C   . ILE A 1 63  ? -3.375  2.492   6.687   1.00 13.97 ? 63  ILE A C   1 
ATOM   484  O O   . ILE A 1 63  ? -3.341  1.888   7.761   1.00 15.57 ? 63  ILE A O   1 
ATOM   485  C CB  . ILE A 1 63  ? -1.463  4.062   6.826   1.00 14.81 ? 63  ILE A CB  1 
ATOM   486  C CG1 . ILE A 1 63  ? -1.012  5.516   6.779   1.00 14.08 ? 63  ILE A CG1 1 
ATOM   487  C CG2 . ILE A 1 63  ? -0.755  3.230   5.753   1.00 15.30 ? 63  ILE A CG2 1 
ATOM   488  C CD1 . ILE A 1 63  ? -1.347  6.222   5.444   1.00 16.55 ? 63  ILE A CD1 1 
ATOM   489  N N   . VAL A 1 64  ? -3.777  1.932   5.558   1.00 14.39 ? 64  VAL A N   1 
ATOM   490  C CA  . VAL A 1 64  ? -4.158  0.533   5.483   1.00 15.68 ? 64  VAL A CA  1 
ATOM   491  C C   . VAL A 1 64  ? -3.085  -0.111  4.614   1.00 15.57 ? 64  VAL A C   1 
ATOM   492  O O   . VAL A 1 64  ? -2.957  0.225   3.434   1.00 17.01 ? 64  VAL A O   1 
ATOM   493  C CB  . VAL A 1 64  ? -5.541  0.391   4.815   1.00 15.81 ? 64  VAL A CB  1 
ATOM   494  C CG1 . VAL A 1 64  ? -5.843  -1.074  4.533   1.00 18.09 ? 64  VAL A CG1 1 
ATOM   495  C CG2 . VAL A 1 64  ? -6.619  0.993   5.720   1.00 15.52 ? 64  VAL A CG2 1 
ATOM   496  N N   . GLY A 1 65  ? -2.317  -1.027  5.201   1.00 16.10 ? 65  GLY A N   1 
ATOM   497  C CA  . GLY A 1 65  ? -1.246  -1.675  4.462   1.00 15.51 ? 65  GLY A CA  1 
ATOM   498  C C   . GLY A 1 65  ? -1.536  -3.116  4.089   1.00 16.85 ? 65  GLY A C   1 
ATOM   499  O O   . GLY A 1 65  ? -2.106  -3.871  4.874   1.00 15.58 ? 65  GLY A O   1 
ATOM   500  N N   . LEU A 1 66  ? -1.123  -3.495  2.885   1.00 16.92 ? 66  LEU A N   1 
ATOM   501  C CA  . LEU A 1 66  ? -1.336  -4.854  2.390   1.00 19.26 ? 66  LEU A CA  1 
ATOM   502  C C   . LEU A 1 66  ? -0.216  -5.803  2.801   1.00 19.25 ? 66  LEU A C   1 
ATOM   503  O O   . LEU A 1 66  ? 0.971   -5.473  2.742   1.00 18.07 ? 66  LEU A O   1 
ATOM   504  C CB  . LEU A 1 66  ? -1.455  -4.848  0.864   1.00 20.64 ? 66  LEU A CB  1 
ATOM   505  C CG  . LEU A 1 66  ? -2.399  -3.820  0.225   1.00 27.37 ? 66  LEU A CG  1 
ATOM   506  C CD1 . LEU A 1 66  ? -2.641  -4.208  -1.239  1.00 26.18 ? 66  LEU A CD1 1 
ATOM   507  C CD2 . LEU A 1 66  ? -3.725  -3.768  0.984   1.00 29.67 ? 66  LEU A CD2 1 
ATOM   508  N N   . GLU A 1 67  ? -0.603  -7.003  3.208   1.00 19.40 ? 67  GLU A N   1 
ATOM   509  C CA  . GLU A 1 67  ? 0.353   -8.027  3.628   1.00 21.75 ? 67  GLU A CA  1 
ATOM   510  C C   . GLU A 1 67  ? 1.134   -8.558  2.417   1.00 22.19 ? 67  GLU A C   1 
ATOM   511  O O   . GLU A 1 67  ? 0.537   -8.828  1.371   1.00 23.42 ? 67  GLU A O   1 
ATOM   512  C CB  . GLU A 1 67  ? -0.402  -9.176  4.297   1.00 24.42 ? 67  GLU A CB  1 
ATOM   513  C CG  . GLU A 1 67  ? 0.475   -10.337 4.715   1.00 28.78 ? 67  GLU A CG  1 
ATOM   514  C CD  . GLU A 1 67  ? -0.249  -11.318 5.604   1.00 31.01 ? 67  GLU A CD  1 
ATOM   515  O OE1 . GLU A 1 67  ? -1.481  -11.199 5.771   1.00 29.39 ? 67  GLU A OE1 1 
ATOM   516  O OE2 . GLU A 1 67  ? 0.420   -12.216 6.147   1.00 35.86 ? 67  GLU A OE2 1 
ATOM   517  N N   . SER A 1 68  ? 2.455   -8.717  2.544   1.00 19.39 ? 68  SER A N   1 
ATOM   518  C CA  . SER A 1 68  ? 3.182   -8.408  3.776   1.00 18.18 ? 68  SER A CA  1 
ATOM   519  C C   . SER A 1 68  ? 4.128   -7.241  3.549   1.00 18.73 ? 68  SER A C   1 
ATOM   520  O O   . SER A 1 68  ? 4.552   -6.593  4.499   1.00 16.22 ? 68  SER A O   1 
ATOM   521  C CB  . SER A 1 68  ? 4.005   -9.602  4.275   1.00 22.52 ? 68  SER A CB  1 
ATOM   522  O OG  . SER A 1 68  ? 3.707   -10.773 3.558   1.00 28.37 ? 68  SER A OG  1 
ATOM   523  N N   . ARG A 1 69  ? 4.426   -6.951  2.282   1.00 18.29 ? 69  ARG A N   1 
ATOM   524  C CA  . ARG A 1 69  ? 5.353   -5.862  1.971   1.00 18.82 ? 69  ARG A CA  1 
ATOM   525  C C   . ARG A 1 69  ? 4.822   -4.495  2.338   1.00 17.53 ? 69  ARG A C   1 
ATOM   526  O O   . ARG A 1 69  ? 5.601   -3.578  2.616   1.00 17.50 ? 69  ARG A O   1 
ATOM   527  C CB  . ARG A 1 69  ? 5.750   -5.891  0.494   1.00 21.93 ? 69  ARG A CB  1 
ATOM   528  C CG  . ARG A 1 69  ? 6.598   -7.102  0.138   1.00 23.62 ? 69  ARG A CG  1 
ATOM   529  C CD  . ARG A 1 69  ? 7.115   -6.962  -1.272  1.00 32.17 ? 69  ARG A CD  1 
ATOM   530  N NE  . ARG A 1 69  ? 7.600   -8.217  -1.826  1.00 40.22 ? 69  ARG A NE  1 
ATOM   531  C CZ  . ARG A 1 69  ? 7.041   -8.830  -2.866  1.00 44.20 ? 69  ARG A CZ  1 
ATOM   532  N NH1 . ARG A 1 69  ? 5.974   -8.301  -3.459  1.00 38.77 ? 69  ARG A NH1 1 
ATOM   533  N NH2 . ARG A 1 69  ? 7.558   -9.967  -3.316  1.00 47.44 ? 69  ARG A NH2 1 
ATOM   534  N N   . GLY A 1 70  ? 3.502   -4.349  2.330   1.00 15.54 ? 70  GLY A N   1 
ATOM   535  C CA  . GLY A 1 70  ? 2.907   -3.084  2.720   1.00 16.45 ? 70  GLY A CA  1 
ATOM   536  C C   . GLY A 1 70  ? 3.126   -2.889  4.217   1.00 15.92 ? 70  GLY A C   1 
ATOM   537  O O   . GLY A 1 70  ? 3.081   -1.771  4.717   1.00 17.84 ? 70  GLY A O   1 
ATOM   538  N N   . PHE A 1 71  ? 3.360   -3.982  4.939   1.00 15.24 ? 71  PHE A N   1 
ATOM   539  C CA  . PHE A 1 71  ? 3.609   -3.898  6.383   1.00 18.37 ? 71  PHE A CA  1 
ATOM   540  C C   . PHE A 1 71  ? 4.992   -3.314  6.691   1.00 16.34 ? 71  PHE A C   1 
ATOM   541  O O   . PHE A 1 71  ? 5.233   -2.828  7.795   1.00 17.10 ? 71  PHE A O   1 
ATOM   542  C CB  . PHE A 1 71  ? 3.600   -5.283  7.045   1.00 19.10 ? 71  PHE A CB  1 
ATOM   543  C CG  . PHE A 1 71  ? 2.258   -5.974  7.076   1.00 18.54 ? 71  PHE A CG  1 
ATOM   544  C CD1 . PHE A 1 71  ? 1.123   -5.401  6.507   1.00 17.08 ? 71  PHE A CD1 1 
ATOM   545  C CD2 . PHE A 1 71  ? 2.141   -7.205  7.722   1.00 19.71 ? 71  PHE A CD2 1 
ATOM   546  C CE1 . PHE A 1 71  ? -0.119  -6.043  6.582   1.00 19.71 ? 71  PHE A CE1 1 
ATOM   547  C CE2 . PHE A 1 71  ? 0.906   -7.860  7.805   1.00 20.23 ? 71  PHE A CE2 1 
ATOM   548  C CZ  . PHE A 1 71  ? -0.228  -7.274  7.232   1.00 21.44 ? 71  PHE A CZ  1 
ATOM   549  N N   . LEU A 1 72  ? 5.906   -3.390  5.730   1.00 15.42 ? 72  LEU A N   1 
ATOM   550  C CA  . LEU A 1 72  ? 7.270   -2.925  5.957   1.00 16.54 ? 72  LEU A CA  1 
ATOM   551  C C   . LEU A 1 72  ? 7.411   -1.413  6.097   1.00 15.86 ? 72  LEU A C   1 
ATOM   552  O O   . LEU A 1 72  ? 8.280   -0.945  6.838   1.00 14.49 ? 72  LEU A O   1 
ATOM   553  C CB  . LEU A 1 72  ? 8.198   -3.464  4.854   1.00 14.64 ? 72  LEU A CB  1 
ATOM   554  C CG  . LEU A 1 72  ? 8.359   -4.994  4.857   1.00 16.61 ? 72  LEU A CG  1 
ATOM   555  C CD1 . LEU A 1 72  ? 8.972   -5.438  3.535   1.00 15.64 ? 72  LEU A CD1 1 
ATOM   556  C CD2 . LEU A 1 72  ? 9.219   -5.447  6.054   1.00 17.95 ? 72  LEU A CD2 1 
ATOM   557  N N   . PHE A 1 73  ? 6.563   -0.648  5.419   1.00 13.97 ? 73  PHE A N   1 
ATOM   558  C CA  . PHE A 1 73  ? 6.644   0.807   5.523   1.00 13.76 ? 73  PHE A CA  1 
ATOM   559  C C   . PHE A 1 73  ? 5.341   1.467   5.958   1.00 14.78 ? 73  PHE A C   1 
ATOM   560  O O   . PHE A 1 73  ? 5.356   2.594   6.436   1.00 14.36 ? 73  PHE A O   1 
ATOM   561  C CB  . PHE A 1 73  ? 7.131   1.440   4.198   1.00 15.44 ? 73  PHE A CB  1 
ATOM   562  C CG  . PHE A 1 73  ? 6.128   1.384   3.058   1.00 14.36 ? 73  PHE A CG  1 
ATOM   563  C CD1 . PHE A 1 73  ? 6.011   0.249   2.266   1.00 16.44 ? 73  PHE A CD1 1 
ATOM   564  C CD2 . PHE A 1 73  ? 5.324   2.486   2.767   1.00 15.43 ? 73  PHE A CD2 1 
ATOM   565  C CE1 . PHE A 1 73  ? 5.105   0.220   1.186   1.00 13.06 ? 73  PHE A CE1 1 
ATOM   566  C CE2 . PHE A 1 73  ? 4.417   2.474   1.700   1.00 14.89 ? 73  PHE A CE2 1 
ATOM   567  C CZ  . PHE A 1 73  ? 4.309   1.334   0.907   1.00 15.35 ? 73  PHE A CZ  1 
ATOM   568  N N   . GLY A 1 74  ? 4.225   0.759   5.814   1.00 16.14 ? 74  GLY A N   1 
ATOM   569  C CA  . GLY A 1 74  ? 2.924   1.319   6.180   1.00 15.89 ? 74  GLY A CA  1 
ATOM   570  C C   . GLY A 1 74  ? 2.804   1.787   7.617   1.00 15.07 ? 74  GLY A C   1 
ATOM   571  O O   . GLY A 1 74  ? 2.394   2.929   7.865   1.00 13.08 ? 74  GLY A O   1 
ATOM   572  N N   . PRO A 1 75  ? 3.117   0.921   8.600   1.00 14.62 ? 75  PRO A N   1 
ATOM   573  C CA  . PRO A 1 75  ? 3.022   1.338   10.003  1.00 13.98 ? 75  PRO A CA  1 
ATOM   574  C C   . PRO A 1 75  ? 3.922   2.533   10.291  1.00 15.39 ? 75  PRO A C   1 
ATOM   575  O O   . PRO A 1 75  ? 3.531   3.465   11.001  1.00 16.97 ? 75  PRO A O   1 
ATOM   576  C CB  . PRO A 1 75  ? 3.479   0.102   10.771  1.00 14.75 ? 75  PRO A CB  1 
ATOM   577  C CG  . PRO A 1 75  ? 3.023   -1.030  9.870   1.00 13.69 ? 75  PRO A CG  1 
ATOM   578  C CD  . PRO A 1 75  ? 3.396   -0.519  8.488   1.00 15.05 ? 75  PRO A CD  1 
ATOM   579  N N   . THR A 1 76  ? 5.145   2.503   9.756   1.00 14.20 ? 76  THR A N   1 
ATOM   580  C CA  . THR A 1 76  ? 6.077   3.610   10.000  1.00 15.12 ? 76  THR A CA  1 
ATOM   581  C C   . THR A 1 76  ? 5.536   4.932   9.434   1.00 15.16 ? 76  THR A C   1 
ATOM   582  O O   . THR A 1 76  ? 5.677   6.002   10.048  1.00 12.31 ? 76  THR A O   1 
ATOM   583  C CB  . THR A 1 76  ? 7.481   3.291   9.391   1.00 15.83 ? 76  THR A CB  1 
ATOM   584  O OG1 . THR A 1 76  ? 7.947   2.037   9.923   1.00 17.58 ? 76  THR A OG1 1 
ATOM   585  C CG2 . THR A 1 76  ? 8.502   4.397   9.752   1.00 17.02 ? 76  THR A CG2 1 
ATOM   586  N N   . LEU A 1 77  ? 4.924   4.867   8.261   1.00 13.23 ? 77  LEU A N   1 
ATOM   587  C CA  . LEU A 1 77  ? 4.350   6.064   7.653   1.00 14.70 ? 77  LEU A CA  1 
ATOM   588  C C   . LEU A 1 77  ? 3.174   6.569   8.497   1.00 14.61 ? 77  LEU A C   1 
ATOM   589  O O   . LEU A 1 77  ? 3.015   7.777   8.718   1.00 15.00 ? 77  LEU A O   1 
ATOM   590  C CB  . LEU A 1 77  ? 3.872   5.746   6.232   1.00 16.63 ? 77  LEU A CB  1 
ATOM   591  C CG  . LEU A 1 77  ? 3.085   6.835   5.488   1.00 13.72 ? 77  LEU A CG  1 
ATOM   592  C CD1 . LEU A 1 77  ? 3.947   8.094   5.335   1.00 14.23 ? 77  LEU A CD1 1 
ATOM   593  C CD2 . LEU A 1 77  ? 2.679   6.301   4.110   1.00 14.33 ? 77  LEU A CD2 1 
ATOM   594  N N   . ALA A 1 78  ? 2.360   5.635   8.981   1.00 14.24 ? 78  ALA A N   1 
ATOM   595  C CA  . ALA A 1 78  ? 1.208   5.984   9.813   1.00 14.98 ? 78  ALA A CA  1 
ATOM   596  C C   . ALA A 1 78  ? 1.711   6.758   11.034  1.00 15.12 ? 78  ALA A C   1 
ATOM   597  O O   . ALA A 1 78  ? 1.196   7.816   11.374  1.00 16.59 ? 78  ALA A O   1 
ATOM   598  C CB  . ALA A 1 78  ? 0.484   4.700   10.259  1.00 13.55 ? 78  ALA A CB  1 
ATOM   599  N N   . LEU A 1 79  ? 2.751   6.241   11.678  1.00 15.84 ? 79  LEU A N   1 
ATOM   600  C CA  . LEU A 1 79  ? 3.278   6.895   12.861  1.00 16.02 ? 79  LEU A CA  1 
ATOM   601  C C   . LEU A 1 79  ? 3.843   8.266   12.513  1.00 16.71 ? 79  LEU A C   1 
ATOM   602  O O   . LEU A 1 79  ? 3.645   9.224   13.262  1.00 18.23 ? 79  LEU A O   1 
ATOM   603  C CB  . LEU A 1 79  ? 4.332   5.994   13.530  1.00 16.27 ? 79  LEU A CB  1 
ATOM   604  C CG  . LEU A 1 79  ? 4.719   6.361   14.962  1.00 17.91 ? 79  LEU A CG  1 
ATOM   605  C CD1 . LEU A 1 79  ? 3.472   6.389   15.861  1.00 17.59 ? 79  LEU A CD1 1 
ATOM   606  C CD2 . LEU A 1 79  ? 5.728   5.330   15.481  1.00 21.32 ? 79  LEU A CD2 1 
ATOM   607  N N   . ALA A 1 80  ? 4.527   8.375   11.377  1.00 15.38 ? 80  ALA A N   1 
ATOM   608  C CA  . ALA A 1 80  ? 5.085   9.652   10.942  1.00 18.19 ? 80  ALA A CA  1 
ATOM   609  C C   . ALA A 1 80  ? 3.974   10.674  10.727  1.00 19.13 ? 80  ALA A C   1 
ATOM   610  O O   . ALA A 1 80  ? 4.162   11.859  10.968  1.00 17.76 ? 80  ALA A O   1 
ATOM   611  C CB  . ALA A 1 80  ? 5.885   9.478   9.639   1.00 18.02 ? 80  ALA A CB  1 
ATOM   612  N N   . LEU A 1 81  ? 2.816   10.210  10.269  1.00 17.21 ? 81  LEU A N   1 
ATOM   613  C CA  . LEU A 1 81  ? 1.676   11.084  10.023  1.00 17.86 ? 81  LEU A CA  1 
ATOM   614  C C   . LEU A 1 81  ? 0.828   11.326  11.255  1.00 18.33 ? 81  LEU A C   1 
ATOM   615  O O   . LEU A 1 81  ? -0.030  12.219  11.250  1.00 19.65 ? 81  LEU A O   1 
ATOM   616  C CB  . LEU A 1 81  ? 0.783   10.487  8.937   1.00 18.33 ? 81  LEU A CB  1 
ATOM   617  C CG  . LEU A 1 81  ? 1.363   10.383  7.525   1.00 17.24 ? 81  LEU A CG  1 
ATOM   618  C CD1 . LEU A 1 81  ? 0.493   9.442   6.688   1.00 17.64 ? 81  LEU A CD1 1 
ATOM   619  C CD2 . LEU A 1 81  ? 1.431   11.760  6.881   1.00 20.20 ? 81  LEU A CD2 1 
ATOM   620  N N   . GLY A 1 82  ? 1.047   10.529  12.299  1.00 16.70 ? 82  GLY A N   1 
ATOM   621  C CA  . GLY A 1 82  ? 0.267   10.677  13.518  1.00 17.24 ? 82  GLY A CA  1 
ATOM   622  C C   . GLY A 1 82  ? -1.111  10.081  13.321  1.00 15.80 ? 82  GLY A C   1 
ATOM   623  O O   . GLY A 1 82  ? -2.105  10.559  13.868  1.00 18.01 ? 82  GLY A O   1 
ATOM   624  N N   . VAL A 1 83  ? -1.181  9.017   12.535  1.00 17.81 ? 83  VAL A N   1 
ATOM   625  C CA  . VAL A 1 83  ? -2.465  8.385   12.278  1.00 17.00 ? 83  VAL A CA  1 
ATOM   626  C C   . VAL A 1 83  ? -2.371  6.900   12.580  1.00 18.23 ? 83  VAL A C   1 
ATOM   627  O O   . VAL A 1 83  ? -1.300  6.378   12.883  1.00 18.79 ? 83  VAL A O   1 
ATOM   628  C CB  . VAL A 1 83  ? -2.925  8.603   10.809  1.00 18.33 ? 83  VAL A CB  1 
ATOM   629  C CG1 . VAL A 1 83  ? -2.899  10.107  10.470  1.00 18.80 ? 83  VAL A CG1 1 
ATOM   630  C CG2 . VAL A 1 83  ? -2.027  7.807   9.830   1.00 17.57 ? 83  VAL A CG2 1 
ATOM   631  N N   . GLY A 1 84  ? -3.505  6.221   12.516  1.00 17.68 ? 84  GLY A N   1 
ATOM   632  C CA  . GLY A 1 84  ? -3.501  4.802   12.792  1.00 15.50 ? 84  GLY A CA  1 
ATOM   633  C C   . GLY A 1 84  ? -3.146  3.939   11.596  1.00 14.16 ? 84  GLY A C   1 
ATOM   634  O O   . GLY A 1 84  ? -3.172  4.377   10.447  1.00 15.82 ? 84  GLY A O   1 
ATOM   635  N N   . PHE A 1 85  ? -2.796  2.693   11.891  1.00 14.38 ? 85  PHE A N   1 
ATOM   636  C CA  . PHE A 1 85  ? -2.466  1.712   10.872  1.00 14.26 ? 85  PHE A CA  1 
ATOM   637  C C   . PHE A 1 85  ? -3.336  0.480   11.087  1.00 14.46 ? 85  PHE A C   1 
ATOM   638  O O   . PHE A 1 85  ? -3.516  0.032   12.224  1.00 16.93 ? 85  PHE A O   1 
ATOM   639  C CB  . PHE A 1 85  ? -1.000  1.278   10.969  1.00 12.37 ? 85  PHE A CB  1 
ATOM   640  C CG  . PHE A 1 85  ? -0.648  0.195   9.987   1.00 14.75 ? 85  PHE A CG  1 
ATOM   641  C CD1 . PHE A 1 85  ? -0.291  0.518   8.682   1.00 13.17 ? 85  PHE A CD1 1 
ATOM   642  C CD2 . PHE A 1 85  ? -0.782  -1.145  10.340  1.00 16.80 ? 85  PHE A CD2 1 
ATOM   643  C CE1 . PHE A 1 85  ? -0.079  -0.476  7.736   1.00 14.33 ? 85  PHE A CE1 1 
ATOM   644  C CE2 . PHE A 1 85  ? -0.572  -2.167  9.397   1.00 14.34 ? 85  PHE A CE2 1 
ATOM   645  C CZ  . PHE A 1 85  ? -0.220  -1.831  8.093   1.00 14.37 ? 85  PHE A CZ  1 
ATOM   646  N N   . VAL A 1 86  ? -3.857  -0.067  9.990   1.00 15.92 ? 86  VAL A N   1 
ATOM   647  C CA  . VAL A 1 86  ? -4.700  -1.257  10.003  1.00 16.54 ? 86  VAL A CA  1 
ATOM   648  C C   . VAL A 1 86  ? -4.239  -2.111  8.825   1.00 16.52 ? 86  VAL A C   1 
ATOM   649  O O   . VAL A 1 86  ? -4.027  -1.605  7.727   1.00 15.82 ? 86  VAL A O   1 
ATOM   650  C CB  . VAL A 1 86  ? -6.200  -0.873  9.833   1.00 17.62 ? 86  VAL A CB  1 
ATOM   651  C CG1 . VAL A 1 86  ? -7.051  -2.121  9.546   1.00 16.68 ? 86  VAL A CG1 1 
ATOM   652  C CG2 . VAL A 1 86  ? -6.681  -0.184  11.111  1.00 15.96 ? 86  VAL A CG2 1 
ATOM   653  N N   . PRO A 1 87  ? -4.065  -3.421  9.041   1.00 16.12 ? 87  PRO A N   1 
ATOM   654  C CA  . PRO A 1 87  ? -3.615  -4.274  7.943   1.00 16.69 ? 87  PRO A CA  1 
ATOM   655  C C   . PRO A 1 87  ? -4.723  -5.010  7.198   1.00 17.36 ? 87  PRO A C   1 
ATOM   656  O O   . PRO A 1 87  ? -5.799  -5.256  7.743   1.00 17.25 ? 87  PRO A O   1 
ATOM   657  C CB  . PRO A 1 87  ? -2.712  -5.266  8.652   1.00 18.61 ? 87  PRO A CB  1 
ATOM   658  C CG  . PRO A 1 87  ? -3.535  -5.539  9.933   1.00 14.96 ? 87  PRO A CG  1 
ATOM   659  C CD  . PRO A 1 87  ? -3.931  -4.115  10.338  1.00 18.72 ? 87  PRO A CD  1 
ATOM   660  N N   . VAL A 1 88  ? -4.458  -5.307  5.935   1.00 17.13 ? 88  VAL A N   1 
ATOM   661  C CA  . VAL A 1 88  ? -5.358  -6.149  5.151   1.00 19.74 ? 88  VAL A CA  1 
ATOM   662  C C   . VAL A 1 88  ? -4.490  -7.414  5.110   1.00 21.11 ? 88  VAL A C   1 
ATOM   663  O O   . VAL A 1 88  ? -3.317  -7.371  4.723   1.00 20.07 ? 88  VAL A O   1 
ATOM   664  C CB  . VAL A 1 88  ? -5.597  -5.626  3.727   1.00 18.31 ? 88  VAL A CB  1 
ATOM   665  C CG1 . VAL A 1 88  ? -6.208  -6.746  2.841   1.00 20.80 ? 88  VAL A CG1 1 
ATOM   666  C CG2 . VAL A 1 88  ? -6.561  -4.448  3.776   1.00 18.57 ? 88  VAL A CG2 1 
ATOM   667  N N   . ARG A 1 89  ? -5.044  -8.537  5.534   1.00 21.65 ? 89  ARG A N   1 
ATOM   668  C CA  . ARG A 1 89  ? -4.269  -9.759  5.558   1.00 21.93 ? 89  ARG A CA  1 
ATOM   669  C C   . ARG A 1 89  ? -4.836  -10.836 4.663   1.00 23.02 ? 89  ARG A C   1 
ATOM   670  O O   . ARG A 1 89  ? -6.003  -10.773 4.250   1.00 20.44 ? 89  ARG A O   1 
ATOM   671  C CB  . ARG A 1 89  ? -4.183  -10.300 6.995   1.00 21.88 ? 89  ARG A CB  1 
ATOM   672  C CG  . ARG A 1 89  ? -3.458  -9.389  7.981   1.00 25.94 ? 89  ARG A CG  1 
ATOM   673  C CD  . ARG A 1 89  ? -2.775  -10.194 9.090   1.00 24.35 ? 89  ARG A CD  1 
ATOM   674  N NE  . ARG A 1 89  ? -1.730  -11.066 8.551   1.00 24.63 ? 89  ARG A NE  1 
ATOM   675  C CZ  . ARG A 1 89  ? -0.963  -11.870 9.284   1.00 23.14 ? 89  ARG A CZ  1 
ATOM   676  N NH1 . ARG A 1 89  ? -1.109  -11.919 10.598  1.00 24.33 ? 89  ARG A NH1 1 
ATOM   677  N NH2 . ARG A 1 89  ? -0.063  -12.651 8.698   1.00 26.67 ? 89  ARG A NH2 1 
ATOM   678  N N   . LYS A 1 90  ? -3.986  -11.814 4.353   1.00 26.26 ? 90  LYS A N   1 
ATOM   679  C CA  . LYS A 1 90  ? -4.396  -12.968 3.567   1.00 29.28 ? 90  LYS A CA  1 
ATOM   680  C C   . LYS A 1 90  ? -5.442  -13.614 4.480   1.00 30.16 ? 90  LYS A C   1 
ATOM   681  O O   . LYS A 1 90  ? -5.291  -13.598 5.708   1.00 27.35 ? 90  LYS A O   1 
ATOM   682  C CB  . LYS A 1 90  ? -3.220  -13.935 3.382   1.00 32.58 ? 90  LYS A CB  1 
ATOM   683  C CG  . LYS A 1 90  ? -1.858  -13.276 3.165   1.00 38.87 ? 90  LYS A CG  1 
ATOM   684  C CD  . LYS A 1 90  ? -1.768  -12.567 1.826   1.00 42.50 ? 90  LYS A CD  1 
ATOM   685  C CE  . LYS A 1 90  ? -0.383  -11.953 1.614   1.00 45.38 ? 90  LYS A CE  1 
ATOM   686  N NZ  . LYS A 1 90  ? 0.686   -12.986 1.566   1.00 46.17 ? 90  LYS A NZ  1 
ATOM   687  N N   . ALA A 1 91  ? -6.492  -14.184 3.904   1.00 30.84 ? 91  ALA A N   1 
ATOM   688  C CA  . ALA A 1 91  ? -7.545  -14.787 4.718   1.00 33.65 ? 91  ALA A CA  1 
ATOM   689  C C   . ALA A 1 91  ? -7.049  -15.837 5.716   1.00 33.14 ? 91  ALA A C   1 
ATOM   690  O O   . ALA A 1 91  ? -6.075  -16.544 5.460   1.00 32.76 ? 91  ALA A O   1 
ATOM   691  C CB  . ALA A 1 91  ? -8.616  -15.395 3.817   1.00 35.47 ? 91  ALA A CB  1 
ATOM   692  N N   . GLY A 1 92  ? -7.721  -15.913 6.862   1.00 30.75 ? 92  GLY A N   1 
ATOM   693  C CA  . GLY A 1 92  ? -7.362  -16.890 7.871   1.00 31.13 ? 92  GLY A CA  1 
ATOM   694  C C   . GLY A 1 92  ? -6.346  -16.445 8.897   1.00 31.74 ? 92  GLY A C   1 
ATOM   695  O O   . GLY A 1 92  ? -6.117  -17.142 9.893   1.00 31.55 ? 92  GLY A O   1 
ATOM   696  N N   . LYS A 1 93  ? -5.752  -15.278 8.676   1.00 28.70 ? 93  LYS A N   1 
ATOM   697  C CA  . LYS A 1 93  ? -4.731  -14.760 9.579   1.00 27.55 ? 93  LYS A CA  1 
ATOM   698  C C   . LYS A 1 93  ? -5.261  -13.865 10.693  1.00 25.89 ? 93  LYS A C   1 
ATOM   699  O O   . LYS A 1 93  ? -4.757  -13.900 11.814  1.00 26.22 ? 93  LYS A O   1 
ATOM   700  C CB  . LYS A 1 93  ? -3.675  -14.005 8.766   1.00 29.67 ? 93  LYS A CB  1 
ATOM   701  C CG  . LYS A 1 93  ? -2.869  -14.895 7.806   1.00 29.64 ? 93  LYS A CG  1 
ATOM   702  C CD  . LYS A 1 93  ? -2.011  -15.891 8.580   1.00 34.61 ? 93  LYS A CD  1 
ATOM   703  C CE  . LYS A 1 93  ? -1.303  -16.877 7.659   1.00 37.98 ? 93  LYS A CE  1 
ATOM   704  N NZ  . LYS A 1 93  ? -0.371  -16.195 6.723   1.00 41.88 ? 93  LYS A NZ  1 
ATOM   705  N N   . LEU A 1 94  ? -6.277  -13.069 10.388  1.00 24.82 ? 94  LEU A N   1 
ATOM   706  C CA  . LEU A 1 94  ? -6.860  -12.155 11.367  1.00 27.03 ? 94  LEU A CA  1 
ATOM   707  C C   . LEU A 1 94  ? -7.892  -12.797 12.286  1.00 28.71 ? 94  LEU A C   1 
ATOM   708  O O   . LEU A 1 94  ? -8.752  -13.551 11.837  1.00 29.09 ? 94  LEU A O   1 
ATOM   709  C CB  . LEU A 1 94  ? -7.527  -10.985 10.652  1.00 23.06 ? 94  LEU A CB  1 
ATOM   710  C CG  . LEU A 1 94  ? -6.594  -10.039 9.891   1.00 24.75 ? 94  LEU A CG  1 
ATOM   711  C CD1 . LEU A 1 94  ? -7.410  -9.214  8.910   1.00 23.29 ? 94  LEU A CD1 1 
ATOM   712  C CD2 . LEU A 1 94  ? -5.850  -9.145  10.885  1.00 22.96 ? 94  LEU A CD2 1 
ATOM   713  N N   . PRO A 1 95  ? -7.822  -12.493 13.592  1.00 29.76 ? 95  PRO A N   1 
ATOM   714  C CA  . PRO A 1 95  ? -8.781  -13.050 14.551  1.00 30.46 ? 95  PRO A CA  1 
ATOM   715  C C   . PRO A 1 95  ? -10.004 -12.138 14.595  1.00 32.01 ? 95  PRO A C   1 
ATOM   716  O O   . PRO A 1 95  ? -9.919  -10.963 14.223  1.00 33.55 ? 95  PRO A O   1 
ATOM   717  C CB  . PRO A 1 95  ? -8.012  -13.004 15.864  1.00 31.41 ? 95  PRO A CB  1 
ATOM   718  C CG  . PRO A 1 95  ? -7.292  -11.702 15.741  1.00 28.05 ? 95  PRO A CG  1 
ATOM   719  C CD  . PRO A 1 95  ? -6.757  -11.755 14.295  1.00 30.70 ? 95  PRO A CD  1 
ATOM   720  N N   . GLY A 1 96  ? -11.133 -12.672 15.053  1.00 32.27 ? 96  GLY A N   1 
ATOM   721  C CA  . GLY A 1 96  ? -12.337 -11.870 15.153  1.00 29.44 ? 96  GLY A CA  1 
ATOM   722  C C   . GLY A 1 96  ? -13.118 -11.764 13.860  1.00 31.27 ? 96  GLY A C   1 
ATOM   723  O O   . GLY A 1 96  ? -12.755 -12.354 12.848  1.00 31.08 ? 96  GLY A O   1 
ATOM   724  N N   . GLU A 1 97  ? -14.197 -10.993 13.906  1.00 32.55 ? 97  GLU A N   1 
ATOM   725  C CA  . GLU A 1 97  ? -15.066 -10.776 12.756  1.00 32.60 ? 97  GLU A CA  1 
ATOM   726  C C   . GLU A 1 97  ? -14.366 -9.952  11.677  1.00 30.90 ? 97  GLU A C   1 
ATOM   727  O O   . GLU A 1 97  ? -13.904 -8.835  11.944  1.00 25.73 ? 97  GLU A O   1 
ATOM   728  C CB  . GLU A 1 97  ? -16.325 -10.035 13.198  1.00 38.16 ? 97  GLU A CB  1 
ATOM   729  C CG  . GLU A 1 97  ? -17.220 -10.808 14.142  1.00 45.42 ? 97  GLU A CG  1 
ATOM   730  C CD  . GLU A 1 97  ? -17.865 -12.004 13.474  1.00 49.50 ? 97  GLU A CD  1 
ATOM   731  O OE1 . GLU A 1 97  ? -17.196 -13.052 13.350  1.00 53.95 ? 97  GLU A OE1 1 
ATOM   732  O OE2 . GLU A 1 97  ? -19.040 -11.891 13.063  1.00 53.37 ? 97  GLU A OE2 1 
ATOM   733  N N   . CYS A 1 98  ? -14.320 -10.498 10.464  1.00 25.93 ? 98  CYS A N   1 
ATOM   734  C CA  . CYS A 1 98  ? -13.683 -9.836  9.326   1.00 29.07 ? 98  CYS A CA  1 
ATOM   735  C C   . CYS A 1 98  ? -14.546 -9.710  8.077   1.00 30.48 ? 98  CYS A C   1 
ATOM   736  O O   . CYS A 1 98  ? -15.420 -10.540 7.822   1.00 30.06 ? 98  CYS A O   1 
ATOM   737  C CB  . CYS A 1 98  ? -12.430 -10.604 8.892   1.00 26.71 ? 98  CYS A CB  1 
ATOM   738  S SG  . CYS A 1 98  ? -11.145 -10.740 10.110  1.00 28.33 ? 98  CYS A SG  1 
ATOM   739  N N   . PHE A 1 99  ? -14.298 -8.659  7.302   1.00 28.69 ? 99  PHE A N   1 
ATOM   740  C CA  . PHE A 1 99  ? -14.967 -8.503  6.024   1.00 27.06 ? 99  PHE A CA  1 
ATOM   741  C C   . PHE A 1 99  ? -14.032 -9.273  5.098   1.00 26.57 ? 99  PHE A C   1 
ATOM   742  O O   . PHE A 1 99  ? -12.841 -9.410  5.397   1.00 26.15 ? 99  PHE A O   1 
ATOM   743  C CB  . PHE A 1 99  ? -15.039 -7.038  5.602   1.00 26.55 ? 99  PHE A CB  1 
ATOM   744  C CG  . PHE A 1 99  ? -16.149 -6.281  6.266   1.00 28.67 ? 99  PHE A CG  1 
ATOM   745  C CD1 . PHE A 1 99  ? -15.894 -5.096  6.941   1.00 24.99 ? 99  PHE A CD1 1 
ATOM   746  C CD2 . PHE A 1 99  ? -17.454 -6.766  6.228   1.00 28.28 ? 99  PHE A CD2 1 
ATOM   747  C CE1 . PHE A 1 99  ? -16.912 -4.403  7.568   1.00 29.29 ? 99  PHE A CE1 1 
ATOM   748  C CE2 . PHE A 1 99  ? -18.487 -6.078  6.854   1.00 27.34 ? 99  PHE A CE2 1 
ATOM   749  C CZ  . PHE A 1 99  ? -18.219 -4.895  7.525   1.00 28.12 ? 99  PHE A CZ  1 
ATOM   750  N N   . LYS A 1 100 ? -14.560 -9.790  3.995   1.00 26.65 ? 100 LYS A N   1 
ATOM   751  C CA  . LYS A 1 100 ? -13.750 -10.567 3.061   1.00 27.26 ? 100 LYS A CA  1 
ATOM   752  C C   . LYS A 1 100 ? -13.907 -10.041 1.652   1.00 24.56 ? 100 LYS A C   1 
ATOM   753  O O   . LYS A 1 100 ? -14.934 -9.467  1.306   1.00 26.73 ? 100 LYS A O   1 
ATOM   754  C CB  . LYS A 1 100 ? -14.173 -12.046 3.091   1.00 33.45 ? 100 LYS A CB  1 
ATOM   755  C CG  . LYS A 1 100 ? -14.312 -12.627 4.492   1.00 38.38 ? 100 LYS A CG  1 
ATOM   756  C CD  . LYS A 1 100 ? -14.845 -14.054 4.455   1.00 43.10 ? 100 LYS A CD  1 
ATOM   757  C CE  . LYS A 1 100 ? -14.961 -14.630 5.867   1.00 46.34 ? 100 LYS A CE  1 
ATOM   758  N NZ  . LYS A 1 100 ? -15.337 -16.078 5.867   1.00 46.85 ? 100 LYS A NZ  1 
ATOM   759  N N   . ALA A 1 101 ? -12.874 -10.231 0.843   1.00 26.28 ? 101 ALA A N   1 
ATOM   760  C CA  . ALA A 1 101 ? -12.896 -9.795  -0.549  1.00 28.02 ? 101 ALA A CA  1 
ATOM   761  C C   . ALA A 1 101 ? -12.007 -10.755 -1.324  1.00 30.05 ? 101 ALA A C   1 
ATOM   762  O O   . ALA A 1 101 ? -10.988 -11.226 -0.819  1.00 28.64 ? 101 ALA A O   1 
ATOM   763  C CB  . ALA A 1 101 ? -12.390 -8.360  -0.683  1.00 22.94 ? 101 ALA A CB  1 
ATOM   764  N N   . THR A 1 102 ? -12.403 -11.050 -2.553  1.00 32.31 ? 102 THR A N   1 
ATOM   765  C CA  . THR A 1 102 ? -11.654 -11.988 -3.366  1.00 34.52 ? 102 THR A CA  1 
ATOM   766  C C   . THR A 1 102 ? -11.062 -11.376 -4.615  1.00 36.12 ? 102 THR A C   1 
ATOM   767  O O   . THR A 1 102 ? -11.673 -10.525 -5.263  1.00 36.97 ? 102 THR A O   1 
ATOM   768  C CB  . THR A 1 102 ? -12.556 -13.164 -3.808  1.00 35.52 ? 102 THR A CB  1 
ATOM   769  O OG1 . THR A 1 102 ? -13.234 -13.699 -2.663  1.00 36.46 ? 102 THR A OG1 1 
ATOM   770  C CG2 . THR A 1 102 ? -11.726 -14.263 -4.461  1.00 36.21 ? 102 THR A CG2 1 
ATOM   771  N N   . TYR A 1 103 ? -9.856  -11.813 -4.937  1.00 34.97 ? 103 TYR A N   1 
ATOM   772  C CA  . TYR A 1 103 ? -9.193  -11.379 -6.144  1.00 38.77 ? 103 TYR A CA  1 
ATOM   773  C C   . TYR A 1 103 ? -9.240  -12.626 -7.019  1.00 42.01 ? 103 TYR A C   1 
ATOM   774  O O   . TYR A 1 103 ? -8.489  -13.577 -6.781  1.00 39.31 ? 103 TYR A O   1 
ATOM   775  C CB  . TYR A 1 103 ? -7.739  -11.002 -5.875  1.00 40.49 ? 103 TYR A CB  1 
ATOM   776  C CG  . TYR A 1 103 ? -6.928  -10.818 -7.141  1.00 44.12 ? 103 TYR A CG  1 
ATOM   777  C CD1 . TYR A 1 103 ? -5.535  -10.919 -7.120  1.00 46.18 ? 103 TYR A CD1 1 
ATOM   778  C CD2 . TYR A 1 103 ? -7.555  -10.564 -8.368  1.00 45.30 ? 103 TYR A CD2 1 
ATOM   779  C CE1 . TYR A 1 103 ? -4.784  -10.779 -8.293  1.00 48.48 ? 103 TYR A CE1 1 
ATOM   780  C CE2 . TYR A 1 103 ? -6.817  -10.423 -9.542  1.00 48.39 ? 103 TYR A CE2 1 
ATOM   781  C CZ  . TYR A 1 103 ? -5.434  -10.532 -9.498  1.00 50.05 ? 103 TYR A CZ  1 
ATOM   782  O OH  . TYR A 1 103 ? -4.705  -10.397 -10.657 1.00 53.00 ? 103 TYR A OH  1 
ATOM   783  N N   . GLU A 1 104 ? -10.139 -12.632 -8.001  1.00 45.12 ? 104 GLU A N   1 
ATOM   784  C CA  . GLU A 1 104 ? -10.271 -13.773 -8.908  1.00 47.87 ? 104 GLU A CA  1 
ATOM   785  C C   . GLU A 1 104 ? -9.028  -13.862 -9.778  1.00 47.44 ? 104 GLU A C   1 
ATOM   786  O O   . GLU A 1 104 ? -8.239  -14.814 -9.594  1.00 47.56 ? 104 GLU A O   1 
ATOM   787  C CB  . GLU A 1 104 ? -11.494 -13.612 -9.812  1.00 47.87 ? 104 GLU A CB  1 
ATOM   788  C CG  . GLU A 1 104 ? -12.830 -13.650 -9.093  1.00 52.83 ? 104 GLU A CG  1 
ATOM   789  C CD  . GLU A 1 104 ? -13.045 -14.940 -8.326  1.00 54.98 ? 104 GLU A CD  1 
ATOM   790  O OE1 . GLU A 1 104 ? -12.713 -16.020 -8.866  1.00 57.06 ? 104 GLU A OE1 1 
ATOM   791  O OE2 . GLU A 1 104 ? -13.558 -14.876 -7.188  1.00 56.65 ? 104 GLU A OE2 1 
ATOM   792  N N   . SER A 1 109 ? -7.451  -17.914 -7.428  1.00 46.30 ? 109 SER A N   1 
ATOM   793  C CA  . SER A 1 109 ? -8.217  -16.999 -6.531  1.00 46.34 ? 109 SER A CA  1 
ATOM   794  C C   . SER A 1 109 ? -7.550  -16.785 -5.169  1.00 45.35 ? 109 SER A C   1 
ATOM   795  O O   . SER A 1 109 ? -7.119  -17.741 -4.524  1.00 44.35 ? 109 SER A O   1 
ATOM   796  C CB  . SER A 1 109 ? -9.627  -17.551 -6.325  1.00 48.39 ? 109 SER A CB  1 
ATOM   797  O OG  . SER A 1 109 ? -10.290 -16.865 -5.284  1.00 49.63 ? 109 SER A OG  1 
ATOM   798  N N   . ASP A 1 110 ? -7.477  -15.522 -4.747  1.00 42.11 ? 110 ASP A N   1 
ATOM   799  C CA  . ASP A 1 110 ? -6.885  -15.132 -3.465  1.00 40.35 ? 110 ASP A CA  1 
ATOM   800  C C   . ASP A 1 110 ? -7.922  -14.387 -2.634  1.00 37.37 ? 110 ASP A C   1 
ATOM   801  O O   . ASP A 1 110 ? -8.622  -13.522 -3.152  1.00 35.49 ? 110 ASP A O   1 
ATOM   802  C CB  . ASP A 1 110 ? -5.691  -14.202 -3.681  1.00 44.25 ? 110 ASP A CB  1 
ATOM   803  C CG  . ASP A 1 110 ? -4.424  -14.947 -4.029  1.00 48.89 ? 110 ASP A CG  1 
ATOM   804  O OD1 . ASP A 1 110 ? -3.432  -14.281 -4.399  1.00 50.26 ? 110 ASP A OD1 1 
ATOM   805  O OD2 . ASP A 1 110 ? -4.418  -16.191 -3.925  1.00 51.15 ? 110 ASP A OD2 1 
ATOM   806  N N   . LEU A 1 111 ? -8.005  -14.708 -1.348  1.00 33.89 ? 111 LEU A N   1 
ATOM   807  C CA  . LEU A 1 111 ? -8.969  -14.054 -0.470  1.00 34.76 ? 111 LEU A CA  1 
ATOM   808  C C   . LEU A 1 111 ? -8.270  -13.168 0.561   1.00 31.88 ? 111 LEU A C   1 
ATOM   809  O O   . LEU A 1 111 ? -7.241  -13.544 1.124   1.00 29.68 ? 111 LEU A O   1 
ATOM   810  C CB  . LEU A 1 111 ? -9.820  -15.106 0.239   1.00 39.01 ? 111 LEU A CB  1 
ATOM   811  C CG  . LEU A 1 111 ? -10.941 -14.625 1.168   1.00 44.40 ? 111 LEU A CG  1 
ATOM   812  C CD1 . LEU A 1 111 ? -11.997 -13.872 0.373   1.00 46.06 ? 111 LEU A CD1 1 
ATOM   813  C CD2 . LEU A 1 111 ? -11.566 -15.831 1.864   1.00 45.47 ? 111 LEU A CD2 1 
ATOM   814  N N   . PHE A 1 112 ? -8.833  -11.985 0.796   1.00 30.38 ? 112 PHE A N   1 
ATOM   815  C CA  . PHE A 1 112 ? -8.278  -11.043 1.764   1.00 28.62 ? 112 PHE A CA  1 
ATOM   816  C C   . PHE A 1 112 ? -9.314  -10.665 2.811   1.00 26.45 ? 112 PHE A C   1 
ATOM   817  O O   . PHE A 1 112 ? -10.518 -10.762 2.576   1.00 24.09 ? 112 PHE A O   1 
ATOM   818  C CB  . PHE A 1 112 ? -7.784  -9.776  1.062   1.00 28.39 ? 112 PHE A CB  1 
ATOM   819  C CG  . PHE A 1 112 ? -6.682  -10.026 0.087   1.00 32.92 ? 112 PHE A CG  1 
ATOM   820  C CD1 . PHE A 1 112 ? -6.962  -10.474 -1.204  1.00 33.15 ? 112 PHE A CD1 1 
ATOM   821  C CD2 . PHE A 1 112 ? -5.354  -9.865  0.472   1.00 33.29 ? 112 PHE A CD2 1 
ATOM   822  C CE1 . PHE A 1 112 ? -5.929  -10.764 -2.102  1.00 34.41 ? 112 PHE A CE1 1 
ATOM   823  C CE2 . PHE A 1 112 ? -4.313  -10.153 -0.417  1.00 34.55 ? 112 PHE A CE2 1 
ATOM   824  C CZ  . PHE A 1 112 ? -4.605  -10.605 -1.708  1.00 33.63 ? 112 PHE A CZ  1 
ATOM   825  N N   . GLU A 1 113 ? -8.837  -10.222 3.968   1.00 23.89 ? 113 GLU A N   1 
ATOM   826  C CA  . GLU A 1 113 ? -9.730  -9.837  5.045   1.00 21.76 ? 113 GLU A CA  1 
ATOM   827  C C   . GLU A 1 113 ? -9.225  -8.587  5.749   1.00 22.79 ? 113 GLU A C   1 
ATOM   828  O O   . GLU A 1 113 ? -8.046  -8.226  5.631   1.00 20.40 ? 113 GLU A O   1 
ATOM   829  C CB  . GLU A 1 113 ? -9.825  -10.960 6.092   1.00 23.16 ? 113 GLU A CB  1 
ATOM   830  C CG  . GLU A 1 113 ? -10.442 -12.280 5.602   1.00 26.43 ? 113 GLU A CG  1 
ATOM   831  C CD  . GLU A 1 113 ? -10.542 -13.329 6.706   1.00 27.93 ? 113 GLU A CD  1 
ATOM   832  O OE1 . GLU A 1 113 ? -9.493  -13.747 7.244   1.00 28.86 ? 113 GLU A OE1 1 
ATOM   833  O OE2 . GLU A 1 113 ? -11.675 -13.741 7.036   1.00 30.71 ? 113 GLU A OE2 1 
ATOM   834  N N   . ILE A 1 114 ? -10.140 -7.941  6.469   1.00 19.69 ? 114 ILE A N   1 
ATOM   835  C CA  . ILE A 1 114 ? -9.836  -6.778  7.291   1.00 20.21 ? 114 ILE A CA  1 
ATOM   836  C C   . ILE A 1 114 ? -10.792 -6.937  8.481   1.00 21.90 ? 114 ILE A C   1 
ATOM   837  O O   . ILE A 1 114 ? -11.913 -7.424  8.312   1.00 21.23 ? 114 ILE A O   1 
ATOM   838  C CB  . ILE A 1 114 ? -10.069 -5.440  6.533   1.00 21.16 ? 114 ILE A CB  1 
ATOM   839  C CG1 . ILE A 1 114 ? -9.325  -4.306  7.256   1.00 20.68 ? 114 ILE A CG1 1 
ATOM   840  C CG2 . ILE A 1 114 ? -11.562 -5.109  6.444   1.00 19.33 ? 114 ILE A CG2 1 
ATOM   841  C CD1 . ILE A 1 114 ? -9.115  -3.059  6.393   1.00 19.48 ? 114 ILE A CD1 1 
ATOM   842  N N   . GLN A 1 115 ? -10.346 -6.581  9.683   1.00 20.24 ? 115 GLN A N   1 
ATOM   843  C CA  . GLN A 1 115 ? -11.193 -6.715  10.865  1.00 22.81 ? 115 GLN A CA  1 
ATOM   844  C C   . GLN A 1 115 ? -12.329 -5.688  10.815  1.00 24.34 ? 115 GLN A C   1 
ATOM   845  O O   . GLN A 1 115 ? -12.096 -4.503  10.603  1.00 22.32 ? 115 GLN A O   1 
ATOM   846  C CB  . GLN A 1 115 ? -10.359 -6.530  12.134  1.00 20.11 ? 115 GLN A CB  1 
ATOM   847  C CG  . GLN A 1 115 ? -9.266  -7.588  12.321  1.00 23.24 ? 115 GLN A CG  1 
ATOM   848  C CD  . GLN A 1 115 ? -8.343  -7.270  13.484  1.00 27.12 ? 115 GLN A CD  1 
ATOM   849  O OE1 . GLN A 1 115 ? -7.801  -6.170  13.573  1.00 25.77 ? 115 GLN A OE1 1 
ATOM   850  N NE2 . GLN A 1 115 ? -8.155  -8.235  14.377  1.00 24.59 ? 115 GLN A NE2 1 
ATOM   851  N N   . LYS A 1 116 ? -13.559 -6.153  11.016  1.00 26.29 ? 116 LYS A N   1 
ATOM   852  C CA  . LYS A 1 116 ? -14.732 -5.280  10.967  1.00 26.90 ? 116 LYS A CA  1 
ATOM   853  C C   . LYS A 1 116 ? -14.689 -4.111  11.939  1.00 28.12 ? 116 LYS A C   1 
ATOM   854  O O   . LYS A 1 116 ? -15.168 -3.021  11.624  1.00 30.36 ? 116 LYS A O   1 
ATOM   855  C CB  . LYS A 1 116 ? -16.013 -6.093  11.228  1.00 29.07 ? 116 LYS A CB  1 
ATOM   856  C CG  . LYS A 1 116 ? -16.360 -7.116  10.140  1.00 29.70 ? 116 LYS A CG  1 
ATOM   857  C CD  . LYS A 1 116 ? -17.759 -7.695  10.383  1.00 30.76 ? 116 LYS A CD  1 
ATOM   858  C CE  . LYS A 1 116 ? -18.172 -8.652  9.280   1.00 32.73 ? 116 LYS A CE  1 
ATOM   859  N NZ  . LYS A 1 116 ? -19.569 -9.154  9.470   1.00 35.92 ? 116 LYS A NZ  1 
ATOM   860  N N   . ASN A 1 117 ? -14.112 -4.320  13.115  1.00 29.02 ? 117 ASN A N   1 
ATOM   861  C CA  . ASN A 1 117 ? -14.075 -3.250  14.109  1.00 32.99 ? 117 ASN A CA  1 
ATOM   862  C C   . ASN A 1 117 ? -12.840 -2.353  14.038  1.00 31.30 ? 117 ASN A C   1 
ATOM   863  O O   . ASN A 1 117 ? -12.689 -1.433  14.843  1.00 27.73 ? 117 ASN A O   1 
ATOM   864  C CB  . ASN A 1 117 ? -14.183 -3.849  15.518  1.00 37.06 ? 117 ASN A CB  1 
ATOM   865  C CG  . ASN A 1 117 ? -12.883 -4.486  15.989  1.00 44.89 ? 117 ASN A CG  1 
ATOM   866  O OD1 . ASN A 1 117 ? -12.278 -5.296  15.280  1.00 46.72 ? 117 ASN A OD1 1 
ATOM   867  N ND2 . ASN A 1 117 ? -12.449 -4.126  17.200  1.00 46.34 ? 117 ASN A ND2 1 
ATOM   868  N N   . ALA A 1 118 ? -11.970 -2.595  13.067  1.00 28.12 ? 118 ALA A N   1 
ATOM   869  C CA  . ALA A 1 118 ? -10.739 -1.818  12.980  1.00 27.51 ? 118 ALA A CA  1 
ATOM   870  C C   . ALA A 1 118 ? -10.879 -0.362  12.577  1.00 24.86 ? 118 ALA A C   1 
ATOM   871  O O   . ALA A 1 118 ? -10.153 0.487   13.094  1.00 25.21 ? 118 ALA A O   1 
ATOM   872  C CB  . ALA A 1 118 ? -9.746  -2.516  12.037  1.00 28.00 ? 118 ALA A CB  1 
ATOM   873  N N   . ILE A 1 119 ? -11.814 -0.076  11.676  1.00 22.89 ? 119 ILE A N   1 
ATOM   874  C CA  . ILE A 1 119 ? -12.004 1.271   11.138  1.00 22.99 ? 119 ILE A CA  1 
ATOM   875  C C   . ILE A 1 119 ? -13.464 1.742   11.152  1.00 24.08 ? 119 ILE A C   1 
ATOM   876  O O   . ILE A 1 119 ? -14.322 1.127   10.533  1.00 24.16 ? 119 ILE A O   1 
ATOM   877  C CB  . ILE A 1 119 ? -11.490 1.308   9.683   1.00 20.91 ? 119 ILE A CB  1 
ATOM   878  C CG1 . ILE A 1 119 ? -9.979  1.040   9.673   1.00 25.65 ? 119 ILE A CG1 1 
ATOM   879  C CG2 . ILE A 1 119 ? -11.814 2.629   9.027   1.00 24.13 ? 119 ILE A CG2 1 
ATOM   880  C CD1 . ILE A 1 119 ? -9.377  0.939   8.287   1.00 21.87 ? 119 ILE A CD1 1 
ATOM   881  N N   . PRO A 1 120 ? -13.755 2.850   11.848  1.00 24.43 ? 120 PRO A N   1 
ATOM   882  C CA  . PRO A 1 120 ? -15.137 3.351   11.897  1.00 25.97 ? 120 PRO A CA  1 
ATOM   883  C C   . PRO A 1 120 ? -15.637 3.846   10.543  1.00 25.52 ? 120 PRO A C   1 
ATOM   884  O O   . PRO A 1 120 ? -14.866 4.356   9.726   1.00 24.28 ? 120 PRO A O   1 
ATOM   885  C CB  . PRO A 1 120 ? -15.062 4.493   12.910  1.00 25.41 ? 120 PRO A CB  1 
ATOM   886  C CG  . PRO A 1 120 ? -13.914 4.116   13.781  1.00 29.67 ? 120 PRO A CG  1 
ATOM   887  C CD  . PRO A 1 120 ? -12.898 3.599   12.779  1.00 25.08 ? 120 PRO A CD  1 
ATOM   888  N N   . ALA A 1 121 ? -16.940 3.710   10.311  1.00 24.50 ? 121 ALA A N   1 
ATOM   889  C CA  . ALA A 1 121 ? -17.535 4.172   9.070   1.00 24.00 ? 121 ALA A CA  1 
ATOM   890  C C   . ALA A 1 121 ? -17.238 5.660   8.934   1.00 24.55 ? 121 ALA A C   1 
ATOM   891  O O   . ALA A 1 121 ? -17.176 6.378   9.934   1.00 26.48 ? 121 ALA A O   1 
ATOM   892  C CB  . ALA A 1 121 ? -19.053 3.930   9.092   1.00 27.53 ? 121 ALA A CB  1 
ATOM   893  N N   . GLY A 1 122 ? -17.033 6.113   7.705   1.00 25.72 ? 122 GLY A N   1 
ATOM   894  C CA  . GLY A 1 122 ? -16.748 7.518   7.465   1.00 25.51 ? 122 GLY A CA  1 
ATOM   895  C C   . GLY A 1 122 ? -15.278 7.899   7.550   1.00 25.15 ? 122 GLY A C   1 
ATOM   896  O O   . GLY A 1 122 ? -14.909 9.023   7.218   1.00 24.18 ? 122 GLY A O   1 
ATOM   897  N N   . SER A 1 123 ? -14.432 6.976   7.991   1.00 24.46 ? 123 SER A N   1 
ATOM   898  C CA  . SER A 1 123 ? -12.998 7.259   8.092   1.00 23.70 ? 123 SER A CA  1 
ATOM   899  C C   . SER A 1 123 ? -12.370 7.475   6.716   1.00 22.71 ? 123 SER A C   1 
ATOM   900  O O   . SER A 1 123 ? -12.815 6.900   5.720   1.00 23.42 ? 123 SER A O   1 
ATOM   901  C CB  . SER A 1 123 ? -12.279 6.100   8.781   1.00 22.31 ? 123 SER A CB  1 
ATOM   902  O OG  . SER A 1 123 ? -12.675 5.965   10.127  1.00 24.55 ? 123 SER A OG  1 
ATOM   903  N N   . ASN A 1 124 ? -11.351 8.325   6.649   1.00 20.99 ? 124 ASN A N   1 
ATOM   904  C CA  . ASN A 1 124 ? -10.661 8.550   5.387   1.00 21.11 ? 124 ASN A CA  1 
ATOM   905  C C   . ASN A 1 124 ? -9.353  7.779   5.461   1.00 22.46 ? 124 ASN A C   1 
ATOM   906  O O   . ASN A 1 124 ? -8.569  7.967   6.400   1.00 20.91 ? 124 ASN A O   1 
ATOM   907  C CB  . ASN A 1 124 ? -10.377 10.031  5.147   1.00 21.40 ? 124 ASN A CB  1 
ATOM   908  C CG  . ASN A 1 124 ? -11.638 10.829  4.919   1.00 27.26 ? 124 ASN A CG  1 
ATOM   909  O OD1 . ASN A 1 124 ? -12.622 10.318  4.371   1.00 23.45 ? 124 ASN A OD1 1 
ATOM   910  N ND2 . ASN A 1 124 ? -11.612 12.098  5.314   1.00 26.52 ? 124 ASN A ND2 1 
ATOM   911  N N   . VAL A 1 125 ? -9.115  6.920   4.474   1.00 17.72 ? 125 VAL A N   1 
ATOM   912  C CA  . VAL A 1 125 ? -7.910  6.103   4.488   1.00 18.28 ? 125 VAL A CA  1 
ATOM   913  C C   . VAL A 1 125 ? -7.093  6.124   3.205   1.00 17.93 ? 125 VAL A C   1 
ATOM   914  O O   . VAL A 1 125 ? -7.557  6.556   2.137   1.00 17.40 ? 125 VAL A O   1 
ATOM   915  C CB  . VAL A 1 125 ? -8.247  4.609   4.812   1.00 20.51 ? 125 VAL A CB  1 
ATOM   916  C CG1 . VAL A 1 125 ? -9.238  4.528   5.964   1.00 22.10 ? 125 VAL A CG1 1 
ATOM   917  C CG2 . VAL A 1 125 ? -8.791  3.907   3.586   1.00 20.05 ? 125 VAL A CG2 1 
ATOM   918  N N   . ILE A 1 126 ? -5.851  5.670   3.343   1.00 16.68 ? 126 ILE A N   1 
ATOM   919  C CA  . ILE A 1 126 ? -4.909  5.553   2.244   1.00 15.04 ? 126 ILE A CA  1 
ATOM   920  C C   . ILE A 1 126 ? -4.484  4.085   2.266   1.00 15.59 ? 126 ILE A C   1 
ATOM   921  O O   . ILE A 1 126 ? -4.121  3.571   3.325   1.00 16.71 ? 126 ILE A O   1 
ATOM   922  C CB  . ILE A 1 126 ? -3.616  6.384   2.487   1.00 13.70 ? 126 ILE A CB  1 
ATOM   923  C CG1 . ILE A 1 126 ? -3.939  7.878   2.606   1.00 15.19 ? 126 ILE A CG1 1 
ATOM   924  C CG2 . ILE A 1 126 ? -2.625  6.173   1.339   1.00 14.23 ? 126 ILE A CG2 1 
ATOM   925  C CD1 . ILE A 1 126 ? -4.405  8.532   1.298   1.00 20.11 ? 126 ILE A CD1 1 
ATOM   926  N N   . ILE A 1 127 ? -4.543  3.407   1.122   1.00 14.53 ? 127 ILE A N   1 
ATOM   927  C CA  . ILE A 1 127 ? -4.082  2.025   1.057   1.00 14.58 ? 127 ILE A CA  1 
ATOM   928  C C   . ILE A 1 127 ? -2.655  2.076   0.511   1.00 12.04 ? 127 ILE A C   1 
ATOM   929  O O   . ILE A 1 127 ? -2.389  2.788   -0.463  1.00 17.08 ? 127 ILE A O   1 
ATOM   930  C CB  . ILE A 1 127 ? -4.969  1.168   0.115   1.00 14.33 ? 127 ILE A CB  1 
ATOM   931  C CG1 . ILE A 1 127 ? -6.293  0.847   0.813   1.00 16.21 ? 127 ILE A CG1 1 
ATOM   932  C CG2 . ILE A 1 127 ? -4.237  -0.131  -0.278  1.00 16.22 ? 127 ILE A CG2 1 
ATOM   933  C CD1 . ILE A 1 127 ? -7.362  0.266   -0.131  1.00 15.78 ? 127 ILE A CD1 1 
ATOM   934  N N   . VAL A 1 128 ? -1.727  1.355   1.144   1.00 14.41 ? 128 VAL A N   1 
ATOM   935  C CA  . VAL A 1 128 ? -0.341  1.346   0.675   1.00 14.33 ? 128 VAL A CA  1 
ATOM   936  C C   . VAL A 1 128 ? 0.196   -0.062  0.476   1.00 15.51 ? 128 VAL A C   1 
ATOM   937  O O   . VAL A 1 128 ? -0.205  -0.999  1.176   1.00 17.03 ? 128 VAL A O   1 
ATOM   938  C CB  . VAL A 1 128 ? 0.628   2.048   1.667   1.00 14.72 ? 128 VAL A CB  1 
ATOM   939  C CG1 . VAL A 1 128 ? 0.144   3.457   1.972   1.00 14.90 ? 128 VAL A CG1 1 
ATOM   940  C CG2 . VAL A 1 128 ? 0.742   1.242   2.957   1.00 13.36 ? 128 VAL A CG2 1 
ATOM   941  N N   . ASP A 1 129 ? 1.116   -0.203  -0.473  1.00 17.15 ? 129 ASP A N   1 
ATOM   942  C CA  . ASP A 1 129 ? 1.767   -1.488  -0.754  1.00 16.68 ? 129 ASP A CA  1 
ATOM   943  C C   . ASP A 1 129 ? 3.053   -1.166  -1.493  1.00 15.86 ? 129 ASP A C   1 
ATOM   944  O O   . ASP A 1 129 ? 3.231   -0.046  -1.986  1.00 14.40 ? 129 ASP A O   1 
ATOM   945  C CB  . ASP A 1 129 ? 0.886   -2.411  -1.607  1.00 17.04 ? 129 ASP A CB  1 
ATOM   946  C CG  . ASP A 1 129 ? 1.311   -3.877  -1.496  1.00 17.49 ? 129 ASP A CG  1 
ATOM   947  O OD1 . ASP A 1 129 ? 2.202   -4.177  -0.672  1.00 16.48 ? 129 ASP A OD1 1 
ATOM   948  O OD2 . ASP A 1 129 ? 0.761   -4.742  -2.218  1.00 18.53 ? 129 ASP A OD2 1 
ATOM   949  N N   . ASP A 1 130 ? 3.964   -2.122  -1.593  1.00 17.52 ? 130 ASP A N   1 
ATOM   950  C CA  . ASP A 1 130 ? 5.203   -1.780  -2.262  1.00 18.79 ? 130 ASP A CA  1 
ATOM   951  C C   . ASP A 1 130 ? 5.040   -1.658  -3.769  1.00 19.95 ? 130 ASP A C   1 
ATOM   952  O O   . ASP A 1 130 ? 5.356   -0.621  -4.347  1.00 21.33 ? 130 ASP A O   1 
ATOM   953  C CB  . ASP A 1 130 ? 6.320   -2.774  -1.914  1.00 21.87 ? 130 ASP A CB  1 
ATOM   954  C CG  . ASP A 1 130 ? 6.160   -4.113  -2.594  1.00 30.45 ? 130 ASP A CG  1 
ATOM   955  O OD1 . ASP A 1 130 ? 7.210   -4.723  -2.919  1.00 31.26 ? 130 ASP A OD1 1 
ATOM   956  O OD2 . ASP A 1 130 ? 5.008   -4.563  -2.792  1.00 31.19 ? 130 ASP A OD2 1 
ATOM   957  N N   . ILE A 1 131 ? 4.517   -2.701  -4.397  1.00 19.10 ? 131 ILE A N   1 
ATOM   958  C CA  . ILE A 1 131 ? 4.360   -2.693  -5.838  1.00 22.16 ? 131 ILE A CA  1 
ATOM   959  C C   . ILE A 1 131 ? 2.947   -2.922  -6.336  1.00 20.30 ? 131 ILE A C   1 
ATOM   960  O O   . ILE A 1 131 ? 2.234   -3.773  -5.824  1.00 24.29 ? 131 ILE A O   1 
ATOM   961  C CB  . ILE A 1 131 ? 5.192   -3.805  -6.485  1.00 25.83 ? 131 ILE A CB  1 
ATOM   962  C CG1 . ILE A 1 131 ? 6.657   -3.673  -6.081  1.00 27.83 ? 131 ILE A CG1 1 
ATOM   963  C CG2 . ILE A 1 131 ? 5.024   -3.753  -8.009  1.00 29.78 ? 131 ILE A CG2 1 
ATOM   964  C CD1 . ILE A 1 131 ? 7.456   -4.930  -6.359  1.00 32.74 ? 131 ILE A CD1 1 
ATOM   965  N N   . ILE A 1 132 ? 2.542   -2.155  -7.335  1.00 21.95 ? 132 ILE A N   1 
ATOM   966  C CA  . ILE A 1 132 ? 1.254   -2.415  -7.946  1.00 23.17 ? 132 ILE A CA  1 
ATOM   967  C C   . ILE A 1 132 ? 1.639   -3.049  -9.282  1.00 24.33 ? 132 ILE A C   1 
ATOM   968  O O   . ILE A 1 132 ? 2.361   -2.455  -10.095 1.00 23.96 ? 132 ILE A O   1 
ATOM   969  C CB  . ILE A 1 132 ? 0.401   -1.144  -8.169  1.00 23.75 ? 132 ILE A CB  1 
ATOM   970  C CG1 . ILE A 1 132 ? -0.882  -1.532  -8.912  1.00 25.87 ? 132 ILE A CG1 1 
ATOM   971  C CG2 . ILE A 1 132 ? 1.189   -0.078  -8.916  1.00 26.05 ? 132 ILE A CG2 1 
ATOM   972  C CD1 . ILE A 1 132 ? -1.830  -0.382  -9.145  1.00 30.21 ? 132 ILE A CD1 1 
ATOM   973  N N   . ALA A 1 133 ? 1.217   -4.290  -9.467  1.00 26.29 ? 133 ALA A N   1 
ATOM   974  C CA  . ALA A 1 133 ? 1.496   -5.006  -10.701 1.00 28.99 ? 133 ALA A CA  1 
ATOM   975  C C   . ALA A 1 133 ? 0.146   -5.151  -11.385 1.00 26.29 ? 133 ALA A C   1 
ATOM   976  O O   . ALA A 1 133 ? -0.298  -4.229  -12.059 1.00 28.29 ? 133 ALA A O   1 
ATOM   977  C CB  . ALA A 1 133 ? 2.099   -6.365  -10.399 1.00 29.06 ? 133 ALA A CB  1 
ATOM   978  N N   . THR A 1 134 ? -0.522  -6.281  -11.183 1.00 29.11 ? 134 THR A N   1 
ATOM   979  C CA  . THR A 1 134 ? -1.830  -6.489  -11.802 1.00 32.09 ? 134 THR A CA  1 
ATOM   980  C C   . THR A 1 134 ? -2.892  -5.626  -11.119 1.00 32.24 ? 134 THR A C   1 
ATOM   981  O O   . THR A 1 134 ? -3.904  -5.270  -11.732 1.00 31.57 ? 134 THR A O   1 
ATOM   982  C CB  . THR A 1 134 ? -2.290  -7.958  -11.710 1.00 33.65 ? 134 THR A CB  1 
ATOM   983  O OG1 . THR A 1 134 ? -2.748  -8.241  -10.381 1.00 33.87 ? 134 THR A OG1 1 
ATOM   984  C CG2 . THR A 1 134 ? -1.153  -8.897  -12.071 1.00 33.73 ? 134 THR A CG2 1 
ATOM   985  N N   . GLY A 1 135 ? -2.659  -5.295  -9.849  1.00 30.94 ? 135 GLY A N   1 
ATOM   986  C CA  . GLY A 1 135 ? -3.606  -4.474  -9.113  1.00 29.12 ? 135 GLY A CA  1 
ATOM   987  C C   . GLY A 1 135 ? -4.706  -5.276  -8.443  1.00 28.54 ? 135 GLY A C   1 
ATOM   988  O O   . GLY A 1 135 ? -5.574  -4.720  -7.783  1.00 25.14 ? 135 GLY A O   1 
ATOM   989  N N   . GLY A 1 136 ? -4.662  -6.595  -8.597  1.00 29.61 ? 136 GLY A N   1 
ATOM   990  C CA  . GLY A 1 136 ? -5.682  -7.444  -8.006  1.00 29.70 ? 136 GLY A CA  1 
ATOM   991  C C   . GLY A 1 136 ? -5.788  -7.403  -6.492  1.00 27.41 ? 136 GLY A C   1 
ATOM   992  O O   . GLY A 1 136 ? -6.884  -7.297  -5.943  1.00 25.51 ? 136 GLY A O   1 
ATOM   993  N N   . SER A 1 137 ? -4.663  -7.490  -5.799  1.00 25.58 ? 137 SER A N   1 
ATOM   994  C CA  . SER A 1 137 ? -4.717  -7.467  -4.352  1.00 25.03 ? 137 SER A CA  1 
ATOM   995  C C   . SER A 1 137 ? -5.131  -6.078  -3.858  1.00 25.52 ? 137 SER A C   1 
ATOM   996  O O   . SER A 1 137 ? -5.870  -5.956  -2.886  1.00 24.68 ? 137 SER A O   1 
ATOM   997  C CB  . SER A 1 137 ? -3.366  -7.890  -3.757  1.00 28.02 ? 137 SER A CB  1 
ATOM   998  O OG  . SER A 1 137 ? -2.309  -7.102  -4.262  1.00 32.27 ? 137 SER A OG  1 
ATOM   999  N N   . ALA A 1 138 ? -4.666  -5.032  -4.530  1.00 23.13 ? 138 ALA A N   1 
ATOM   1000 C CA  . ALA A 1 138 ? -5.033  -3.677  -4.121  1.00 22.48 ? 138 ALA A CA  1 
ATOM   1001 C C   . ALA A 1 138 ? -6.540  -3.475  -4.326  1.00 21.37 ? 138 ALA A C   1 
ATOM   1002 O O   . ALA A 1 138 ? -7.220  -2.886  -3.481  1.00 22.56 ? 138 ALA A O   1 
ATOM   1003 C CB  . ALA A 1 138 ? -4.243  -2.659  -4.928  1.00 20.62 ? 138 ALA A CB  1 
ATOM   1004 N N   . ALA A 1 139 ? -7.060  -3.975  -5.441  1.00 20.24 ? 139 ALA A N   1 
ATOM   1005 C CA  . ALA A 1 139 ? -8.491  -3.868  -5.728  1.00 22.59 ? 139 ALA A CA  1 
ATOM   1006 C C   . ALA A 1 139 ? -9.315  -4.520  -4.619  1.00 23.34 ? 139 ALA A C   1 
ATOM   1007 O O   . ALA A 1 139 ? -10.329 -3.975  -4.181  1.00 22.77 ? 139 ALA A O   1 
ATOM   1008 C CB  . ALA A 1 139 ? -8.810  -4.535  -7.071  1.00 22.41 ? 139 ALA A CB  1 
ATOM   1009 N N   . ALA A 1 140 ? -8.877  -5.695  -4.174  1.00 23.22 ? 140 ALA A N   1 
ATOM   1010 C CA  . ALA A 1 140 ? -9.575  -6.412  -3.115  1.00 21.59 ? 140 ALA A CA  1 
ATOM   1011 C C   . ALA A 1 140 ? -9.555  -5.580  -1.833  1.00 23.10 ? 140 ALA A C   1 
ATOM   1012 O O   . ALA A 1 140 ? -10.551 -5.510  -1.120  1.00 19.99 ? 140 ALA A O   1 
ATOM   1013 C CB  . ALA A 1 140 ? -8.912  -7.764  -2.878  1.00 21.33 ? 140 ALA A CB  1 
ATOM   1014 N N   . ALA A 1 141 ? -8.418  -4.947  -1.540  1.00 23.54 ? 141 ALA A N   1 
ATOM   1015 C CA  . ALA A 1 141 ? -8.319  -4.114  -0.342  1.00 21.14 ? 141 ALA A CA  1 
ATOM   1016 C C   . ALA A 1 141 ? -9.317  -2.948  -0.451  1.00 20.27 ? 141 ALA A C   1 
ATOM   1017 O O   . ALA A 1 141 ? -9.919  -2.536  0.545   1.00 21.34 ? 141 ALA A O   1 
ATOM   1018 C CB  . ALA A 1 141 ? -6.888  -3.589  -0.180  1.00 20.13 ? 141 ALA A CB  1 
ATOM   1019 N N   . GLY A 1 142 ? -9.482  -2.416  -1.658  1.00 20.30 ? 142 GLY A N   1 
ATOM   1020 C CA  . GLY A 1 142 ? -10.438 -1.342  -1.870  1.00 20.73 ? 142 GLY A CA  1 
ATOM   1021 C C   . GLY A 1 142 ? -11.849 -1.785  -1.497  1.00 22.58 ? 142 GLY A C   1 
ATOM   1022 O O   . GLY A 1 142 ? -12.615 -1.043  -0.874  1.00 19.84 ? 142 GLY A O   1 
ATOM   1023 N N   . GLU A 1 143 ? -12.200 -3.010  -1.875  1.00 24.22 ? 143 GLU A N   1 
ATOM   1024 C CA  . GLU A 1 143 ? -13.519 -3.549  -1.563  1.00 23.82 ? 143 GLU A CA  1 
ATOM   1025 C C   . GLU A 1 143 ? -13.695 -3.684  -0.055  1.00 22.64 ? 143 GLU A C   1 
ATOM   1026 O O   . GLU A 1 143 ? -14.779 -3.419  0.482   1.00 23.34 ? 143 GLU A O   1 
ATOM   1027 C CB  . GLU A 1 143 ? -13.704 -4.916  -2.234  1.00 26.56 ? 143 GLU A CB  1 
ATOM   1028 C CG  . GLU A 1 143 ? -13.890 -4.828  -3.739  1.00 29.86 ? 143 GLU A CG  1 
ATOM   1029 C CD  . GLU A 1 143 ? -13.930 -6.189  -4.417  1.00 36.56 ? 143 GLU A CD  1 
ATOM   1030 O OE1 . GLU A 1 143 ? -14.436 -7.155  -3.803  1.00 36.82 ? 143 GLU A OE1 1 
ATOM   1031 O OE2 . GLU A 1 143 ? -13.461 -6.288  -5.574  1.00 36.84 ? 143 GLU A OE2 1 
ATOM   1032 N N   . LEU A 1 144 ? -12.635 -4.094  0.633   1.00 18.71 ? 144 LEU A N   1 
ATOM   1033 C CA  . LEU A 1 144 ? -12.703 -4.245  2.079   1.00 19.12 ? 144 LEU A CA  1 
ATOM   1034 C C   . LEU A 1 144 ? -12.970 -2.887  2.709   1.00 20.98 ? 144 LEU A C   1 
ATOM   1035 O O   . LEU A 1 144 ? -13.770 -2.766  3.639   1.00 21.52 ? 144 LEU A O   1 
ATOM   1036 C CB  . LEU A 1 144 ? -11.393 -4.834  2.621   1.00 17.87 ? 144 LEU A CB  1 
ATOM   1037 C CG  . LEU A 1 144 ? -11.198 -6.304  2.224   1.00 19.03 ? 144 LEU A CG  1 
ATOM   1038 C CD1 . LEU A 1 144 ? -9.774  -6.770  2.481   1.00 17.45 ? 144 LEU A CD1 1 
ATOM   1039 C CD2 . LEU A 1 144 ? -12.184 -7.152  3.023   1.00 23.25 ? 144 LEU A CD2 1 
ATOM   1040 N N   . VAL A 1 145 ? -12.293 -1.865  2.197   1.00 20.37 ? 145 VAL A N   1 
ATOM   1041 C CA  . VAL A 1 145 ? -12.460 -0.505  2.703   1.00 20.42 ? 145 VAL A CA  1 
ATOM   1042 C C   . VAL A 1 145 ? -13.896 -0.030  2.480   1.00 21.64 ? 145 VAL A C   1 
ATOM   1043 O O   . VAL A 1 145 ? -14.486 0.635   3.336   1.00 24.60 ? 145 VAL A O   1 
ATOM   1044 C CB  . VAL A 1 145 ? -11.458 0.457   2.009   1.00 22.16 ? 145 VAL A CB  1 
ATOM   1045 C CG1 . VAL A 1 145 ? -11.826 1.912   2.298   1.00 23.78 ? 145 VAL A CG1 1 
ATOM   1046 C CG2 . VAL A 1 145 ? -10.037 0.175   2.528   1.00 18.88 ? 145 VAL A CG2 1 
ATOM   1047 N N   . GLU A 1 146 ? -14.454 -0.386  1.330   1.00 24.31 ? 146 GLU A N   1 
ATOM   1048 C CA  . GLU A 1 146 ? -15.830 -0.031  0.985   1.00 26.89 ? 146 GLU A CA  1 
ATOM   1049 C C   . GLU A 1 146 ? -16.797 -0.671  1.985   1.00 25.78 ? 146 GLU A C   1 
ATOM   1050 O O   . GLU A 1 146 ? -17.753 -0.036  2.436   1.00 27.10 ? 146 GLU A O   1 
ATOM   1051 C CB  . GLU A 1 146 ? -16.151 -0.526  -0.428  1.00 29.88 ? 146 GLU A CB  1 
ATOM   1052 C CG  . GLU A 1 146 ? -17.090 0.365   -1.217  1.00 41.07 ? 146 GLU A CG  1 
ATOM   1053 C CD  . GLU A 1 146 ? -17.322 -0.144  -2.633  1.00 43.34 ? 146 GLU A CD  1 
ATOM   1054 O OE1 . GLU A 1 146 ? -16.374 -0.695  -3.246  1.00 45.33 ? 146 GLU A OE1 1 
ATOM   1055 O OE2 . GLU A 1 146 ? -18.452 0.019   -3.135  1.00 47.31 ? 146 GLU A OE2 1 
ATOM   1056 N N   . GLN A 1 147 ? -16.552 -1.931  2.332   1.00 26.46 ? 147 GLN A N   1 
ATOM   1057 C CA  . GLN A 1 147 ? -17.410 -2.638  3.285   1.00 25.68 ? 147 GLN A CA  1 
ATOM   1058 C C   . GLN A 1 147 ? -17.362 -2.042  4.690   1.00 28.09 ? 147 GLN A C   1 
ATOM   1059 O O   . GLN A 1 147 ? -18.316 -2.167  5.462   1.00 26.56 ? 147 GLN A O   1 
ATOM   1060 C CB  . GLN A 1 147 ? -17.046 -4.124  3.329   1.00 26.09 ? 147 GLN A CB  1 
ATOM   1061 C CG  . GLN A 1 147 ? -17.356 -4.856  2.028   1.00 23.11 ? 147 GLN A CG  1 
ATOM   1062 C CD  . GLN A 1 147 ? -17.024 -6.334  2.112   1.00 27.84 ? 147 GLN A CD  1 
ATOM   1063 O OE1 . GLN A 1 147 ? -17.618 -7.076  2.901   1.00 27.38 ? 147 GLN A OE1 1 
ATOM   1064 N NE2 . GLN A 1 147 ? -16.059 -6.768  1.312   1.00 25.34 ? 147 GLN A NE2 1 
ATOM   1065 N N   . LEU A 1 148 ? -16.246 -1.406  5.030   1.00 24.30 ? 148 LEU A N   1 
ATOM   1066 C CA  . LEU A 1 148 ? -16.117 -0.759  6.327   1.00 23.98 ? 148 LEU A CA  1 
ATOM   1067 C C   . LEU A 1 148 ? -16.837 0.585   6.239   1.00 24.33 ? 148 LEU A C   1 
ATOM   1068 O O   . LEU A 1 148 ? -16.911 1.328   7.222   1.00 26.69 ? 148 LEU A O   1 
ATOM   1069 C CB  . LEU A 1 148 ? -14.640 -0.524  6.663   1.00 24.96 ? 148 LEU A CB  1 
ATOM   1070 C CG  . LEU A 1 148 ? -13.817 -1.720  7.143   1.00 25.69 ? 148 LEU A CG  1 
ATOM   1071 C CD1 . LEU A 1 148 ? -12.336 -1.393  7.072   1.00 23.94 ? 148 LEU A CD1 1 
ATOM   1072 C CD2 . LEU A 1 148 ? -14.217 -2.064  8.571   1.00 24.44 ? 148 LEU A CD2 1 
ATOM   1073 N N   . GLU A 1 149 ? -17.368 0.883   5.054   1.00 23.82 ? 149 GLU A N   1 
ATOM   1074 C CA  . GLU A 1 149 ? -18.062 2.142   4.795   1.00 23.59 ? 149 GLU A CA  1 
ATOM   1075 C C   . GLU A 1 149 ? -17.111 3.319   4.987   1.00 25.31 ? 149 GLU A C   1 
ATOM   1076 O O   . GLU A 1 149 ? -17.514 4.422   5.389   1.00 22.65 ? 149 GLU A O   1 
ATOM   1077 C CB  . GLU A 1 149 ? -19.285 2.284   5.710   1.00 28.64 ? 149 GLU A CB  1 
ATOM   1078 C CG  . GLU A 1 149 ? -20.385 1.284   5.380   1.00 32.92 ? 149 GLU A CG  1 
ATOM   1079 C CD  . GLU A 1 149 ? -21.629 1.491   6.223   1.00 39.24 ? 149 GLU A CD  1 
ATOM   1080 O OE1 . GLU A 1 149 ? -21.592 1.188   7.435   1.00 44.68 ? 149 GLU A OE1 1 
ATOM   1081 O OE2 . GLU A 1 149 ? -22.640 1.970   5.670   1.00 43.79 ? 149 GLU A OE2 1 
ATOM   1082 N N   . ALA A 1 150 ? -15.836 3.073   4.701   1.00 22.17 ? 150 ALA A N   1 
ATOM   1083 C CA  . ALA A 1 150 ? -14.816 4.108   4.821   1.00 23.00 ? 150 ALA A CA  1 
ATOM   1084 C C   . ALA A 1 150 ? -14.506 4.709   3.456   1.00 21.58 ? 150 ALA A C   1 
ATOM   1085 O O   . ALA A 1 150 ? -14.855 4.151   2.409   1.00 22.17 ? 150 ALA A O   1 
ATOM   1086 C CB  . ALA A 1 150 ? -13.547 3.528   5.448   1.00 21.07 ? 150 ALA A CB  1 
ATOM   1087 N N   . ASN A 1 151 ? -13.849 5.861   3.470   1.00 20.35 ? 151 ASN A N   1 
ATOM   1088 C CA  . ASN A 1 151 ? -13.497 6.560   2.242   1.00 18.88 ? 151 ASN A CA  1 
ATOM   1089 C C   . ASN A 1 151 ? -12.067 6.288   1.806   1.00 19.43 ? 151 ASN A C   1 
ATOM   1090 O O   . ASN A 1 151 ? -11.137 6.455   2.596   1.00 20.28 ? 151 ASN A O   1 
ATOM   1091 C CB  . ASN A 1 151 ? -13.681 8.061   2.455   1.00 18.21 ? 151 ASN A CB  1 
ATOM   1092 C CG  . ASN A 1 151 ? -15.091 8.400   2.863   1.00 24.40 ? 151 ASN A CG  1 
ATOM   1093 O OD1 . ASN A 1 151 ? -16.045 8.034   2.172   1.00 23.99 ? 151 ASN A OD1 1 
ATOM   1094 N ND2 . ASN A 1 151 ? -15.238 9.084   3.994   1.00 18.29 ? 151 ASN A ND2 1 
ATOM   1095 N N   . LEU A 1 152 ? -11.885 5.868   0.558   1.00 18.61 ? 152 LEU A N   1 
ATOM   1096 C CA  . LEU A 1 152 ? -10.537 5.606   0.060   1.00 18.83 ? 152 LEU A CA  1 
ATOM   1097 C C   . LEU A 1 152 ? -10.034 6.836   -0.692  1.00 16.08 ? 152 LEU A C   1 
ATOM   1098 O O   . LEU A 1 152 ? -10.418 7.083   -1.827  1.00 17.83 ? 152 LEU A O   1 
ATOM   1099 C CB  . LEU A 1 152 ? -10.522 4.391   -0.865  1.00 17.41 ? 152 LEU A CB  1 
ATOM   1100 C CG  . LEU A 1 152 ? -9.154  4.014   -1.464  1.00 19.88 ? 152 LEU A CG  1 
ATOM   1101 C CD1 . LEU A 1 152 ? -8.121  3.830   -0.366  1.00 19.33 ? 152 LEU A CD1 1 
ATOM   1102 C CD2 . LEU A 1 152 ? -9.305  2.719   -2.289  1.00 20.35 ? 152 LEU A CD2 1 
ATOM   1103 N N   . LEU A 1 153 ? -9.170  7.609   -0.044  1.00 15.58 ? 153 LEU A N   1 
ATOM   1104 C CA  . LEU A 1 153 ? -8.637  8.820   -0.656  1.00 15.92 ? 153 LEU A CA  1 
ATOM   1105 C C   . LEU A 1 153 ? -7.670  8.529   -1.768  1.00 14.43 ? 153 LEU A C   1 
ATOM   1106 O O   . LEU A 1 153 ? -7.635  9.240   -2.773  1.00 16.95 ? 153 LEU A O   1 
ATOM   1107 C CB  . LEU A 1 153 ? -7.891  9.673   0.384   1.00 13.32 ? 153 LEU A CB  1 
ATOM   1108 C CG  . LEU A 1 153 ? -8.661  10.095  1.638   1.00 17.56 ? 153 LEU A CG  1 
ATOM   1109 C CD1 . LEU A 1 153 ? -7.730  10.900  2.565   1.00 19.95 ? 153 LEU A CD1 1 
ATOM   1110 C CD2 . LEU A 1 153 ? -9.862  10.941  1.229   1.00 22.08 ? 153 LEU A CD2 1 
ATOM   1111 N N   . GLU A 1 154 ? -6.852  7.498   -1.575  1.00 14.92 ? 154 GLU A N   1 
ATOM   1112 C CA  . GLU A 1 154 ? -5.829  7.194   -2.558  1.00 17.30 ? 154 GLU A CA  1 
ATOM   1113 C C   . GLU A 1 154 ? -5.133  5.874   -2.271  1.00 18.04 ? 154 GLU A C   1 
ATOM   1114 O O   . GLU A 1 154 ? -5.219  5.332   -1.167  1.00 17.99 ? 154 GLU A O   1 
ATOM   1115 C CB  . GLU A 1 154 ? -4.752  8.295   -2.507  1.00 16.56 ? 154 GLU A CB  1 
ATOM   1116 C CG  . GLU A 1 154 ? -4.257  8.795   -3.844  1.00 20.17 ? 154 GLU A CG  1 
ATOM   1117 C CD  . GLU A 1 154 ? -3.142  9.833   -3.730  1.00 25.38 ? 154 GLU A CD  1 
ATOM   1118 O OE1 . GLU A 1 154 ? -3.024  10.671  -4.656  1.00 24.07 ? 154 GLU A OE1 1 
ATOM   1119 O OE2 . GLU A 1 154 ? -2.375  9.818   -2.734  1.00 20.93 ? 154 GLU A OE2 1 
ATOM   1120 N N   . TYR A 1 155 ? -4.448  5.369   -3.290  1.00 18.99 ? 155 TYR A N   1 
ATOM   1121 C CA  . TYR A 1 155 ? -3.611  4.189   -3.145  1.00 18.55 ? 155 TYR A CA  1 
ATOM   1122 C C   . TYR A 1 155 ? -2.221  4.800   -3.267  1.00 17.72 ? 155 TYR A C   1 
ATOM   1123 O O   . TYR A 1 155 ? -2.013  5.676   -4.106  1.00 19.02 ? 155 TYR A O   1 
ATOM   1124 C CB  . TYR A 1 155 ? -3.769  3.197   -4.308  1.00 19.05 ? 155 TYR A CB  1 
ATOM   1125 C CG  . TYR A 1 155 ? -5.033  2.373   -4.314  1.00 18.90 ? 155 TYR A CG  1 
ATOM   1126 C CD1 . TYR A 1 155 ? -6.153  2.777   -5.047  1.00 17.44 ? 155 TYR A CD1 1 
ATOM   1127 C CD2 . TYR A 1 155 ? -5.099  1.171   -3.608  1.00 16.72 ? 155 TYR A CD2 1 
ATOM   1128 C CE1 . TYR A 1 155 ? -7.304  2.004   -5.078  1.00 19.41 ? 155 TYR A CE1 1 
ATOM   1129 C CE2 . TYR A 1 155 ? -6.238  0.399   -3.629  1.00 19.42 ? 155 TYR A CE2 1 
ATOM   1130 C CZ  . TYR A 1 155 ? -7.337  0.814   -4.365  1.00 20.95 ? 155 TYR A CZ  1 
ATOM   1131 O OH  . TYR A 1 155 ? -8.464  0.022   -4.390  1.00 21.20 ? 155 TYR A OH  1 
ATOM   1132 N N   . ASN A 1 156 ? -1.273  4.382   -2.425  1.00 19.33 ? 156 ASN A N   1 
ATOM   1133 C CA  . ASN A 1 156 ? 0.105   4.870   -2.555  1.00 19.00 ? 156 ASN A CA  1 
ATOM   1134 C C   . ASN A 1 156 ? 0.985   3.630   -2.695  1.00 19.04 ? 156 ASN A C   1 
ATOM   1135 O O   . ASN A 1 156 ? 0.911   2.715   -1.868  1.00 17.67 ? 156 ASN A O   1 
ATOM   1136 C CB  . ASN A 1 156 ? 0.592   5.640   -1.316  1.00 17.79 ? 156 ASN A CB  1 
ATOM   1137 C CG  . ASN A 1 156 ? 0.073   7.075   -1.231  1.00 18.80 ? 156 ASN A CG  1 
ATOM   1138 O OD1 . ASN A 1 156 ? 0.581   7.852   -0.420  1.00 20.70 ? 156 ASN A OD1 1 
ATOM   1139 N ND2 . ASN A 1 156 ? -0.934  7.432   -2.034  1.00 17.70 ? 156 ASN A ND2 1 
ATOM   1140 N N   . PHE A 1 157 ? 1.803   3.587   -3.744  1.00 18.93 ? 157 PHE A N   1 
ATOM   1141 C CA  . PHE A 1 157 ? 2.713   2.466   -3.957  1.00 19.15 ? 157 PHE A CA  1 
ATOM   1142 C C   . PHE A 1 157 ? 4.122   3.001   -4.094  1.00 19.80 ? 157 PHE A C   1 
ATOM   1143 O O   . PHE A 1 157 ? 4.317   4.182   -4.402  1.00 19.09 ? 157 PHE A O   1 
ATOM   1144 C CB  . PHE A 1 157 ? 2.378   1.703   -5.244  1.00 20.39 ? 157 PHE A CB  1 
ATOM   1145 C CG  . PHE A 1 157 ? 0.979   1.164   -5.291  1.00 20.22 ? 157 PHE A CG  1 
ATOM   1146 C CD1 . PHE A 1 157 ? -0.013  1.825   -6.020  1.00 20.28 ? 157 PHE A CD1 1 
ATOM   1147 C CD2 . PHE A 1 157 ? 0.645   0.007   -4.599  1.00 19.77 ? 157 PHE A CD2 1 
ATOM   1148 C CE1 . PHE A 1 157 ? -1.321  1.335   -6.057  1.00 20.02 ? 157 PHE A CE1 1 
ATOM   1149 C CE2 . PHE A 1 157 ? -0.671  -0.492  -4.628  1.00 17.57 ? 157 PHE A CE2 1 
ATOM   1150 C CZ  . PHE A 1 157 ? -1.649  0.173   -5.358  1.00 20.14 ? 157 PHE A CZ  1 
ATOM   1151 N N   . VAL A 1 158 ? 5.103   2.137   -3.856  1.00 19.13 ? 158 VAL A N   1 
ATOM   1152 C CA  . VAL A 1 158 ? 6.495   2.530   -4.012  1.00 18.57 ? 158 VAL A CA  1 
ATOM   1153 C C   . VAL A 1 158 ? 6.832   2.449   -5.509  1.00 20.70 ? 158 VAL A C   1 
ATOM   1154 O O   . VAL A 1 158 ? 7.436   3.368   -6.062  1.00 22.63 ? 158 VAL A O   1 
ATOM   1155 C CB  . VAL A 1 158 ? 7.439   1.581   -3.228  1.00 18.95 ? 158 VAL A CB  1 
ATOM   1156 C CG1 . VAL A 1 158 ? 8.897   1.881   -3.563  1.00 20.34 ? 158 VAL A CG1 1 
ATOM   1157 C CG2 . VAL A 1 158 ? 7.196   1.729   -1.713  1.00 16.18 ? 158 VAL A CG2 1 
ATOM   1158 N N   . MET A 1 159 ? 6.408   1.364   -6.159  1.00 23.44 ? 159 MET A N   1 
ATOM   1159 C CA  . MET A 1 159 ? 6.704   1.132   -7.579  1.00 27.62 ? 159 MET A CA  1 
ATOM   1160 C C   . MET A 1 159 ? 5.490   0.649   -8.353  1.00 27.22 ? 159 MET A C   1 
ATOM   1161 O O   . MET A 1 159 ? 4.584   0.044   -7.788  1.00 24.13 ? 159 MET A O   1 
ATOM   1162 C CB  . MET A 1 159 ? 7.781   0.061   -7.729  1.00 32.30 ? 159 MET A CB  1 
ATOM   1163 C CG  . MET A 1 159 ? 9.034   0.285   -6.925  1.00 41.52 ? 159 MET A CG  1 
ATOM   1164 S SD  . MET A 1 159 ? 9.863   -1.300  -6.636  1.00 50.52 ? 159 MET A SD  1 
ATOM   1165 C CE  . MET A 1 159 ? 9.413   -1.600  -4.923  1.00 47.80 ? 159 MET A CE  1 
ATOM   1166 N N   . GLU A 1 160 ? 5.505   0.878   -9.662  1.00 30.28 ? 160 GLU A N   1 
ATOM   1167 C CA  . GLU A 1 160 ? 4.401   0.468   -10.521 1.00 35.59 ? 160 GLU A CA  1 
ATOM   1168 C C   . GLU A 1 160 ? 4.895   -0.154  -11.827 1.00 39.39 ? 160 GLU A C   1 
ATOM   1169 O O   . GLU A 1 160 ? 5.754   0.409   -12.502 1.00 40.24 ? 160 GLU A O   1 
ATOM   1170 C CB  . GLU A 1 160 ? 3.510   1.678   -10.818 1.00 37.50 ? 160 GLU A CB  1 
ATOM   1171 C CG  . GLU A 1 160 ? 2.499   1.483   -11.948 1.00 42.50 ? 160 GLU A CG  1 
ATOM   1172 C CD  . GLU A 1 160 ? 1.510   2.635   -12.050 1.00 44.64 ? 160 GLU A CD  1 
ATOM   1173 O OE1 . GLU A 1 160 ? 1.924   3.802   -11.878 1.00 47.47 ? 160 GLU A OE1 1 
ATOM   1174 O OE2 . GLU A 1 160 ? 0.316   2.380   -12.311 1.00 46.85 ? 160 GLU A OE2 1 
ATOM   1175 N N   . LEU A 1 161 ? 4.362   -1.325  -12.166 1.00 41.95 ? 161 LEU A N   1 
ATOM   1176 C CA  . LEU A 1 161 ? 4.727   -2.005  -13.407 1.00 43.69 ? 161 LEU A CA  1 
ATOM   1177 C C   . LEU A 1 161 ? 3.686   -1.579  -14.442 1.00 46.05 ? 161 LEU A C   1 
ATOM   1178 O O   . LEU A 1 161 ? 2.651   -2.224  -14.604 1.00 45.26 ? 161 LEU A O   1 
ATOM   1179 C CB  . LEU A 1 161 ? 4.696   -3.521  -13.212 1.00 41.96 ? 161 LEU A CB  1 
ATOM   1180 C CG  . LEU A 1 161 ? 5.476   -4.025  -11.994 1.00 43.38 ? 161 LEU A CG  1 
ATOM   1181 C CD1 . LEU A 1 161 ? 5.448   -5.547  -11.954 1.00 42.55 ? 161 LEU A CD1 1 
ATOM   1182 C CD2 . LEU A 1 161 ? 6.901   -3.515  -12.050 1.00 44.16 ? 161 LEU A CD2 1 
ATOM   1183 N N   . ASP A 1 162 ? 3.972   -0.474  -15.126 1.00 49.65 ? 162 ASP A N   1 
ATOM   1184 C CA  . ASP A 1 162 ? 3.070   0.099   -16.121 1.00 53.71 ? 162 ASP A CA  1 
ATOM   1185 C C   . ASP A 1 162 ? 2.480   -0.840  -17.170 1.00 53.87 ? 162 ASP A C   1 
ATOM   1186 O O   . ASP A 1 162 ? 1.296   -0.737  -17.488 1.00 54.86 ? 162 ASP A O   1 
ATOM   1187 C CB  . ASP A 1 162 ? 3.759   1.272   -16.833 1.00 57.39 ? 162 ASP A CB  1 
ATOM   1188 C CG  . ASP A 1 162 ? 3.967   2.472   -15.920 1.00 62.19 ? 162 ASP A CG  1 
ATOM   1189 O OD1 . ASP A 1 162 ? 4.445   3.517   -16.412 1.00 63.33 ? 162 ASP A OD1 1 
ATOM   1190 O OD2 . ASP A 1 162 ? 3.653   2.373   -14.712 1.00 63.85 ? 162 ASP A OD2 1 
ATOM   1191 N N   . PHE A 1 163 ? 3.285   -1.757  -17.699 1.00 52.50 ? 163 PHE A N   1 
ATOM   1192 C CA  . PHE A 1 163 ? 2.805   -2.665  -18.738 1.00 52.25 ? 163 PHE A CA  1 
ATOM   1193 C C   . PHE A 1 163 ? 1.627   -3.549  -18.326 1.00 51.68 ? 163 PHE A C   1 
ATOM   1194 O O   . PHE A 1 163 ? 0.907   -4.069  -19.181 1.00 51.45 ? 163 PHE A O   1 
ATOM   1195 C CB  . PHE A 1 163 ? 3.960   -3.531  -19.252 1.00 51.98 ? 163 PHE A CB  1 
ATOM   1196 C CG  . PHE A 1 163 ? 4.289   -4.703  -18.374 1.00 53.36 ? 163 PHE A CG  1 
ATOM   1197 C CD1 . PHE A 1 163 ? 3.712   -5.949  -18.610 1.00 53.38 ? 163 PHE A CD1 1 
ATOM   1198 C CD2 . PHE A 1 163 ? 5.191   -4.570  -17.323 1.00 52.94 ? 163 PHE A CD2 1 
ATOM   1199 C CE1 . PHE A 1 163 ? 4.032   -7.047  -17.815 1.00 52.74 ? 163 PHE A CE1 1 
ATOM   1200 C CE2 . PHE A 1 163 ? 5.517   -5.662  -16.523 1.00 53.70 ? 163 PHE A CE2 1 
ATOM   1201 C CZ  . PHE A 1 163 ? 4.937   -6.902  -16.770 1.00 53.60 ? 163 PHE A CZ  1 
ATOM   1202 N N   . LEU A 1 164 ? 1.424   -3.719  -17.022 1.00 49.47 ? 164 LEU A N   1 
ATOM   1203 C CA  . LEU A 1 164 ? 0.321   -4.544  -16.536 1.00 47.31 ? 164 LEU A CA  1 
ATOM   1204 C C   . LEU A 1 164 ? -0.956  -3.735  -16.367 1.00 46.42 ? 164 LEU A C   1 
ATOM   1205 O O   . LEU A 1 164 ? -2.035  -4.296  -16.188 1.00 45.73 ? 164 LEU A O   1 
ATOM   1206 C CB  . LEU A 1 164 ? 0.692   -5.195  -15.204 1.00 46.75 ? 164 LEU A CB  1 
ATOM   1207 C CG  . LEU A 1 164 ? 1.739   -6.305  -15.272 1.00 47.35 ? 164 LEU A CG  1 
ATOM   1208 C CD1 . LEU A 1 164 ? 2.083   -6.777  -13.872 1.00 45.65 ? 164 LEU A CD1 1 
ATOM   1209 C CD2 . LEU A 1 164 ? 1.198   -7.458  -16.106 1.00 47.25 ? 164 LEU A CD2 1 
ATOM   1210 N N   . LYS A 1 165 ? -0.826  -2.413  -16.428 1.00 45.93 ? 165 LYS A N   1 
ATOM   1211 C CA  . LYS A 1 165 ? -1.963  -1.514  -16.278 1.00 46.44 ? 165 LYS A CA  1 
ATOM   1212 C C   . LYS A 1 165 ? -2.858  -1.913  -15.106 1.00 44.65 ? 165 LYS A C   1 
ATOM   1213 O O   . LYS A 1 165 ? -4.074  -2.046  -15.252 1.00 44.02 ? 165 LYS A O   1 
ATOM   1214 C CB  . LYS A 1 165 ? -2.775  -1.465  -17.580 1.00 49.04 ? 165 LYS A CB  1 
ATOM   1215 C CG  . LYS A 1 165 ? -2.025  -0.803  -18.731 1.00 51.37 ? 165 LYS A CG  1 
ATOM   1216 C CD  . LYS A 1 165 ? -2.860  -0.714  -19.999 1.00 55.39 ? 165 LYS A CD  1 
ATOM   1217 C CE  . LYS A 1 165 ? -3.173  -2.087  -20.565 1.00 56.95 ? 165 LYS A CE  1 
ATOM   1218 N NZ  . LYS A 1 165 ? -3.939  -1.990  -21.840 1.00 59.27 ? 165 LYS A NZ  1 
ATOM   1219 N N   . GLY A 1 166 ? -2.247  -2.099  -13.941 1.00 42.53 ? 166 GLY A N   1 
ATOM   1220 C CA  . GLY A 1 166 ? -3.008  -2.473  -12.763 1.00 41.15 ? 166 GLY A CA  1 
ATOM   1221 C C   . GLY A 1 166 ? -3.887  -1.337  -12.277 1.00 39.50 ? 166 GLY A C   1 
ATOM   1222 O O   . GLY A 1 166 ? -4.943  -1.562  -11.687 1.00 39.06 ? 166 GLY A O   1 
ATOM   1223 N N   . ARG A 1 167 ? -3.450  -0.110  -12.533 1.00 40.39 ? 167 ARG A N   1 
ATOM   1224 C CA  . ARG A 1 167 ? -4.185  1.078   -12.121 1.00 42.27 ? 167 ARG A CA  1 
ATOM   1225 C C   . ARG A 1 167 ? -5.610  1.085   -12.690 1.00 43.73 ? 167 ARG A C   1 
ATOM   1226 O O   . ARG A 1 167 ? -6.498  1.745   -12.151 1.00 43.50 ? 167 ARG A O   1 
ATOM   1227 C CB  . ARG A 1 167 ? -3.424  2.334   -12.573 1.00 44.42 ? 167 ARG A CB  1 
ATOM   1228 C CG  . ARG A 1 167 ? -4.003  3.648   -12.071 1.00 46.77 ? 167 ARG A CG  1 
ATOM   1229 C CD  . ARG A 1 167 ? -3.181  4.858   -12.539 1.00 47.30 ? 167 ARG A CD  1 
ATOM   1230 N NE  . ARG A 1 167 ? -1.794  4.833   -12.069 1.00 45.12 ? 167 ARG A NE  1 
ATOM   1231 C CZ  . ARG A 1 167 ? -1.129  5.909   -11.651 1.00 46.79 ? 167 ARG A CZ  1 
ATOM   1232 N NH1 . ARG A 1 167 ? -1.723  7.095   -11.638 1.00 45.39 ? 167 ARG A NH1 1 
ATOM   1233 N NH2 . ARG A 1 167 ? 0.127   5.804   -11.241 1.00 43.86 ? 167 ARG A NH2 1 
ATOM   1234 N N   . SER A 1 168 ? -5.833  0.335   -13.765 1.00 43.41 ? 168 SER A N   1 
ATOM   1235 C CA  . SER A 1 168 ? -7.154  0.292   -14.391 1.00 43.43 ? 168 SER A CA  1 
ATOM   1236 C C   . SER A 1 168 ? -8.164  -0.530  -13.593 1.00 42.00 ? 168 SER A C   1 
ATOM   1237 O O   . SER A 1 168 ? -9.369  -0.424  -13.817 1.00 42.19 ? 168 SER A O   1 
ATOM   1238 C CB  . SER A 1 168 ? -7.053  -0.252  -15.827 1.00 43.08 ? 168 SER A CB  1 
ATOM   1239 O OG  . SER A 1 168 ? -6.802  -1.646  -15.844 1.00 43.95 ? 168 SER A OG  1 
ATOM   1240 N N   . LYS A 1 169 ? -7.679  -1.355  -12.671 1.00 39.10 ? 169 LYS A N   1 
ATOM   1241 C CA  . LYS A 1 169 ? -8.570  -2.164  -11.845 1.00 37.56 ? 169 LYS A CA  1 
ATOM   1242 C C   . LYS A 1 169 ? -8.953  -1.385  -10.590 1.00 35.98 ? 169 LYS A C   1 
ATOM   1243 O O   . LYS A 1 169 ? -9.795  -1.824  -9.803  1.00 33.12 ? 169 LYS A O   1 
ATOM   1244 C CB  . LYS A 1 169 ? -7.888  -3.467  -11.423 1.00 39.60 ? 169 LYS A CB  1 
ATOM   1245 C CG  . LYS A 1 169 ? -7.403  -4.333  -12.570 1.00 44.42 ? 169 LYS A CG  1 
ATOM   1246 C CD  . LYS A 1 169 ? -6.927  -5.686  -12.056 1.00 48.32 ? 169 LYS A CD  1 
ATOM   1247 C CE  . LYS A 1 169 ? -6.474  -6.583  -13.200 1.00 50.78 ? 169 LYS A CE  1 
ATOM   1248 N NZ  . LYS A 1 169 ? -6.064  -7.934  -12.717 1.00 53.54 ? 169 LYS A NZ  1 
ATOM   1249 N N   . LEU A 1 170 ? -8.333  -0.222  -10.412 1.00 32.68 ? 170 LEU A N   1 
ATOM   1250 C CA  . LEU A 1 170 ? -8.579  0.590   -9.229  1.00 32.29 ? 170 LEU A CA  1 
ATOM   1251 C C   . LEU A 1 170 ? -9.414  1.838   -9.513  1.00 30.83 ? 170 LEU A C   1 
ATOM   1252 O O   . LEU A 1 170 ? -9.178  2.552   -10.486 1.00 33.71 ? 170 LEU A O   1 
ATOM   1253 C CB  . LEU A 1 170 ? -7.235  0.989   -8.600  1.00 28.81 ? 170 LEU A CB  1 
ATOM   1254 C CG  . LEU A 1 170 ? -6.179  -0.128  -8.497  1.00 27.79 ? 170 LEU A CG  1 
ATOM   1255 C CD1 . LEU A 1 170 ? -4.954  0.395   -7.750  1.00 26.58 ? 170 LEU A CD1 1 
ATOM   1256 C CD2 . LEU A 1 170 ? -6.761  -1.338  -7.769  1.00 23.70 ? 170 LEU A CD2 1 
ATOM   1257 N N   . ASN A 1 171 ? -10.379 2.094   -8.637  1.00 32.25 ? 171 ASN A N   1 
ATOM   1258 C CA  . ASN A 1 171 ? -11.260 3.246   -8.760  1.00 31.31 ? 171 ASN A CA  1 
ATOM   1259 C C   . ASN A 1 171 ? -10.621 4.511   -8.218  1.00 32.35 ? 171 ASN A C   1 
ATOM   1260 O O   . ASN A 1 171 ? -10.511 5.529   -8.914  1.00 33.30 ? 171 ASN A O   1 
ATOM   1261 C CB  . ASN A 1 171 ? -12.547 3.001   -7.991  1.00 38.15 ? 171 ASN A CB  1 
ATOM   1262 C CG  . ASN A 1 171 ? -13.578 2.275   -8.805  1.00 41.28 ? 171 ASN A CG  1 
ATOM   1263 O OD1 . ASN A 1 171 ? -13.348 1.156   -9.266  1.00 47.46 ? 171 ASN A OD1 1 
ATOM   1264 N ND2 . ASN A 1 171 ? -14.731 2.907   -8.990  1.00 40.91 ? 171 ASN A ND2 1 
ATOM   1265 N N   . ALA A 1 172 ? -10.211 4.446   -6.961  1.00 27.37 ? 172 ALA A N   1 
ATOM   1266 C CA  . ALA A 1 172 ? -9.602  5.598   -6.320  1.00 24.05 ? 172 ALA A CA  1 
ATOM   1267 C C   . ALA A 1 172 ? -8.294  5.972   -7.001  1.00 23.60 ? 172 ALA A C   1 
ATOM   1268 O O   . ALA A 1 172 ? -7.654  5.138   -7.646  1.00 23.92 ? 172 ALA A O   1 
ATOM   1269 C CB  . ALA A 1 172 ? -9.373  5.305   -4.831  1.00 20.02 ? 172 ALA A CB  1 
ATOM   1270 N N   . PRO A 1 173 ? -7.875  7.239   -6.863  1.00 22.69 ? 173 PRO A N   1 
ATOM   1271 C CA  . PRO A 1 173 ? -6.638  7.743   -7.460  1.00 24.24 ? 173 PRO A CA  1 
ATOM   1272 C C   . PRO A 1 173 ? -5.429  6.939   -6.974  1.00 23.82 ? 173 PRO A C   1 
ATOM   1273 O O   . PRO A 1 173 ? -5.453  6.352   -5.886  1.00 22.32 ? 173 PRO A O   1 
ATOM   1274 C CB  . PRO A 1 173 ? -6.576  9.194   -6.974  1.00 22.95 ? 173 PRO A CB  1 
ATOM   1275 C CG  . PRO A 1 173 ? -7.984  9.541   -6.682  1.00 24.76 ? 173 PRO A CG  1 
ATOM   1276 C CD  . PRO A 1 173 ? -8.554  8.292   -6.088  1.00 25.31 ? 173 PRO A CD  1 
ATOM   1277 N N   . VAL A 1 174 ? -4.377  6.934   -7.783  1.00 22.28 ? 174 VAL A N   1 
ATOM   1278 C CA  . VAL A 1 174 ? -3.158  6.213   -7.470  1.00 21.35 ? 174 VAL A CA  1 
ATOM   1279 C C   . VAL A 1 174 ? -1.938  7.120   -7.518  1.00 22.82 ? 174 VAL A C   1 
ATOM   1280 O O   . VAL A 1 174 ? -1.791  7.946   -8.425  1.00 24.61 ? 174 VAL A O   1 
ATOM   1281 C CB  . VAL A 1 174 ? -2.914  5.056   -8.483  1.00 22.21 ? 174 VAL A CB  1 
ATOM   1282 C CG1 . VAL A 1 174 ? -1.516  4.442   -8.276  1.00 23.15 ? 174 VAL A CG1 1 
ATOM   1283 C CG2 . VAL A 1 174 ? -3.984  3.989   -8.324  1.00 19.90 ? 174 VAL A CG2 1 
ATOM   1284 N N   . PHE A 1 175 ? -1.071  6.977   -6.522  1.00 21.57 ? 175 PHE A N   1 
ATOM   1285 C CA  . PHE A 1 175 ? 0.178   7.718   -6.498  1.00 21.04 ? 175 PHE A CA  1 
ATOM   1286 C C   . PHE A 1 175 ? 1.260   6.675   -6.339  1.00 21.15 ? 175 PHE A C   1 
ATOM   1287 O O   . PHE A 1 175 ? 1.166   5.813   -5.459  1.00 18.43 ? 175 PHE A O   1 
ATOM   1288 C CB  . PHE A 1 175 ? 0.283   8.675   -5.315  1.00 22.17 ? 175 PHE A CB  1 
ATOM   1289 C CG  . PHE A 1 175 ? 1.689   9.214   -5.112  1.00 22.75 ? 175 PHE A CG  1 
ATOM   1290 C CD1 . PHE A 1 175 ? 2.210   10.188  -5.962  1.00 22.04 ? 175 PHE A CD1 1 
ATOM   1291 C CD2 . PHE A 1 175 ? 2.501   8.716   -4.090  1.00 21.14 ? 175 PHE A CD2 1 
ATOM   1292 C CE1 . PHE A 1 175 ? 3.516   10.665  -5.799  1.00 23.30 ? 175 PHE A CE1 1 
ATOM   1293 C CE2 . PHE A 1 175 ? 3.810   9.181   -3.918  1.00 21.30 ? 175 PHE A CE2 1 
ATOM   1294 C CZ  . PHE A 1 175 ? 4.318   10.157  -4.772  1.00 22.80 ? 175 PHE A CZ  1 
ATOM   1295 N N   . THR A 1 176 ? 2.271   6.732   -7.200  1.00 20.35 ? 176 THR A N   1 
ATOM   1296 C CA  . THR A 1 176 ? 3.396   5.809   -7.113  1.00 23.40 ? 176 THR A CA  1 
ATOM   1297 C C   . THR A 1 176 ? 4.656   6.663   -6.983  1.00 24.02 ? 176 THR A C   1 
ATOM   1298 O O   . THR A 1 176 ? 4.900   7.555   -7.796  1.00 25.34 ? 176 THR A O   1 
ATOM   1299 C CB  . THR A 1 176 ? 3.488   4.933   -8.352  1.00 27.48 ? 176 THR A CB  1 
ATOM   1300 O OG1 . THR A 1 176 ? 3.553   5.767   -9.515  1.00 37.76 ? 176 THR A OG1 1 
ATOM   1301 C CG2 . THR A 1 176 ? 2.264   4.053   -8.452  1.00 22.89 ? 176 THR A CG2 1 
ATOM   1302 N N   . LEU A 1 177 ? 5.449   6.390   -5.957  1.00 21.28 ? 177 LEU A N   1 
ATOM   1303 C CA  . LEU A 1 177 ? 6.653   7.165   -5.701  1.00 25.19 ? 177 LEU A CA  1 
ATOM   1304 C C   . LEU A 1 177 ? 7.729   7.070   -6.772  1.00 28.05 ? 177 LEU A C   1 
ATOM   1305 O O   . LEU A 1 177 ? 8.244   8.087   -7.241  1.00 29.29 ? 177 LEU A O   1 
ATOM   1306 C CB  . LEU A 1 177 ? 7.245   6.754   -4.350  1.00 26.07 ? 177 LEU A CB  1 
ATOM   1307 C CG  . LEU A 1 177 ? 8.374   7.616   -3.795  1.00 28.86 ? 177 LEU A CG  1 
ATOM   1308 C CD1 . LEU A 1 177 ? 7.846   9.016   -3.501  1.00 26.90 ? 177 LEU A CD1 1 
ATOM   1309 C CD2 . LEU A 1 177 ? 8.903   6.987   -2.527  1.00 26.22 ? 177 LEU A CD2 1 
ATOM   1310 N N   . LEU A 1 178 ? 8.074   5.853   -7.167  1.00 31.90 ? 178 LEU A N   1 
ATOM   1311 C CA  . LEU A 1 178 ? 9.116   5.681   -8.166  1.00 37.08 ? 178 LEU A CA  1 
ATOM   1312 C C   . LEU A 1 178 ? 8.531   5.262   -9.508  1.00 41.05 ? 178 LEU A C   1 
ATOM   1313 O O   . LEU A 1 178 ? 8.626   6.070   -10.459 1.00 44.70 ? 178 LEU A O   1 
ATOM   1314 C CB  . LEU A 1 178 ? 10.129  4.644   -7.676  1.00 36.51 ? 178 LEU A CB  1 
ATOM   1315 C CG  . LEU A 1 178 ? 10.582  4.777   -6.213  1.00 37.67 ? 178 LEU A CG  1 
ATOM   1316 C CD1 . LEU A 1 178 ? 11.415  3.569   -5.840  1.00 37.88 ? 178 LEU A CD1 1 
ATOM   1317 C CD2 . LEU A 1 178 ? 11.378  6.058   -6.002  1.00 37.71 ? 178 LEU A CD2 1 
HETATM 1318 S S   . SO4 B 2 .   ? -0.708  -7.513  -7.644  1.00 39.95 ? 301 SO4 A S   1 
HETATM 1319 O O1  . SO4 B 2 .   ? -0.575  -8.454  -8.962  1.00 38.80 ? 301 SO4 A O1  1 
HETATM 1320 O O2  . SO4 B 2 .   ? 0.351   -7.979  -6.762  1.00 39.36 ? 301 SO4 A O2  1 
HETATM 1321 O O3  . SO4 B 2 .   ? -0.586  -6.247  -7.983  1.00 31.35 ? 301 SO4 A O3  1 
HETATM 1322 O O4  . SO4 B 2 .   ? -1.980  -7.902  -7.086  1.00 35.21 ? 301 SO4 A O4  1 
HETATM 1323 S S   . SO4 C 2 .   ? 4.126   -10.615 -0.533  1.00 40.30 ? 302 SO4 A S   1 
HETATM 1324 O O1  . SO4 C 2 .   ? 3.332   -11.081 -1.868  1.00 44.59 ? 302 SO4 A O1  1 
HETATM 1325 O O2  . SO4 C 2 .   ? 5.527   -10.605 -0.913  1.00 40.87 ? 302 SO4 A O2  1 
HETATM 1326 O O3  . SO4 C 2 .   ? 3.697   -9.453  -0.149  1.00 44.29 ? 302 SO4 A O3  1 
HETATM 1327 O O4  . SO4 C 2 .   ? 3.886   -11.704 0.372   1.00 45.05 ? 302 SO4 A O4  1 
HETATM 1328 O O   . HOH D 3 .   ? 15.685  8.954   10.773  1.00 20.49 ? 501 HOH A O   1 
HETATM 1329 O O   . HOH D 3 .   ? -11.778 -2.184  -5.435  1.00 24.55 ? 502 HOH A O   1 
HETATM 1330 O O   . HOH D 3 .   ? -6.995  -12.724 7.659   1.00 19.90 ? 503 HOH A O   1 
HETATM 1331 O O   . HOH D 3 .   ? -0.275  4.240   14.448  1.00 23.31 ? 504 HOH A O   1 
HETATM 1332 O O   . HOH D 3 .   ? -0.344  -3.804  -4.547  1.00 22.45 ? 505 HOH A O   1 
HETATM 1333 O O   . HOH D 3 .   ? 10.087  -4.972  -3.514  1.00 24.09 ? 506 HOH A O   1 
HETATM 1334 O O   . HOH D 3 .   ? 10.990  -7.599  -1.998  1.00 28.18 ? 507 HOH A O   1 
HETATM 1335 O O   . HOH D 3 .   ? -7.438  19.311  0.844   1.00 17.28 ? 508 HOH A O   1 
HETATM 1336 O O   . HOH D 3 .   ? -4.102  -2.477  13.392  1.00 20.77 ? 509 HOH A O   1 
HETATM 1337 O O   . HOH D 3 .   ? -7.590  -5.698  10.013  1.00 16.92 ? 510 HOH A O   1 
HETATM 1338 O O   . HOH D 3 .   ? -7.199  17.268  -0.870  1.00 24.89 ? 511 HOH A O   1 
HETATM 1339 O O   . HOH D 3 .   ? -6.453  -3.577  13.149  1.00 34.43 ? 512 HOH A O   1 
HETATM 1340 O O   . HOH D 3 .   ? -4.931  12.362  -5.662  1.00 27.24 ? 513 HOH A O   1 
HETATM 1341 O O   . HOH D 3 .   ? 17.415  10.484  5.721   1.00 25.53 ? 514 HOH A O   1 
HETATM 1342 O O   . HOH D 3 .   ? 6.631   -0.674  8.972   1.00 29.56 ? 515 HOH A O   1 
HETATM 1343 O O   . HOH D 3 .   ? -2.164  -4.760  -6.149  1.00 23.78 ? 516 HOH A O   1 
HETATM 1344 O O   . HOH D 3 .   ? -14.747 3.022   -0.096  1.00 27.22 ? 517 HOH A O   1 
HETATM 1345 O O   . HOH D 3 .   ? -5.232  7.962   -10.732 1.00 42.37 ? 518 HOH A O   1 
HETATM 1346 O O   . HOH D 3 .   ? 20.876  -0.674  1.240   1.00 31.95 ? 519 HOH A O   1 
HETATM 1347 O O   . HOH D 3 .   ? -9.233  -14.873 9.542   1.00 29.40 ? 520 HOH A O   1 
HETATM 1348 O O   . HOH D 3 .   ? 22.027  6.035   7.156   1.00 38.11 ? 521 HOH A O   1 
HETATM 1349 O O   . HOH D 3 .   ? 9.567   0.376   -10.066 1.00 44.07 ? 522 HOH A O   1 
HETATM 1350 O O   . HOH D 3 .   ? 21.043  -1.686  -3.233  1.00 37.15 ? 523 HOH A O   1 
HETATM 1351 O O   . HOH D 3 .   ? -9.036  9.065   13.459  1.00 49.62 ? 524 HOH A O   1 
HETATM 1352 O O   . HOH D 3 .   ? -16.046 8.506   10.897  1.00 45.29 ? 525 HOH A O   1 
HETATM 1353 O O   . HOH D 3 .   ? -17.383 -2.265  10.390  1.00 29.42 ? 526 HOH A O   1 
HETATM 1354 O O   . HOH D 3 .   ? 11.826  8.621   12.074  1.00 28.73 ? 527 HOH A O   1 
HETATM 1355 O O   . HOH D 3 .   ? -10.598 0.997   -5.784  1.00 34.20 ? 528 HOH A O   1 
HETATM 1356 O O   . HOH D 3 .   ? 1.900   8.649   -9.543  1.00 27.30 ? 529 HOH A O   1 
HETATM 1357 O O   . HOH D 3 .   ? -21.470 -6.442  9.258   1.00 39.26 ? 530 HOH A O   1 
HETATM 1358 O O   . HOH D 3 .   ? -2.848  -10.721 12.854  1.00 27.74 ? 531 HOH A O   1 
HETATM 1359 O O   . HOH D 3 .   ? -16.825 0.419   9.826   1.00 22.53 ? 532 HOH A O   1 
HETATM 1360 O O   . HOH D 3 .   ? 2.542   -6.914  -0.157  1.00 21.02 ? 533 HOH A O   1 
HETATM 1361 O O   . HOH D 3 .   ? 7.696   7.179   11.691  1.00 34.34 ? 534 HOH A O   1 
HETATM 1362 O O   . HOH D 3 .   ? 1.406   15.593  7.919   1.00 45.73 ? 535 HOH A O   1 
HETATM 1363 O O   . HOH D 3 .   ? -9.715  2.022   15.562  1.00 49.28 ? 536 HOH A O   1 
HETATM 1364 O O   . HOH D 3 .   ? 20.390  8.657   2.691   1.00 38.71 ? 537 HOH A O   1 
HETATM 1365 O O   . HOH D 3 .   ? -17.376 -9.872  3.748   1.00 30.63 ? 538 HOH A O   1 
HETATM 1366 O O   . HOH D 3 .   ? 20.840  4.760   -3.258  1.00 41.51 ? 539 HOH A O   1 
HETATM 1367 O O   . HOH D 3 .   ? 2.380   -6.326  -5.879  1.00 35.40 ? 540 HOH A O   1 
HETATM 1368 O O   . HOH D 3 .   ? -9.161  7.778   -10.102 1.00 40.85 ? 541 HOH A O   1 
HETATM 1369 O O   . HOH D 3 .   ? -9.065  11.499  -3.151  1.00 20.29 ? 542 HOH A O   1 
HETATM 1370 O O   . HOH D 3 .   ? 22.047  2.563   -2.356  1.00 48.33 ? 543 HOH A O   1 
HETATM 1371 O O   . HOH D 3 .   ? -0.224  20.281  3.638   1.00 40.57 ? 544 HOH A O   1 
HETATM 1372 O O   . HOH D 3 .   ? 20.496  -7.533  -6.854  1.00 47.90 ? 545 HOH A O   1 
HETATM 1373 O O   . HOH D 3 .   ? -8.374  26.815  4.923   1.00 36.59 ? 546 HOH A O   1 
HETATM 1374 O O   . HOH D 3 .   ? -6.953  4.863   -10.259 1.00 29.23 ? 547 HOH A O   1 
HETATM 1375 O O   . HOH D 3 .   ? 0.537   -1.798  -12.973 1.00 38.57 ? 548 HOH A O   1 
HETATM 1376 O O   . HOH D 3 .   ? -3.497  19.238  -3.418  1.00 42.15 ? 549 HOH A O   1 
HETATM 1377 O O   . HOH D 3 .   ? -18.429 2.274   12.495  1.00 40.63 ? 550 HOH A O   1 
HETATM 1378 O O   . HOH D 3 .   ? 22.287  6.261   -0.900  1.00 51.47 ? 551 HOH A O   1 
HETATM 1379 O O   . HOH D 3 .   ? 17.216  -1.681  -10.731 1.00 61.09 ? 552 HOH A O   1 
HETATM 1380 O O   . HOH D 3 .   ? -2.770  15.082  4.916   1.00 35.60 ? 553 HOH A O   1 
HETATM 1381 O O   . HOH D 3 .   ? -1.882  10.955  -6.991  1.00 47.92 ? 554 HOH A O   1 
HETATM 1382 O O   . HOH D 3 .   ? -6.428  7.952   13.498  1.00 42.71 ? 555 HOH A O   1 
HETATM 1383 O O   . HOH D 3 .   ? -0.217  -7.364  -2.343  1.00 38.24 ? 556 HOH A O   1 
HETATM 1384 O O   . HOH D 3 .   ? 4.219   4.969   -12.471 1.00 48.21 ? 557 HOH A O   1 
HETATM 1385 O O   . HOH D 3 .   ? -19.407 -1.203  7.876   1.00 34.61 ? 558 HOH A O   1 
HETATM 1386 O O   . HOH D 3 .   ? 13.086  13.405  8.401   1.00 33.21 ? 559 HOH A O   1 
HETATM 1387 O O   . HOH D 3 .   ? -14.982 -13.337 9.983   1.00 32.91 ? 560 HOH A O   1 
HETATM 1388 O O   . HOH D 3 .   ? 18.172  -7.565  -3.242  1.00 42.60 ? 561 HOH A O   1 
HETATM 1389 O O   . HOH D 3 .   ? 11.094  13.759  -6.333  1.00 55.95 ? 562 HOH A O   1 
HETATM 1390 O O   . HOH D 3 .   ? -0.561  -14.310 -4.801  1.00 64.81 ? 563 HOH A O   1 
HETATM 1391 O O   . HOH D 3 .   ? -19.897 -9.586  12.203  1.00 58.76 ? 564 HOH A O   1 
HETATM 1392 O O   . HOH D 3 .   ? 22.269  6.915   3.035   1.00 54.02 ? 565 HOH A O   1 
HETATM 1393 O O   . HOH D 3 .   ? -7.655  13.058  -5.188  1.00 24.40 ? 566 HOH A O   1 
HETATM 1394 O O   . HOH D 3 .   ? -12.500 7.609   11.928  1.00 29.46 ? 567 HOH A O   1 
HETATM 1395 O O   . HOH D 3 .   ? 3.311   -6.087  -3.163  1.00 32.14 ? 568 HOH A O   1 
HETATM 1396 O O   . HOH D 3 .   ? -17.238 5.585   -0.230  1.00 37.60 ? 569 HOH A O   1 
HETATM 1397 O O   . HOH D 3 .   ? 1.840   12.648  -8.898  1.00 56.73 ? 570 HOH A O   1 
HETATM 1398 O O   . HOH D 3 .   ? 12.287  7.301   14.214  1.00 43.99 ? 571 HOH A O   1 
HETATM 1399 O O   . HOH D 3 .   ? 9.406   9.198   10.558  1.00 28.63 ? 572 HOH A O   1 
HETATM 1400 O O   . HOH D 3 .   ? -5.100  16.235  -4.448  1.00 37.31 ? 573 HOH A O   1 
HETATM 1401 O O   . HOH D 3 .   ? 0.201   10.409  -9.281  1.00 50.66 ? 574 HOH A O   1 
HETATM 1402 O O   . HOH D 3 .   ? -1.619  13.824  12.651  1.00 48.49 ? 575 HOH A O   1 
HETATM 1403 O O   . HOH D 3 .   ? 20.062  -4.617  -10.028 1.00 48.34 ? 576 HOH A O   1 
HETATM 1404 O O   . HOH D 3 .   ? -4.033  13.913  8.103   1.00 39.55 ? 577 HOH A O   1 
HETATM 1405 O O   . HOH D 3 .   ? -3.782  14.571  -5.927  1.00 39.76 ? 578 HOH A O   1 
HETATM 1406 O O   . HOH D 3 .   ? 21.110  12.886  2.965   1.00 47.52 ? 579 HOH A O   1 
HETATM 1407 O O   . HOH D 3 .   ? 20.866  10.497  5.303   1.00 43.77 ? 580 HOH A O   1 
HETATM 1408 O O   . HOH D 3 .   ? -12.591 1.635   -1.158  1.00 24.65 ? 581 HOH A O   1 
HETATM 1409 O O   . HOH D 3 .   ? -10.346 3.525   18.445  1.00 59.35 ? 582 HOH A O   1 
HETATM 1410 O O   . HOH D 3 .   ? 13.175  15.053  4.455   1.00 37.34 ? 583 HOH A O   1 
HETATM 1411 O O   . HOH D 3 .   ? 6.643   12.890  11.677  1.00 36.78 ? 584 HOH A O   1 
HETATM 1412 O O   . HOH D 3 .   ? -0.804  0.463   -13.215 1.00 37.70 ? 585 HOH A O   1 
HETATM 1413 O O   . HOH D 3 .   ? -13.588 10.433  10.834  1.00 44.85 ? 586 HOH A O   1 
HETATM 1414 O O   . HOH D 3 .   ? -15.356 -14.723 12.506  1.00 44.04 ? 587 HOH A O   1 
HETATM 1415 O O   . HOH D 3 .   ? -14.860 -9.493  16.378  1.00 50.23 ? 588 HOH A O   1 
HETATM 1416 O O   . HOH D 3 .   ? -1.039  14.622  -5.950  1.00 42.93 ? 589 HOH A O   1 
HETATM 1417 O O   . HOH D 3 .   ? -11.302 -14.203 12.121  1.00 26.43 ? 590 HOH A O   1 
HETATM 1418 O O   . HOH D 3 .   ? 2.946   14.669  -4.709  1.00 36.38 ? 591 HOH A O   1 
HETATM 1419 O O   . HOH D 3 .   ? -1.374  19.030  5.832   1.00 53.76 ? 592 HOH A O   1 
HETATM 1420 O O   . HOH D 3 .   ? 6.177   6.777   -11.412 1.00 49.67 ? 593 HOH A O   1 
HETATM 1421 O O   . HOH D 3 .   ? -17.668 11.001  4.155   1.00 32.63 ? 594 HOH A O   1 
HETATM 1422 O O   . HOH D 3 .   ? -17.755 3.870   1.528   1.00 44.04 ? 595 HOH A O   1 
HETATM 1423 O O   . HOH D 3 .   ? -20.602 -3.811  4.941   1.00 35.28 ? 596 HOH A O   1 
HETATM 1424 O O   . HOH D 3 .   ? -10.861 6.684   14.026  1.00 35.49 ? 597 HOH A O   1 
HETATM 1425 O O   . HOH D 3 .   ? -18.631 6.122   12.351  1.00 44.98 ? 598 HOH A O   1 
HETATM 1426 O O   . HOH D 3 .   ? -13.476 -7.218  14.106  1.00 30.31 ? 599 HOH A O   1 
HETATM 1427 O O   . HOH D 3 .   ? -17.925 -11.219 1.518   1.00 43.71 ? 600 HOH A O   1 
HETATM 1428 O O   . HOH D 3 .   ? -18.347 -10.904 6.100   1.00 52.30 ? 601 HOH A O   1 
HETATM 1429 O O   . HOH D 3 .   ? -11.639 -15.321 15.759  1.00 39.22 ? 602 HOH A O   1 
HETATM 1430 O O   . HOH D 3 .   ? 2.989   10.142  15.737  1.00 38.15 ? 603 HOH A O   1 
HETATM 1431 O O   . HOH D 3 .   ? -1.668  13.382  8.709   1.00 47.22 ? 604 HOH A O   1 
HETATM 1432 O O   . HOH D 3 .   ? -1.029  14.598  6.739   1.00 42.11 ? 605 HOH A O   1 
HETATM 1433 O O   . HOH D 3 .   ? 8.711   15.078  7.195   1.00 50.60 ? 606 HOH A O   1 
HETATM 1434 O O   . HOH D 3 .   ? 8.396   14.717  4.785   1.00 35.83 ? 607 HOH A O   1 
HETATM 1435 O O   . HOH D 3 .   ? 7.386   8.924   -10.725 1.00 48.87 ? 608 HOH A O   1 
# 
loop_
_pdbx_poly_seq_scheme.asym_id 
_pdbx_poly_seq_scheme.entity_id 
_pdbx_poly_seq_scheme.seq_id 
_pdbx_poly_seq_scheme.mon_id 
_pdbx_poly_seq_scheme.ndb_seq_num 
_pdbx_poly_seq_scheme.pdb_seq_num 
_pdbx_poly_seq_scheme.auth_seq_num 
_pdbx_poly_seq_scheme.pdb_mon_id 
_pdbx_poly_seq_scheme.auth_mon_id 
_pdbx_poly_seq_scheme.pdb_strand_id 
_pdbx_poly_seq_scheme.pdb_ins_code 
_pdbx_poly_seq_scheme.hetero 
A 1 1   MET 1   1   ?   ?   ?   A . n 
A 1 2   PRO 2   2   ?   ?   ?   A . n 
A 1 3   ILE 3   3   ?   ?   ?   A . n 
A 1 4   ALA 4   4   ?   ?   ?   A . n 
A 1 5   SER 5   5   5   SER SER A . n 
A 1 6   TYR 6   6   6   TYR TYR A . n 
A 1 7   ALA 7   7   7   ALA ALA A . n 
A 1 8   GLN 8   8   8   GLN GLN A . n 
A 1 9   GLU 9   9   9   GLU GLU A . n 
A 1 10  LEU 10  10  10  LEU LEU A . n 
A 1 11  LYS 11  11  11  LYS LYS A . n 
A 1 12  LEU 12  12  12  LEU LEU A . n 
A 1 13  ALA 13  13  13  ALA ALA A . n 
A 1 14  LEU 14  14  14  LEU LEU A . n 
A 1 15  HIS 15  15  15  HIS HIS A . n 
A 1 16  GLN 16  16  16  GLN GLN A . n 
A 1 17  TYR 17  17  17  TYR TYR A . n 
A 1 18  PRO 18  18  18  PRO PRO A . n 
A 1 19  ASN 19  19  19  ASN ASN A . n 
A 1 20  PHE 20  20  20  PHE PHE A . n 
A 1 21  PRO 21  21  21  PRO PRO A . n 
A 1 22  SER 22  22  22  SER SER A . n 
A 1 23  GLU 23  23  23  GLU ALA A . n 
A 1 24  GLY 24  24  24  GLY GLY A . n 
A 1 25  ILE 25  25  25  ILE ALA A . n 
A 1 26  LEU 26  26  26  LEU LEU A . n 
A 1 27  PHE 27  27  27  PHE PHE A . n 
A 1 28  GLU 28  28  28  GLU GLU A . n 
A 1 29  ASP 29  29  29  ASP ASP A . n 
A 1 30  PHE 30  30  30  PHE PHE A . n 
A 1 31  LEU 31  31  31  LEU LEU A . n 
A 1 32  PRO 32  32  32  PRO PRO A . n 
A 1 33  ILE 33  33  33  ILE ILE A . n 
A 1 34  PHE 34  34  34  PHE PHE A . n 
A 1 35  ARG 35  35  35  ARG ARG A . n 
A 1 36  ASN 36  36  36  ASN ASN A . n 
A 1 37  PRO 37  37  37  PRO PRO A . n 
A 1 38  GLY 38  38  38  GLY GLY A . n 
A 1 39  LEU 39  39  39  LEU LEU A . n 
A 1 40  PHE 40  40  40  PHE PHE A . n 
A 1 41  GLN 41  41  41  GLN GLN A . n 
A 1 42  LYS 42  42  42  LYS LYS A . n 
A 1 43  LEU 43  43  43  LEU LEU A . n 
A 1 44  ILE 44  44  44  ILE ILE A . n 
A 1 45  ASP 45  45  45  ASP ASP A . n 
A 1 46  ALA 46  46  46  ALA ALA A . n 
A 1 47  PHE 47  47  47  PHE PHE A . n 
A 1 48  LYS 48  48  48  LYS LYS A . n 
A 1 49  LEU 49  49  49  LEU LEU A . n 
A 1 50  HIS 50  50  50  HIS HIS A . n 
A 1 51  LEU 51  51  51  LEU LEU A . n 
A 1 52  GLU 52  52  52  GLU GLU A . n 
A 1 53  GLU 53  53  53  GLU GLU A . n 
A 1 54  ALA 54  54  54  ALA ALA A . n 
A 1 55  PHE 55  55  55  PHE PHE A . n 
A 1 56  PRO 56  56  56  PRO PRO A . n 
A 1 57  GLU 57  57  57  GLU GLU A . n 
A 1 58  VAL 58  58  58  VAL VAL A . n 
A 1 59  LYS 59  59  59  LYS LYS A . n 
A 1 60  ILE 60  60  60  ILE ILE A . n 
A 1 61  ASP 61  61  61  ASP ASP A . n 
A 1 62  TYR 62  62  62  TYR TYR A . n 
A 1 63  ILE 63  63  63  ILE ILE A . n 
A 1 64  VAL 64  64  64  VAL VAL A . n 
A 1 65  GLY 65  65  65  GLY GLY A . n 
A 1 66  LEU 66  66  66  LEU LEU A . n 
A 1 67  GLU 67  67  67  GLU GLU A . n 
A 1 68  SER 68  68  68  SER SER A . n 
A 1 69  ARG 69  69  69  ARG ARG A . n 
A 1 70  GLY 70  70  70  GLY GLY A . n 
A 1 71  PHE 71  71  71  PHE PHE A . n 
A 1 72  LEU 72  72  72  LEU LEU A . n 
A 1 73  PHE 73  73  73  PHE PHE A . n 
A 1 74  GLY 74  74  74  GLY GLY A . n 
A 1 75  PRO 75  75  75  PRO PRO A . n 
A 1 76  THR 76  76  76  THR THR A . n 
A 1 77  LEU 77  77  77  LEU LEU A . n 
A 1 78  ALA 78  78  78  ALA ALA A . n 
A 1 79  LEU 79  79  79  LEU LEU A . n 
A 1 80  ALA 80  80  80  ALA ALA A . n 
A 1 81  LEU 81  81  81  LEU LEU A . n 
A 1 82  GLY 82  82  82  GLY GLY A . n 
A 1 83  VAL 83  83  83  VAL VAL A . n 
A 1 84  GLY 84  84  84  GLY GLY A . n 
A 1 85  PHE 85  85  85  PHE PHE A . n 
A 1 86  VAL 86  86  86  VAL VAL A . n 
A 1 87  PRO 87  87  87  PRO PRO A . n 
A 1 88  VAL 88  88  88  VAL VAL A . n 
A 1 89  ARG 89  89  89  ARG ARG A . n 
A 1 90  LYS 90  90  90  LYS LYS A . n 
A 1 91  ALA 91  91  91  ALA ALA A . n 
A 1 92  GLY 92  92  92  GLY GLY A . n 
A 1 93  LYS 93  93  93  LYS LYS A . n 
A 1 94  LEU 94  94  94  LEU LEU A . n 
A 1 95  PRO 95  95  95  PRO PRO A . n 
A 1 96  GLY 96  96  96  GLY GLY A . n 
A 1 97  GLU 97  97  97  GLU GLU A . n 
A 1 98  CYS 98  98  98  CYS CYS A . n 
A 1 99  PHE 99  99  99  PHE PHE A . n 
A 1 100 LYS 100 100 100 LYS LYS A . n 
A 1 101 ALA 101 101 101 ALA ALA A . n 
A 1 102 THR 102 102 102 THR THR A . n 
A 1 103 TYR 103 103 103 TYR TYR A . n 
A 1 104 GLU 104 104 104 GLU GLU A . n 
A 1 105 LYS 105 105 ?   ?   ?   A . n 
A 1 106 GLU 106 106 ?   ?   ?   A . n 
A 1 107 TYR 107 107 ?   ?   ?   A . n 
A 1 108 GLY 108 108 ?   ?   ?   A . n 
A 1 109 SER 109 109 109 SER SER A . n 
A 1 110 ASP 110 110 110 ASP ASP A . n 
A 1 111 LEU 111 111 111 LEU LEU A . n 
A 1 112 PHE 112 112 112 PHE PHE A . n 
A 1 113 GLU 113 113 113 GLU GLU A . n 
A 1 114 ILE 114 114 114 ILE ILE A . n 
A 1 115 GLN 115 115 115 GLN GLN A . n 
A 1 116 LYS 116 116 116 LYS LYS A . n 
A 1 117 ASN 117 117 117 ASN ASN A . n 
A 1 118 ALA 118 118 118 ALA ALA A . n 
A 1 119 ILE 119 119 119 ILE ILE A . n 
A 1 120 PRO 120 120 120 PRO PRO A . n 
A 1 121 ALA 121 121 121 ALA ALA A . n 
A 1 122 GLY 122 122 122 GLY GLY A . n 
A 1 123 SER 123 123 123 SER SER A . n 
A 1 124 ASN 124 124 124 ASN ASN A . n 
A 1 125 VAL 125 125 125 VAL VAL A . n 
A 1 126 ILE 126 126 126 ILE ILE A . n 
A 1 127 ILE 127 127 127 ILE ILE A . n 
A 1 128 VAL 128 128 128 VAL VAL A . n 
A 1 129 ASP 129 129 129 ASP ASP A . n 
A 1 130 ASP 130 130 130 ASP ASP A . n 
A 1 131 ILE 131 131 131 ILE ILE A . n 
A 1 132 ILE 132 132 132 ILE ILE A . n 
A 1 133 ALA 133 133 133 ALA ALA A . n 
A 1 134 THR 134 134 134 THR THR A . n 
A 1 135 GLY 135 135 135 GLY GLY A . n 
A 1 136 GLY 136 136 136 GLY GLY A . n 
A 1 137 SER 137 137 137 SER SER A . n 
A 1 138 ALA 138 138 138 ALA ALA A . n 
A 1 139 ALA 139 139 139 ALA ALA A . n 
A 1 140 ALA 140 140 140 ALA ALA A . n 
A 1 141 ALA 141 141 141 ALA ALA A . n 
A 1 142 GLY 142 142 142 GLY GLY A . n 
A 1 143 GLU 143 143 143 GLU GLU A . n 
A 1 144 LEU 144 144 144 LEU LEU A . n 
A 1 145 VAL 145 145 145 VAL VAL A . n 
A 1 146 GLU 146 146 146 GLU GLU A . n 
A 1 147 GLN 147 147 147 GLN GLN A . n 
A 1 148 LEU 148 148 148 LEU LEU A . n 
A 1 149 GLU 149 149 149 GLU GLU A . n 
A 1 150 ALA 150 150 150 ALA ALA A . n 
A 1 151 ASN 151 151 151 ASN ASN A . n 
A 1 152 LEU 152 152 152 LEU LEU A . n 
A 1 153 LEU 153 153 153 LEU LEU A . n 
A 1 154 GLU 154 154 154 GLU GLU A . n 
A 1 155 TYR 155 155 155 TYR TYR A . n 
A 1 156 ASN 156 156 156 ASN ASN A . n 
A 1 157 PHE 157 157 157 PHE PHE A . n 
A 1 158 VAL 158 158 158 VAL VAL A . n 
A 1 159 MET 159 159 159 MET MET A . n 
A 1 160 GLU 160 160 160 GLU GLU A . n 
A 1 161 LEU 161 161 161 LEU LEU A . n 
A 1 162 ASP 162 162 162 ASP ASP A . n 
A 1 163 PHE 163 163 163 PHE PHE A . n 
A 1 164 LEU 164 164 164 LEU LEU A . n 
A 1 165 LYS 165 165 165 LYS LYS A . n 
A 1 166 GLY 166 166 166 GLY GLY A . n 
A 1 167 ARG 167 167 167 ARG ARG A . n 
A 1 168 SER 168 168 168 SER SER A . n 
A 1 169 LYS 169 169 169 LYS LYS A . n 
A 1 170 LEU 170 170 170 LEU LEU A . n 
A 1 171 ASN 171 171 171 ASN ASN A . n 
A 1 172 ALA 172 172 172 ALA ALA A . n 
A 1 173 PRO 173 173 173 PRO PRO A . n 
A 1 174 VAL 174 174 174 VAL VAL A . n 
A 1 175 PHE 175 175 175 PHE PHE A . n 
A 1 176 THR 176 176 176 THR THR A . n 
A 1 177 LEU 177 177 177 LEU LEU A . n 
A 1 178 LEU 178 178 178 LEU LEU A . n 
A 1 179 ASN 179 179 ?   ?   ?   A . n 
A 1 180 ALA 180 180 ?   ?   ?   A . n 
A 1 181 GLN 181 181 ?   ?   ?   A . n 
A 1 182 LYS 182 182 ?   ?   ?   A . n 
A 1 183 GLU 183 183 ?   ?   ?   A . n 
A 1 184 ALA 184 184 ?   ?   ?   A . n 
A 1 185 LEU 185 185 ?   ?   ?   A . n 
A 1 186 LYS 186 186 ?   ?   ?   A . n 
A 1 187 LYS 187 187 ?   ?   ?   A . n 
# 
loop_
_pdbx_nonpoly_scheme.asym_id 
_pdbx_nonpoly_scheme.entity_id 
_pdbx_nonpoly_scheme.mon_id 
_pdbx_nonpoly_scheme.ndb_seq_num 
_pdbx_nonpoly_scheme.pdb_seq_num 
_pdbx_nonpoly_scheme.auth_seq_num 
_pdbx_nonpoly_scheme.pdb_mon_id 
_pdbx_nonpoly_scheme.auth_mon_id 
_pdbx_nonpoly_scheme.pdb_strand_id 
_pdbx_nonpoly_scheme.pdb_ins_code 
B 2 SO4 1   301 301 SO4 SO4 A . 
C 2 SO4 1   302 302 SO4 SO4 A . 
D 3 HOH 1   501 501 HOH HOH A . 
D 3 HOH 2   502 502 HOH HOH A . 
D 3 HOH 3   503 503 HOH HOH A . 
D 3 HOH 4   504 504 HOH HOH A . 
D 3 HOH 5   505 505 HOH HOH A . 
D 3 HOH 6   506 506 HOH HOH A . 
D 3 HOH 7   507 507 HOH HOH A . 
D 3 HOH 8   508 508 HOH HOH A . 
D 3 HOH 9   509 509 HOH HOH A . 
D 3 HOH 10  510 510 HOH HOH A . 
D 3 HOH 11  511 511 HOH HOH A . 
D 3 HOH 12  512 512 HOH HOH A . 
D 3 HOH 13  513 513 HOH HOH A . 
D 3 HOH 14  514 514 HOH HOH A . 
D 3 HOH 15  515 515 HOH HOH A . 
D 3 HOH 16  516 516 HOH HOH A . 
D 3 HOH 17  517 517 HOH HOH A . 
D 3 HOH 18  518 518 HOH HOH A . 
D 3 HOH 19  519 519 HOH HOH A . 
D 3 HOH 20  520 520 HOH HOH A . 
D 3 HOH 21  521 521 HOH HOH A . 
D 3 HOH 22  522 522 HOH HOH A . 
D 3 HOH 23  523 523 HOH HOH A . 
D 3 HOH 24  524 524 HOH HOH A . 
D 3 HOH 25  525 525 HOH HOH A . 
D 3 HOH 26  526 526 HOH HOH A . 
D 3 HOH 27  527 527 HOH HOH A . 
D 3 HOH 28  528 528 HOH HOH A . 
D 3 HOH 29  529 529 HOH HOH A . 
D 3 HOH 30  530 530 HOH HOH A . 
D 3 HOH 31  531 531 HOH HOH A . 
D 3 HOH 32  532 532 HOH HOH A . 
D 3 HOH 33  533 533 HOH HOH A . 
D 3 HOH 34  534 534 HOH HOH A . 
D 3 HOH 35  535 535 HOH HOH A . 
D 3 HOH 36  536 536 HOH HOH A . 
D 3 HOH 37  537 537 HOH HOH A . 
D 3 HOH 38  538 538 HOH HOH A . 
D 3 HOH 39  539 539 HOH HOH A . 
D 3 HOH 40  540 540 HOH HOH A . 
D 3 HOH 41  541 541 HOH HOH A . 
D 3 HOH 42  542 542 HOH HOH A . 
D 3 HOH 43  543 543 HOH HOH A . 
D 3 HOH 44  544 544 HOH HOH A . 
D 3 HOH 45  545 545 HOH HOH A . 
D 3 HOH 46  546 546 HOH HOH A . 
D 3 HOH 47  547 547 HOH HOH A . 
D 3 HOH 48  548 548 HOH HOH A . 
D 3 HOH 49  549 549 HOH HOH A . 
D 3 HOH 50  550 550 HOH HOH A . 
D 3 HOH 51  551 551 HOH HOH A . 
D 3 HOH 52  552 552 HOH HOH A . 
D 3 HOH 53  553 553 HOH HOH A . 
D 3 HOH 54  554 554 HOH HOH A . 
D 3 HOH 55  555 555 HOH HOH A . 
D 3 HOH 56  556 556 HOH HOH A . 
D 3 HOH 57  557 557 HOH HOH A . 
D 3 HOH 58  558 558 HOH HOH A . 
D 3 HOH 59  559 559 HOH HOH A . 
D 3 HOH 60  560 560 HOH HOH A . 
D 3 HOH 61  561 561 HOH HOH A . 
D 3 HOH 62  562 562 HOH HOH A . 
D 3 HOH 63  563 563 HOH HOH A . 
D 3 HOH 64  564 564 HOH HOH A . 
D 3 HOH 65  565 565 HOH HOH A . 
D 3 HOH 66  566 566 HOH HOH A . 
D 3 HOH 67  567 567 HOH HOH A . 
D 3 HOH 68  568 568 HOH HOH A . 
D 3 HOH 69  569 569 HOH HOH A . 
D 3 HOH 70  570 570 HOH HOH A . 
D 3 HOH 71  571 571 HOH HOH A . 
D 3 HOH 72  572 572 HOH HOH A . 
D 3 HOH 73  573 573 HOH HOH A . 
D 3 HOH 74  574 574 HOH HOH A . 
D 3 HOH 75  575 575 HOH HOH A . 
D 3 HOH 76  576 576 HOH HOH A . 
D 3 HOH 77  577 577 HOH HOH A . 
D 3 HOH 78  578 578 HOH HOH A . 
D 3 HOH 79  579 579 HOH HOH A . 
D 3 HOH 80  580 580 HOH HOH A . 
D 3 HOH 81  581 581 HOH HOH A . 
D 3 HOH 82  582 582 HOH HOH A . 
D 3 HOH 83  583 583 HOH HOH A . 
D 3 HOH 84  584 584 HOH HOH A . 
D 3 HOH 85  585 585 HOH HOH A . 
D 3 HOH 86  586 586 HOH HOH A . 
D 3 HOH 87  587 587 HOH HOH A . 
D 3 HOH 88  588 588 HOH HOH A . 
D 3 HOH 89  589 589 HOH HOH A . 
D 3 HOH 90  590 590 HOH HOH A . 
D 3 HOH 91  591 591 HOH HOH A . 
D 3 HOH 92  592 592 HOH HOH A . 
D 3 HOH 93  593 593 HOH HOH A . 
D 3 HOH 94  594 594 HOH HOH A . 
D 3 HOH 95  595 595 HOH HOH A . 
D 3 HOH 96  596 596 HOH HOH A . 
D 3 HOH 97  597 597 HOH HOH A . 
D 3 HOH 98  598 598 HOH HOH A . 
D 3 HOH 99  599 599 HOH HOH A . 
D 3 HOH 100 600 600 HOH HOH A . 
D 3 HOH 101 601 601 HOH HOH A . 
D 3 HOH 102 602 602 HOH HOH A . 
D 3 HOH 103 603 603 HOH HOH A . 
D 3 HOH 104 604 604 HOH HOH A . 
D 3 HOH 105 605 605 HOH HOH A . 
D 3 HOH 106 606 606 HOH HOH A . 
D 3 HOH 107 607 607 HOH HOH A . 
D 3 HOH 108 608 608 HOH HOH A . 
# 
_pdbx_struct_assembly.id                   1 
_pdbx_struct_assembly.details              author_and_software_defined_assembly 
_pdbx_struct_assembly.method_details       PISA,PQS 
_pdbx_struct_assembly.oligomeric_details   dimeric 
_pdbx_struct_assembly.oligomeric_count     2 
# 
_pdbx_struct_assembly_gen.assembly_id       1 
_pdbx_struct_assembly_gen.oper_expression   1,2 
_pdbx_struct_assembly_gen.asym_id_list      A,B,C,D 
# 
loop_
_pdbx_struct_assembly_prop.biol_id 
_pdbx_struct_assembly_prop.type 
_pdbx_struct_assembly_prop.value 
_pdbx_struct_assembly_prop.details 
1 'ABSA (A^2)' 4020  ? 
1 MORE         -83   ? 
1 'SSA (A^2)'  14100 ? 
# 
loop_
_pdbx_struct_oper_list.id 
_pdbx_struct_oper_list.type 
_pdbx_struct_oper_list.name 
_pdbx_struct_oper_list.symmetry_operation 
_pdbx_struct_oper_list.matrix[1][1] 
_pdbx_struct_oper_list.matrix[1][2] 
_pdbx_struct_oper_list.matrix[1][3] 
_pdbx_struct_oper_list.vector[1] 
_pdbx_struct_oper_list.matrix[2][1] 
_pdbx_struct_oper_list.matrix[2][2] 
_pdbx_struct_oper_list.matrix[2][3] 
_pdbx_struct_oper_list.vector[2] 
_pdbx_struct_oper_list.matrix[3][1] 
_pdbx_struct_oper_list.matrix[3][2] 
_pdbx_struct_oper_list.matrix[3][3] 
_pdbx_struct_oper_list.vector[3] 
1 'identity operation'         1_555 x,y,z         1.0000000000  0.0000000000 0.0000000000 0.0000000000  0.0000000000 1.0000000000 0.0000000000 0.0000000000   0.0000000000 0.0000000000 1.0000000000  0.0000000000  
2 'crystal symmetry operation' 6_755 -x+2,-y+1/2,z -0.8323048232 0.5115486790 0.2135102580 10.7505027942 0.5115486790 0.5604625965 0.6513060931 -10.4185679600 0.2135102580 0.6513060931 -0.7281577733 16.5181628434 
# 
loop_
_pdbx_audit_revision_history.ordinal 
_pdbx_audit_revision_history.data_content_type 
_pdbx_audit_revision_history.major_revision 
_pdbx_audit_revision_history.minor_revision 
_pdbx_audit_revision_history.revision_date 
1 'Structure model' 1 0 2001-12-05 
2 'Structure model' 1 1 2008-04-27 
3 'Structure model' 1 2 2011-07-13 
4 'Structure model' 1 3 2023-08-09 
# 
_pdbx_audit_revision_details.ordinal             1 
_pdbx_audit_revision_details.revision_ordinal    1 
_pdbx_audit_revision_details.data_content_type   'Structure model' 
_pdbx_audit_revision_details.provider            repository 
_pdbx_audit_revision_details.type                'Initial release' 
_pdbx_audit_revision_details.description         ? 
_pdbx_audit_revision_details.details             ? 
# 
loop_
_pdbx_audit_revision_group.ordinal 
_pdbx_audit_revision_group.revision_ordinal 
_pdbx_audit_revision_group.data_content_type 
_pdbx_audit_revision_group.group 
1 2 'Structure model' 'Version format compliance' 
2 3 'Structure model' 'Derived calculations'      
3 3 'Structure model' 'Version format compliance' 
4 4 'Structure model' 'Data collection'           
5 4 'Structure model' 'Database references'       
6 4 'Structure model' 'Derived calculations'      
7 4 'Structure model' 'Refinement description'    
# 
loop_
_pdbx_audit_revision_category.ordinal 
_pdbx_audit_revision_category.revision_ordinal 
_pdbx_audit_revision_category.data_content_type 
_pdbx_audit_revision_category.category 
1 4 'Structure model' chem_comp_atom                
2 4 'Structure model' chem_comp_bond                
3 4 'Structure model' database_2                    
4 4 'Structure model' pdbx_initial_refinement_model 
5 4 'Structure model' struct_site                   
# 
loop_
_pdbx_audit_revision_item.ordinal 
_pdbx_audit_revision_item.revision_ordinal 
_pdbx_audit_revision_item.data_content_type 
_pdbx_audit_revision_item.item 
1 4 'Structure model' '_database_2.pdbx_DOI'                
2 4 'Structure model' '_database_2.pdbx_database_accession' 
3 4 'Structure model' '_struct_site.pdbx_auth_asym_id'      
4 4 'Structure model' '_struct_site.pdbx_auth_comp_id'      
5 4 'Structure model' '_struct_site.pdbx_auth_seq_id'       
# 
loop_
_software.name 
_software.classification 
_software.version 
_software.citation_id 
_software.pdbx_ordinal 
AMoRE     phasing          .   ? 1 
CNS       refinement       0.9 ? 2 
DENZO     'data reduction' .   ? 3 
SCALEPACK 'data scaling'   .   ? 4 
# 
loop_
_pdbx_validate_symm_contact.id 
_pdbx_validate_symm_contact.PDB_model_num 
_pdbx_validate_symm_contact.auth_atom_id_1 
_pdbx_validate_symm_contact.auth_asym_id_1 
_pdbx_validate_symm_contact.auth_comp_id_1 
_pdbx_validate_symm_contact.auth_seq_id_1 
_pdbx_validate_symm_contact.PDB_ins_code_1 
_pdbx_validate_symm_contact.label_alt_id_1 
_pdbx_validate_symm_contact.site_symmetry_1 
_pdbx_validate_symm_contact.auth_atom_id_2 
_pdbx_validate_symm_contact.auth_asym_id_2 
_pdbx_validate_symm_contact.auth_comp_id_2 
_pdbx_validate_symm_contact.auth_seq_id_2 
_pdbx_validate_symm_contact.PDB_ins_code_2 
_pdbx_validate_symm_contact.label_alt_id_2 
_pdbx_validate_symm_contact.site_symmetry_2 
_pdbx_validate_symm_contact.dist 
1 1 NE2 A GLN 16  ? ? 1_555 NE2 A GLN 16  ? ? 6_655 1.98 
2 1 O   A HOH 515 ? ? 1_555 O   A HOH 515 ? ? 6_755 2.18 
# 
loop_
_pdbx_validate_torsion.id 
_pdbx_validate_torsion.PDB_model_num 
_pdbx_validate_torsion.auth_comp_id 
_pdbx_validate_torsion.auth_asym_id 
_pdbx_validate_torsion.auth_seq_id 
_pdbx_validate_torsion.PDB_ins_code 
_pdbx_validate_torsion.label_alt_id 
_pdbx_validate_torsion.phi 
_pdbx_validate_torsion.psi 
1 1 PHE A 20  ? ? -71.07  -71.08 
2 1 ALA A 133 ? ? -111.39 -95.03 
# 
loop_
_pdbx_unobs_or_zero_occ_atoms.id 
_pdbx_unobs_or_zero_occ_atoms.PDB_model_num 
_pdbx_unobs_or_zero_occ_atoms.polymer_flag 
_pdbx_unobs_or_zero_occ_atoms.occupancy_flag 
_pdbx_unobs_or_zero_occ_atoms.auth_asym_id 
_pdbx_unobs_or_zero_occ_atoms.auth_comp_id 
_pdbx_unobs_or_zero_occ_atoms.auth_seq_id 
_pdbx_unobs_or_zero_occ_atoms.PDB_ins_code 
_pdbx_unobs_or_zero_occ_atoms.auth_atom_id 
_pdbx_unobs_or_zero_occ_atoms.label_alt_id 
_pdbx_unobs_or_zero_occ_atoms.label_asym_id 
_pdbx_unobs_or_zero_occ_atoms.label_comp_id 
_pdbx_unobs_or_zero_occ_atoms.label_seq_id 
_pdbx_unobs_or_zero_occ_atoms.label_atom_id 
1 1 Y 1 A GLU 23 ? CG  ? A GLU 23 CG  
2 1 Y 1 A GLU 23 ? CD  ? A GLU 23 CD  
3 1 Y 1 A GLU 23 ? OE1 ? A GLU 23 OE1 
4 1 Y 1 A GLU 23 ? OE2 ? A GLU 23 OE2 
5 1 Y 1 A ILE 25 ? CG1 ? A ILE 25 CG1 
6 1 Y 1 A ILE 25 ? CG2 ? A ILE 25 CG2 
7 1 Y 1 A ILE 25 ? CD1 ? A ILE 25 CD1 
# 
loop_
_pdbx_unobs_or_zero_occ_residues.id 
_pdbx_unobs_or_zero_occ_residues.PDB_model_num 
_pdbx_unobs_or_zero_occ_residues.polymer_flag 
_pdbx_unobs_or_zero_occ_residues.occupancy_flag 
_pdbx_unobs_or_zero_occ_residues.auth_asym_id 
_pdbx_unobs_or_zero_occ_residues.auth_comp_id 
_pdbx_unobs_or_zero_occ_residues.auth_seq_id 
_pdbx_unobs_or_zero_occ_residues.PDB_ins_code 
_pdbx_unobs_or_zero_occ_residues.label_asym_id 
_pdbx_unobs_or_zero_occ_residues.label_comp_id 
_pdbx_unobs_or_zero_occ_residues.label_seq_id 
1  1 Y 1 A MET 1   ? A MET 1   
2  1 Y 1 A PRO 2   ? A PRO 2   
3  1 Y 1 A ILE 3   ? A ILE 3   
4  1 Y 1 A ALA 4   ? A ALA 4   
5  1 Y 1 A LYS 105 ? A LYS 105 
6  1 Y 1 A GLU 106 ? A GLU 106 
7  1 Y 1 A TYR 107 ? A TYR 107 
8  1 Y 1 A GLY 108 ? A GLY 108 
9  1 Y 1 A ASN 179 ? A ASN 179 
10 1 Y 1 A ALA 180 ? A ALA 180 
11 1 Y 1 A GLN 181 ? A GLN 181 
12 1 Y 1 A LYS 182 ? A LYS 182 
13 1 Y 1 A GLU 183 ? A GLU 183 
14 1 Y 1 A ALA 184 ? A ALA 184 
15 1 Y 1 A LEU 185 ? A LEU 185 
16 1 Y 1 A LYS 186 ? A LYS 186 
17 1 Y 1 A LYS 187 ? A LYS 187 
# 
loop_
_chem_comp_atom.comp_id 
_chem_comp_atom.atom_id 
_chem_comp_atom.type_symbol 
_chem_comp_atom.pdbx_aromatic_flag 
_chem_comp_atom.pdbx_stereo_config 
_chem_comp_atom.pdbx_ordinal 
ALA N    N N N 1   
ALA CA   C N S 2   
ALA C    C N N 3   
ALA O    O N N 4   
ALA CB   C N N 5   
ALA OXT  O N N 6   
ALA H    H N N 7   
ALA H2   H N N 8   
ALA HA   H N N 9   
ALA HB1  H N N 10  
ALA HB2  H N N 11  
ALA HB3  H N N 12  
ALA HXT  H N N 13  
ARG N    N N N 14  
ARG CA   C N S 15  
ARG C    C N N 16  
ARG O    O N N 17  
ARG CB   C N N 18  
ARG CG   C N N 19  
ARG CD   C N N 20  
ARG NE   N N N 21  
ARG CZ   C N N 22  
ARG NH1  N N N 23  
ARG NH2  N N N 24  
ARG OXT  O N N 25  
ARG H    H N N 26  
ARG H2   H N N 27  
ARG HA   H N N 28  
ARG HB2  H N N 29  
ARG HB3  H N N 30  
ARG HG2  H N N 31  
ARG HG3  H N N 32  
ARG HD2  H N N 33  
ARG HD3  H N N 34  
ARG HE   H N N 35  
ARG HH11 H N N 36  
ARG HH12 H N N 37  
ARG HH21 H N N 38  
ARG HH22 H N N 39  
ARG HXT  H N N 40  
ASN N    N N N 41  
ASN CA   C N S 42  
ASN C    C N N 43  
ASN O    O N N 44  
ASN CB   C N N 45  
ASN CG   C N N 46  
ASN OD1  O N N 47  
ASN ND2  N N N 48  
ASN OXT  O N N 49  
ASN H    H N N 50  
ASN H2   H N N 51  
ASN HA   H N N 52  
ASN HB2  H N N 53  
ASN HB3  H N N 54  
ASN HD21 H N N 55  
ASN HD22 H N N 56  
ASN HXT  H N N 57  
ASP N    N N N 58  
ASP CA   C N S 59  
ASP C    C N N 60  
ASP O    O N N 61  
ASP CB   C N N 62  
ASP CG   C N N 63  
ASP OD1  O N N 64  
ASP OD2  O N N 65  
ASP OXT  O N N 66  
ASP H    H N N 67  
ASP H2   H N N 68  
ASP HA   H N N 69  
ASP HB2  H N N 70  
ASP HB3  H N N 71  
ASP HD2  H N N 72  
ASP HXT  H N N 73  
CYS N    N N N 74  
CYS CA   C N R 75  
CYS C    C N N 76  
CYS O    O N N 77  
CYS CB   C N N 78  
CYS SG   S N N 79  
CYS OXT  O N N 80  
CYS H    H N N 81  
CYS H2   H N N 82  
CYS HA   H N N 83  
CYS HB2  H N N 84  
CYS HB3  H N N 85  
CYS HG   H N N 86  
CYS HXT  H N N 87  
GLN N    N N N 88  
GLN CA   C N S 89  
GLN C    C N N 90  
GLN O    O N N 91  
GLN CB   C N N 92  
GLN CG   C N N 93  
GLN CD   C N N 94  
GLN OE1  O N N 95  
GLN NE2  N N N 96  
GLN OXT  O N N 97  
GLN H    H N N 98  
GLN H2   H N N 99  
GLN HA   H N N 100 
GLN HB2  H N N 101 
GLN HB3  H N N 102 
GLN HG2  H N N 103 
GLN HG3  H N N 104 
GLN HE21 H N N 105 
GLN HE22 H N N 106 
GLN HXT  H N N 107 
GLU N    N N N 108 
GLU CA   C N S 109 
GLU C    C N N 110 
GLU O    O N N 111 
GLU CB   C N N 112 
GLU CG   C N N 113 
GLU CD   C N N 114 
GLU OE1  O N N 115 
GLU OE2  O N N 116 
GLU OXT  O N N 117 
GLU H    H N N 118 
GLU H2   H N N 119 
GLU HA   H N N 120 
GLU HB2  H N N 121 
GLU HB3  H N N 122 
GLU HG2  H N N 123 
GLU HG3  H N N 124 
GLU HE2  H N N 125 
GLU HXT  H N N 126 
GLY N    N N N 127 
GLY CA   C N N 128 
GLY C    C N N 129 
GLY O    O N N 130 
GLY OXT  O N N 131 
GLY H    H N N 132 
GLY H2   H N N 133 
GLY HA2  H N N 134 
GLY HA3  H N N 135 
GLY HXT  H N N 136 
HIS N    N N N 137 
HIS CA   C N S 138 
HIS C    C N N 139 
HIS O    O N N 140 
HIS CB   C N N 141 
HIS CG   C Y N 142 
HIS ND1  N Y N 143 
HIS CD2  C Y N 144 
HIS CE1  C Y N 145 
HIS NE2  N Y N 146 
HIS OXT  O N N 147 
HIS H    H N N 148 
HIS H2   H N N 149 
HIS HA   H N N 150 
HIS HB2  H N N 151 
HIS HB3  H N N 152 
HIS HD1  H N N 153 
HIS HD2  H N N 154 
HIS HE1  H N N 155 
HIS HE2  H N N 156 
HIS HXT  H N N 157 
HOH O    O N N 158 
HOH H1   H N N 159 
HOH H2   H N N 160 
ILE N    N N N 161 
ILE CA   C N S 162 
ILE C    C N N 163 
ILE O    O N N 164 
ILE CB   C N S 165 
ILE CG1  C N N 166 
ILE CG2  C N N 167 
ILE CD1  C N N 168 
ILE OXT  O N N 169 
ILE H    H N N 170 
ILE H2   H N N 171 
ILE HA   H N N 172 
ILE HB   H N N 173 
ILE HG12 H N N 174 
ILE HG13 H N N 175 
ILE HG21 H N N 176 
ILE HG22 H N N 177 
ILE HG23 H N N 178 
ILE HD11 H N N 179 
ILE HD12 H N N 180 
ILE HD13 H N N 181 
ILE HXT  H N N 182 
LEU N    N N N 183 
LEU CA   C N S 184 
LEU C    C N N 185 
LEU O    O N N 186 
LEU CB   C N N 187 
LEU CG   C N N 188 
LEU CD1  C N N 189 
LEU CD2  C N N 190 
LEU OXT  O N N 191 
LEU H    H N N 192 
LEU H2   H N N 193 
LEU HA   H N N 194 
LEU HB2  H N N 195 
LEU HB3  H N N 196 
LEU HG   H N N 197 
LEU HD11 H N N 198 
LEU HD12 H N N 199 
LEU HD13 H N N 200 
LEU HD21 H N N 201 
LEU HD22 H N N 202 
LEU HD23 H N N 203 
LEU HXT  H N N 204 
LYS N    N N N 205 
LYS CA   C N S 206 
LYS C    C N N 207 
LYS O    O N N 208 
LYS CB   C N N 209 
LYS CG   C N N 210 
LYS CD   C N N 211 
LYS CE   C N N 212 
LYS NZ   N N N 213 
LYS OXT  O N N 214 
LYS H    H N N 215 
LYS H2   H N N 216 
LYS HA   H N N 217 
LYS HB2  H N N 218 
LYS HB3  H N N 219 
LYS HG2  H N N 220 
LYS HG3  H N N 221 
LYS HD2  H N N 222 
LYS HD3  H N N 223 
LYS HE2  H N N 224 
LYS HE3  H N N 225 
LYS HZ1  H N N 226 
LYS HZ2  H N N 227 
LYS HZ3  H N N 228 
LYS HXT  H N N 229 
MET N    N N N 230 
MET CA   C N S 231 
MET C    C N N 232 
MET O    O N N 233 
MET CB   C N N 234 
MET CG   C N N 235 
MET SD   S N N 236 
MET CE   C N N 237 
MET OXT  O N N 238 
MET H    H N N 239 
MET H2   H N N 240 
MET HA   H N N 241 
MET HB2  H N N 242 
MET HB3  H N N 243 
MET HG2  H N N 244 
MET HG3  H N N 245 
MET HE1  H N N 246 
MET HE2  H N N 247 
MET HE3  H N N 248 
MET HXT  H N N 249 
PHE N    N N N 250 
PHE CA   C N S 251 
PHE C    C N N 252 
PHE O    O N N 253 
PHE CB   C N N 254 
PHE CG   C Y N 255 
PHE CD1  C Y N 256 
PHE CD2  C Y N 257 
PHE CE1  C Y N 258 
PHE CE2  C Y N 259 
PHE CZ   C Y N 260 
PHE OXT  O N N 261 
PHE H    H N N 262 
PHE H2   H N N 263 
PHE HA   H N N 264 
PHE HB2  H N N 265 
PHE HB3  H N N 266 
PHE HD1  H N N 267 
PHE HD2  H N N 268 
PHE HE1  H N N 269 
PHE HE2  H N N 270 
PHE HZ   H N N 271 
PHE HXT  H N N 272 
PRO N    N N N 273 
PRO CA   C N S 274 
PRO C    C N N 275 
PRO O    O N N 276 
PRO CB   C N N 277 
PRO CG   C N N 278 
PRO CD   C N N 279 
PRO OXT  O N N 280 
PRO H    H N N 281 
PRO HA   H N N 282 
PRO HB2  H N N 283 
PRO HB3  H N N 284 
PRO HG2  H N N 285 
PRO HG3  H N N 286 
PRO HD2  H N N 287 
PRO HD3  H N N 288 
PRO HXT  H N N 289 
SER N    N N N 290 
SER CA   C N S 291 
SER C    C N N 292 
SER O    O N N 293 
SER CB   C N N 294 
SER OG   O N N 295 
SER OXT  O N N 296 
SER H    H N N 297 
SER H2   H N N 298 
SER HA   H N N 299 
SER HB2  H N N 300 
SER HB3  H N N 301 
SER HG   H N N 302 
SER HXT  H N N 303 
SO4 S    S N N 304 
SO4 O1   O N N 305 
SO4 O2   O N N 306 
SO4 O3   O N N 307 
SO4 O4   O N N 308 
THR N    N N N 309 
THR CA   C N S 310 
THR C    C N N 311 
THR O    O N N 312 
THR CB   C N R 313 
THR OG1  O N N 314 
THR CG2  C N N 315 
THR OXT  O N N 316 
THR H    H N N 317 
THR H2   H N N 318 
THR HA   H N N 319 
THR HB   H N N 320 
THR HG1  H N N 321 
THR HG21 H N N 322 
THR HG22 H N N 323 
THR HG23 H N N 324 
THR HXT  H N N 325 
TYR N    N N N 326 
TYR CA   C N S 327 
TYR C    C N N 328 
TYR O    O N N 329 
TYR CB   C N N 330 
TYR CG   C Y N 331 
TYR CD1  C Y N 332 
TYR CD2  C Y N 333 
TYR CE1  C Y N 334 
TYR CE2  C Y N 335 
TYR CZ   C Y N 336 
TYR OH   O N N 337 
TYR OXT  O N N 338 
TYR H    H N N 339 
TYR H2   H N N 340 
TYR HA   H N N 341 
TYR HB2  H N N 342 
TYR HB3  H N N 343 
TYR HD1  H N N 344 
TYR HD2  H N N 345 
TYR HE1  H N N 346 
TYR HE2  H N N 347 
TYR HH   H N N 348 
TYR HXT  H N N 349 
VAL N    N N N 350 
VAL CA   C N S 351 
VAL C    C N N 352 
VAL O    O N N 353 
VAL CB   C N N 354 
VAL CG1  C N N 355 
VAL CG2  C N N 356 
VAL OXT  O N N 357 
VAL H    H N N 358 
VAL H2   H N N 359 
VAL HA   H N N 360 
VAL HB   H N N 361 
VAL HG11 H N N 362 
VAL HG12 H N N 363 
VAL HG13 H N N 364 
VAL HG21 H N N 365 
VAL HG22 H N N 366 
VAL HG23 H N N 367 
VAL HXT  H N N 368 
# 
loop_
_chem_comp_bond.comp_id 
_chem_comp_bond.atom_id_1 
_chem_comp_bond.atom_id_2 
_chem_comp_bond.value_order 
_chem_comp_bond.pdbx_aromatic_flag 
_chem_comp_bond.pdbx_stereo_config 
_chem_comp_bond.pdbx_ordinal 
ALA N   CA   sing N N 1   
ALA N   H    sing N N 2   
ALA N   H2   sing N N 3   
ALA CA  C    sing N N 4   
ALA CA  CB   sing N N 5   
ALA CA  HA   sing N N 6   
ALA C   O    doub N N 7   
ALA C   OXT  sing N N 8   
ALA CB  HB1  sing N N 9   
ALA CB  HB2  sing N N 10  
ALA CB  HB3  sing N N 11  
ALA OXT HXT  sing N N 12  
ARG N   CA   sing N N 13  
ARG N   H    sing N N 14  
ARG N   H2   sing N N 15  
ARG CA  C    sing N N 16  
ARG CA  CB   sing N N 17  
ARG CA  HA   sing N N 18  
ARG C   O    doub N N 19  
ARG C   OXT  sing N N 20  
ARG CB  CG   sing N N 21  
ARG CB  HB2  sing N N 22  
ARG CB  HB3  sing N N 23  
ARG CG  CD   sing N N 24  
ARG CG  HG2  sing N N 25  
ARG CG  HG3  sing N N 26  
ARG CD  NE   sing N N 27  
ARG CD  HD2  sing N N 28  
ARG CD  HD3  sing N N 29  
ARG NE  CZ   sing N N 30  
ARG NE  HE   sing N N 31  
ARG CZ  NH1  sing N N 32  
ARG CZ  NH2  doub N N 33  
ARG NH1 HH11 sing N N 34  
ARG NH1 HH12 sing N N 35  
ARG NH2 HH21 sing N N 36  
ARG NH2 HH22 sing N N 37  
ARG OXT HXT  sing N N 38  
ASN N   CA   sing N N 39  
ASN N   H    sing N N 40  
ASN N   H2   sing N N 41  
ASN CA  C    sing N N 42  
ASN CA  CB   sing N N 43  
ASN CA  HA   sing N N 44  
ASN C   O    doub N N 45  
ASN C   OXT  sing N N 46  
ASN CB  CG   sing N N 47  
ASN CB  HB2  sing N N 48  
ASN CB  HB3  sing N N 49  
ASN CG  OD1  doub N N 50  
ASN CG  ND2  sing N N 51  
ASN ND2 HD21 sing N N 52  
ASN ND2 HD22 sing N N 53  
ASN OXT HXT  sing N N 54  
ASP N   CA   sing N N 55  
ASP N   H    sing N N 56  
ASP N   H2   sing N N 57  
ASP CA  C    sing N N 58  
ASP CA  CB   sing N N 59  
ASP CA  HA   sing N N 60  
ASP C   O    doub N N 61  
ASP C   OXT  sing N N 62  
ASP CB  CG   sing N N 63  
ASP CB  HB2  sing N N 64  
ASP CB  HB3  sing N N 65  
ASP CG  OD1  doub N N 66  
ASP CG  OD2  sing N N 67  
ASP OD2 HD2  sing N N 68  
ASP OXT HXT  sing N N 69  
CYS N   CA   sing N N 70  
CYS N   H    sing N N 71  
CYS N   H2   sing N N 72  
CYS CA  C    sing N N 73  
CYS CA  CB   sing N N 74  
CYS CA  HA   sing N N 75  
CYS C   O    doub N N 76  
CYS C   OXT  sing N N 77  
CYS CB  SG   sing N N 78  
CYS CB  HB2  sing N N 79  
CYS CB  HB3  sing N N 80  
CYS SG  HG   sing N N 81  
CYS OXT HXT  sing N N 82  
GLN N   CA   sing N N 83  
GLN N   H    sing N N 84  
GLN N   H2   sing N N 85  
GLN CA  C    sing N N 86  
GLN CA  CB   sing N N 87  
GLN CA  HA   sing N N 88  
GLN C   O    doub N N 89  
GLN C   OXT  sing N N 90  
GLN CB  CG   sing N N 91  
GLN CB  HB2  sing N N 92  
GLN CB  HB3  sing N N 93  
GLN CG  CD   sing N N 94  
GLN CG  HG2  sing N N 95  
GLN CG  HG3  sing N N 96  
GLN CD  OE1  doub N N 97  
GLN CD  NE2  sing N N 98  
GLN NE2 HE21 sing N N 99  
GLN NE2 HE22 sing N N 100 
GLN OXT HXT  sing N N 101 
GLU N   CA   sing N N 102 
GLU N   H    sing N N 103 
GLU N   H2   sing N N 104 
GLU CA  C    sing N N 105 
GLU CA  CB   sing N N 106 
GLU CA  HA   sing N N 107 
GLU C   O    doub N N 108 
GLU C   OXT  sing N N 109 
GLU CB  CG   sing N N 110 
GLU CB  HB2  sing N N 111 
GLU CB  HB3  sing N N 112 
GLU CG  CD   sing N N 113 
GLU CG  HG2  sing N N 114 
GLU CG  HG3  sing N N 115 
GLU CD  OE1  doub N N 116 
GLU CD  OE2  sing N N 117 
GLU OE2 HE2  sing N N 118 
GLU OXT HXT  sing N N 119 
GLY N   CA   sing N N 120 
GLY N   H    sing N N 121 
GLY N   H2   sing N N 122 
GLY CA  C    sing N N 123 
GLY CA  HA2  sing N N 124 
GLY CA  HA3  sing N N 125 
GLY C   O    doub N N 126 
GLY C   OXT  sing N N 127 
GLY OXT HXT  sing N N 128 
HIS N   CA   sing N N 129 
HIS N   H    sing N N 130 
HIS N   H2   sing N N 131 
HIS CA  C    sing N N 132 
HIS CA  CB   sing N N 133 
HIS CA  HA   sing N N 134 
HIS C   O    doub N N 135 
HIS C   OXT  sing N N 136 
HIS CB  CG   sing N N 137 
HIS CB  HB2  sing N N 138 
HIS CB  HB3  sing N N 139 
HIS CG  ND1  sing Y N 140 
HIS CG  CD2  doub Y N 141 
HIS ND1 CE1  doub Y N 142 
HIS ND1 HD1  sing N N 143 
HIS CD2 NE2  sing Y N 144 
HIS CD2 HD2  sing N N 145 
HIS CE1 NE2  sing Y N 146 
HIS CE1 HE1  sing N N 147 
HIS NE2 HE2  sing N N 148 
HIS OXT HXT  sing N N 149 
HOH O   H1   sing N N 150 
HOH O   H2   sing N N 151 
ILE N   CA   sing N N 152 
ILE N   H    sing N N 153 
ILE N   H2   sing N N 154 
ILE CA  C    sing N N 155 
ILE CA  CB   sing N N 156 
ILE CA  HA   sing N N 157 
ILE C   O    doub N N 158 
ILE C   OXT  sing N N 159 
ILE CB  CG1  sing N N 160 
ILE CB  CG2  sing N N 161 
ILE CB  HB   sing N N 162 
ILE CG1 CD1  sing N N 163 
ILE CG1 HG12 sing N N 164 
ILE CG1 HG13 sing N N 165 
ILE CG2 HG21 sing N N 166 
ILE CG2 HG22 sing N N 167 
ILE CG2 HG23 sing N N 168 
ILE CD1 HD11 sing N N 169 
ILE CD1 HD12 sing N N 170 
ILE CD1 HD13 sing N N 171 
ILE OXT HXT  sing N N 172 
LEU N   CA   sing N N 173 
LEU N   H    sing N N 174 
LEU N   H2   sing N N 175 
LEU CA  C    sing N N 176 
LEU CA  CB   sing N N 177 
LEU CA  HA   sing N N 178 
LEU C   O    doub N N 179 
LEU C   OXT  sing N N 180 
LEU CB  CG   sing N N 181 
LEU CB  HB2  sing N N 182 
LEU CB  HB3  sing N N 183 
LEU CG  CD1  sing N N 184 
LEU CG  CD2  sing N N 185 
LEU CG  HG   sing N N 186 
LEU CD1 HD11 sing N N 187 
LEU CD1 HD12 sing N N 188 
LEU CD1 HD13 sing N N 189 
LEU CD2 HD21 sing N N 190 
LEU CD2 HD22 sing N N 191 
LEU CD2 HD23 sing N N 192 
LEU OXT HXT  sing N N 193 
LYS N   CA   sing N N 194 
LYS N   H    sing N N 195 
LYS N   H2   sing N N 196 
LYS CA  C    sing N N 197 
LYS CA  CB   sing N N 198 
LYS CA  HA   sing N N 199 
LYS C   O    doub N N 200 
LYS C   OXT  sing N N 201 
LYS CB  CG   sing N N 202 
LYS CB  HB2  sing N N 203 
LYS CB  HB3  sing N N 204 
LYS CG  CD   sing N N 205 
LYS CG  HG2  sing N N 206 
LYS CG  HG3  sing N N 207 
LYS CD  CE   sing N N 208 
LYS CD  HD2  sing N N 209 
LYS CD  HD3  sing N N 210 
LYS CE  NZ   sing N N 211 
LYS CE  HE2  sing N N 212 
LYS CE  HE3  sing N N 213 
LYS NZ  HZ1  sing N N 214 
LYS NZ  HZ2  sing N N 215 
LYS NZ  HZ3  sing N N 216 
LYS OXT HXT  sing N N 217 
MET N   CA   sing N N 218 
MET N   H    sing N N 219 
MET N   H2   sing N N 220 
MET CA  C    sing N N 221 
MET CA  CB   sing N N 222 
MET CA  HA   sing N N 223 
MET C   O    doub N N 224 
MET C   OXT  sing N N 225 
MET CB  CG   sing N N 226 
MET CB  HB2  sing N N 227 
MET CB  HB3  sing N N 228 
MET CG  SD   sing N N 229 
MET CG  HG2  sing N N 230 
MET CG  HG3  sing N N 231 
MET SD  CE   sing N N 232 
MET CE  HE1  sing N N 233 
MET CE  HE2  sing N N 234 
MET CE  HE3  sing N N 235 
MET OXT HXT  sing N N 236 
PHE N   CA   sing N N 237 
PHE N   H    sing N N 238 
PHE N   H2   sing N N 239 
PHE CA  C    sing N N 240 
PHE CA  CB   sing N N 241 
PHE CA  HA   sing N N 242 
PHE C   O    doub N N 243 
PHE C   OXT  sing N N 244 
PHE CB  CG   sing N N 245 
PHE CB  HB2  sing N N 246 
PHE CB  HB3  sing N N 247 
PHE CG  CD1  doub Y N 248 
PHE CG  CD2  sing Y N 249 
PHE CD1 CE1  sing Y N 250 
PHE CD1 HD1  sing N N 251 
PHE CD2 CE2  doub Y N 252 
PHE CD2 HD2  sing N N 253 
PHE CE1 CZ   doub Y N 254 
PHE CE1 HE1  sing N N 255 
PHE CE2 CZ   sing Y N 256 
PHE CE2 HE2  sing N N 257 
PHE CZ  HZ   sing N N 258 
PHE OXT HXT  sing N N 259 
PRO N   CA   sing N N 260 
PRO N   CD   sing N N 261 
PRO N   H    sing N N 262 
PRO CA  C    sing N N 263 
PRO CA  CB   sing N N 264 
PRO CA  HA   sing N N 265 
PRO C   O    doub N N 266 
PRO C   OXT  sing N N 267 
PRO CB  CG   sing N N 268 
PRO CB  HB2  sing N N 269 
PRO CB  HB3  sing N N 270 
PRO CG  CD   sing N N 271 
PRO CG  HG2  sing N N 272 
PRO CG  HG3  sing N N 273 
PRO CD  HD2  sing N N 274 
PRO CD  HD3  sing N N 275 
PRO OXT HXT  sing N N 276 
SER N   CA   sing N N 277 
SER N   H    sing N N 278 
SER N   H2   sing N N 279 
SER CA  C    sing N N 280 
SER CA  CB   sing N N 281 
SER CA  HA   sing N N 282 
SER C   O    doub N N 283 
SER C   OXT  sing N N 284 
SER CB  OG   sing N N 285 
SER CB  HB2  sing N N 286 
SER CB  HB3  sing N N 287 
SER OG  HG   sing N N 288 
SER OXT HXT  sing N N 289 
SO4 S   O1   doub N N 290 
SO4 S   O2   doub N N 291 
SO4 S   O3   sing N N 292 
SO4 S   O4   sing N N 293 
THR N   CA   sing N N 294 
THR N   H    sing N N 295 
THR N   H2   sing N N 296 
THR CA  C    sing N N 297 
THR CA  CB   sing N N 298 
THR CA  HA   sing N N 299 
THR C   O    doub N N 300 
THR C   OXT  sing N N 301 
THR CB  OG1  sing N N 302 
THR CB  CG2  sing N N 303 
THR CB  HB   sing N N 304 
THR OG1 HG1  sing N N 305 
THR CG2 HG21 sing N N 306 
THR CG2 HG22 sing N N 307 
THR CG2 HG23 sing N N 308 
THR OXT HXT  sing N N 309 
TYR N   CA   sing N N 310 
TYR N   H    sing N N 311 
TYR N   H2   sing N N 312 
TYR CA  C    sing N N 313 
TYR CA  CB   sing N N 314 
TYR CA  HA   sing N N 315 
TYR C   O    doub N N 316 
TYR C   OXT  sing N N 317 
TYR CB  CG   sing N N 318 
TYR CB  HB2  sing N N 319 
TYR CB  HB3  sing N N 320 
TYR CG  CD1  doub Y N 321 
TYR CG  CD2  sing Y N 322 
TYR CD1 CE1  sing Y N 323 
TYR CD1 HD1  sing N N 324 
TYR CD2 CE2  doub Y N 325 
TYR CD2 HD2  sing N N 326 
TYR CE1 CZ   doub Y N 327 
TYR CE1 HE1  sing N N 328 
TYR CE2 CZ   sing Y N 329 
TYR CE2 HE2  sing N N 330 
TYR CZ  OH   sing N N 331 
TYR OH  HH   sing N N 332 
TYR OXT HXT  sing N N 333 
VAL N   CA   sing N N 334 
VAL N   H    sing N N 335 
VAL N   H2   sing N N 336 
VAL CA  C    sing N N 337 
VAL CA  CB   sing N N 338 
VAL CA  HA   sing N N 339 
VAL C   O    doub N N 340 
VAL C   OXT  sing N N 341 
VAL CB  CG1  sing N N 342 
VAL CB  CG2  sing N N 343 
VAL CB  HB   sing N N 344 
VAL CG1 HG11 sing N N 345 
VAL CG1 HG12 sing N N 346 
VAL CG1 HG13 sing N N 347 
VAL CG2 HG21 sing N N 348 
VAL CG2 HG22 sing N N 349 
VAL CG2 HG23 sing N N 350 
VAL OXT HXT  sing N N 351 
# 
loop_
_pdbx_entity_nonpoly.entity_id 
_pdbx_entity_nonpoly.name 
_pdbx_entity_nonpoly.comp_id 
2 'SULFATE ION' SO4 
3 water         HOH 
# 
_pdbx_initial_refinement_model.id               1 
_pdbx_initial_refinement_model.entity_id_list   ? 
_pdbx_initial_refinement_model.type             'experimental model' 
_pdbx_initial_refinement_model.source_name      PDB 
_pdbx_initial_refinement_model.accession_code   1QB8 
_pdbx_initial_refinement_model.details          'pdb entry 1QB8' 
# 
